data_4PF7
#
_entry.id   4PF7
#
_cell.length_a   78.839
_cell.length_b   115.961
_cell.length_c   124.282
_cell.angle_alpha   90.00
_cell.angle_beta   97.83
_cell.angle_gamma   90.00
#
_symmetry.space_group_name_H-M   'P 1 21 1'
#
loop_
_entity.id
_entity.type
_entity.pdbx_description
1 polymer 'Insulin-degrading enzyme'
2 non-polymer (2S)-2-amino-N-{(1S)-1-cyclohexyl-2-[(4-methylphenyl)amino]-2-oxoethyl}-4-(methylselanyl)butanamide
3 non-polymer 'ZINC ION'
4 water water
#
_entity_poly.entity_id   1
_entity_poly.type   'polypeptide(L)'
_entity_poly.pdbx_seq_one_letter_code
;MGHHHHHHGRAMNNPAIKRIGNHITKSPEDKREYRGLELANGIKVLLISDPTTDKSSAALDVHIGSLSDPPNIAGLSHFL
QHMLFLGTKKYPKENEYSQFLSEHAGSSNAFTSGEHTNYYFDVSHEHLEGALDRFAQFFLSPLFDESAKDREVNAVDSEH
EKNVMNDAWRLFQLEKATGNPKHPFSKFGTGNKYTLETRPNQEGIDVRQELLKFHSAYYSSNLMAVVVLGRESLDDLTNL
VVKLFSEVENKNVPLPEFPEHPFQEEHLKQLYKIVPIKDIRNLYVTFPIPDLQKYYKSNPGHYLGHLIGHEGPGSLLSEL
KSKGWVNTLVGGQKEGARGFMFFIINVDLTEEGLLHVEDIILHMFQYIQKLRAEGPQEWVFQELKDLNAVAFRFKDKERP
RGYTSKIAGILHYYPLEEVLTAEYLLEEFRPDLIEMVLDKLRPENVRVAIVSKSFEGKTDRTEEWYGTQYKQEAIPDEVI
KKWQNADLNGKFKLPTKNEFIPTNFEILPLEKEATPYPALIKDTAMSKLWFKQDDKFFLPKANLNFEFFSPFAYVDPLHS
NMAYLYLELLKDSLNEYAYAAELAGLSYDLQNTIYGMYLSVKGYNDKQPILLKKIIEKMATFEIDEKRFEIIKEAYMRSL
NNFRAEQPHQHAMYYLRLLMTEVAWTKDELKEALDDVTLPRLKAFIPQLLSRLHIEALLHGNITKQAALGIMQMVEDTLI
EHAHTKPLLPSQLVRYREVQLPDRGWFVYQQRNEVHNNSGIEIYYQTDMQSTSENMFLELFAQIISEPAFNTLRTKEQLG
YIVFSGPRRANGIQGLRFIIQSEKPPHYLESRVEAFLITMEKSIEDMTEEAFQKHIQALAIRRLDKPKKLSAESAKYWGE
IISQQYNFDRDNTEVAYLKTLTKEDIIKFYKEMLAVDAPRRHKVSVHVLAREMDSNPVVGEFPAQNDINLSQAPALPQPE
VIQNMTEFKRGLPLFPLVKPHINFMAAKL
;
_entity_poly.pdbx_strand_id   A,B
#
# COMPACT_ATOMS: atom_id res chain seq x y z
N ASN A 14 23.70 -67.32 -16.07
CA ASN A 14 22.93 -68.55 -15.85
C ASN A 14 23.44 -69.27 -14.57
N PRO A 15 24.58 -70.05 -14.54
CA PRO A 15 25.05 -70.62 -13.25
C PRO A 15 25.81 -69.52 -12.44
N ALA A 16 25.78 -68.29 -13.01
CA ALA A 16 26.33 -67.04 -12.51
C ALA A 16 25.47 -66.47 -11.34
N ILE A 17 24.39 -67.19 -10.97
CA ILE A 17 23.50 -66.82 -9.87
C ILE A 17 23.68 -67.82 -8.72
N LYS A 18 24.15 -67.34 -7.57
CA LYS A 18 24.36 -68.15 -6.36
C LYS A 18 23.00 -68.64 -5.83
N ARG A 19 22.00 -67.75 -5.77
CA ARG A 19 20.65 -68.04 -5.29
C ARG A 19 19.67 -66.94 -5.71
N ILE A 20 18.38 -67.29 -5.79
CA ILE A 20 17.29 -66.38 -6.08
C ILE A 20 16.47 -66.36 -4.80
N GLY A 21 16.20 -65.16 -4.30
CA GLY A 21 15.42 -64.98 -3.08
C GLY A 21 13.96 -65.36 -3.29
N ASN A 22 13.25 -65.55 -2.16
CA ASN A 22 11.83 -65.83 -2.16
C ASN A 22 11.04 -64.53 -2.43
N HIS A 23 9.71 -64.48 -2.15
CA HIS A 23 8.89 -63.30 -2.43
C HIS A 23 9.43 -62.07 -1.67
N ILE A 24 9.60 -60.96 -2.40
CA ILE A 24 10.04 -59.68 -1.84
C ILE A 24 8.76 -59.01 -1.29
N THR A 25 8.59 -59.04 0.05
CA THR A 25 7.43 -58.45 0.72
C THR A 25 7.33 -56.96 0.33
N LYS A 26 6.18 -56.60 -0.21
CA LYS A 26 5.87 -55.24 -0.69
C LYS A 26 4.49 -54.86 -0.22
N SER A 27 4.12 -53.60 -0.45
CA SER A 27 2.79 -53.16 -0.08
C SER A 27 1.75 -53.71 -1.10
N PRO A 28 0.53 -54.10 -0.66
CA PRO A 28 -0.50 -54.56 -1.63
C PRO A 28 -0.90 -53.46 -2.61
N GLU A 29 -0.54 -52.18 -2.29
CA GLU A 29 -0.76 -50.99 -3.12
C GLU A 29 0.35 -50.81 -4.17
N ASP A 30 1.46 -51.55 -4.04
CA ASP A 30 2.60 -51.45 -4.94
C ASP A 30 2.45 -52.36 -6.16
N LYS A 31 2.36 -51.75 -7.36
CA LYS A 31 2.19 -52.47 -8.63
C LYS A 31 3.52 -52.83 -9.31
N ARG A 32 4.64 -52.25 -8.81
CA ARG A 32 5.98 -52.56 -9.31
C ARG A 32 6.30 -54.02 -8.94
N GLU A 33 7.07 -54.71 -9.79
CA GLU A 33 7.43 -56.10 -9.52
C GLU A 33 8.89 -56.22 -9.09
N TYR A 34 9.15 -57.07 -8.08
CA TYR A 34 10.49 -57.21 -7.49
C TYR A 34 11.10 -58.62 -7.57
N ARG A 35 12.43 -58.67 -7.72
CA ARG A 35 13.21 -59.90 -7.71
C ARG A 35 14.56 -59.68 -7.01
N GLY A 36 14.77 -60.47 -5.98
CA GLY A 36 15.99 -60.48 -5.20
C GLY A 36 16.83 -61.70 -5.54
N LEU A 37 18.14 -61.49 -5.69
CA LEU A 37 19.09 -62.56 -5.97
C LEU A 37 20.48 -62.23 -5.50
N GLU A 38 21.33 -63.28 -5.38
CA GLU A 38 22.73 -63.12 -5.03
C GLU A 38 23.54 -63.74 -6.18
N LEU A 39 24.45 -62.95 -6.78
CA LEU A 39 25.31 -63.42 -7.86
C LEU A 39 26.42 -64.37 -7.29
N ALA A 40 27.05 -65.18 -8.17
CA ALA A 40 28.09 -66.15 -7.80
C ALA A 40 29.34 -65.50 -7.16
N ASN A 41 29.61 -64.21 -7.52
CA ASN A 41 30.71 -63.42 -6.98
C ASN A 41 30.39 -62.75 -5.60
N GLY A 42 29.15 -62.89 -5.14
CA GLY A 42 28.70 -62.34 -3.86
C GLY A 42 27.90 -61.05 -3.91
N ILE A 43 27.64 -60.50 -5.11
CA ILE A 43 26.86 -59.28 -5.28
C ILE A 43 25.37 -59.54 -4.95
N LYS A 44 24.82 -58.77 -3.99
CA LYS A 44 23.40 -58.84 -3.62
C LYS A 44 22.65 -57.92 -4.58
N VAL A 45 21.58 -58.45 -5.22
CA VAL A 45 20.84 -57.71 -6.22
C VAL A 45 19.35 -57.61 -5.88
N LEU A 46 18.77 -56.45 -6.25
CA LEU A 46 17.34 -56.20 -6.27
C LEU A 46 17.00 -55.61 -7.60
N LEU A 47 16.08 -56.26 -8.29
CA LEU A 47 15.57 -55.87 -9.59
C LEU A 47 14.16 -55.35 -9.42
N ILE A 48 13.88 -54.20 -10.00
CA ILE A 48 12.56 -53.56 -9.94
C ILE A 48 12.02 -53.36 -11.37
N SER A 49 10.90 -54.04 -11.68
CA SER A 49 10.24 -53.90 -12.98
C SER A 49 9.02 -52.98 -12.83
N ASP A 50 9.08 -51.83 -13.51
CA ASP A 50 8.02 -50.85 -13.52
C ASP A 50 7.75 -50.39 -14.96
N PRO A 51 6.77 -51.06 -15.62
CA PRO A 51 6.42 -50.70 -17.00
C PRO A 51 5.96 -49.26 -17.26
N THR A 52 5.47 -48.56 -16.22
CA THR A 52 4.98 -47.18 -16.33
C THR A 52 6.05 -46.10 -16.14
N THR A 53 7.17 -46.44 -15.46
CA THR A 53 8.27 -45.51 -15.16
C THR A 53 8.72 -44.62 -16.33
N ASP A 54 8.91 -43.31 -16.06
CA ASP A 54 9.39 -42.36 -17.07
C ASP A 54 10.91 -42.41 -17.10
N LYS A 55 11.52 -42.75 -15.94
CA LYS A 55 12.97 -42.87 -15.78
C LYS A 55 13.40 -44.16 -15.15
N SER A 56 14.46 -44.73 -15.74
CA SER A 56 15.11 -45.94 -15.26
C SER A 56 16.31 -45.56 -14.39
N SER A 57 16.65 -46.43 -13.44
CA SER A 57 17.73 -46.14 -12.53
C SER A 57 18.49 -47.39 -12.08
N ALA A 58 19.70 -47.15 -11.58
CA ALA A 58 20.56 -48.16 -11.00
C ALA A 58 21.53 -47.50 -10.04
N ALA A 59 21.86 -48.27 -9.00
CA ALA A 59 22.77 -47.87 -7.94
C ALA A 59 23.60 -49.06 -7.50
N LEU A 60 24.85 -48.77 -7.09
CA LEU A 60 25.79 -49.72 -6.53
C LEU A 60 26.33 -49.13 -5.24
N ASP A 61 26.22 -49.89 -4.15
CA ASP A 61 26.71 -49.51 -2.85
C ASP A 61 27.80 -50.49 -2.39
N VAL A 62 29.02 -49.96 -2.18
CA VAL A 62 30.20 -50.69 -1.71
C VAL A 62 30.18 -50.52 -0.20
N HIS A 63 30.24 -51.62 0.56
CA HIS A 63 30.24 -51.56 2.01
C HIS A 63 31.65 -51.20 2.60
N ILE A 64 32.28 -50.13 2.03
CA ILE A 64 33.58 -49.55 2.43
C ILE A 64 33.44 -48.03 2.32
N GLY A 65 33.83 -47.34 3.38
CA GLY A 65 33.83 -45.88 3.45
C GLY A 65 34.97 -45.31 4.27
N SER A 66 34.86 -44.04 4.64
CA SER A 66 35.84 -43.25 5.41
C SER A 66 36.47 -43.89 6.63
N LEU A 67 35.77 -44.79 7.33
CA LEU A 67 36.31 -45.46 8.49
C LEU A 67 37.48 -46.38 8.12
N SER A 68 37.54 -46.81 6.84
CA SER A 68 38.59 -47.68 6.30
C SER A 68 39.74 -46.86 5.66
N ASP A 69 39.68 -45.52 5.73
CA ASP A 69 40.73 -44.67 5.17
C ASP A 69 42.12 -44.98 5.78
N PRO A 70 43.24 -44.84 5.03
CA PRO A 70 44.57 -45.03 5.66
C PRO A 70 44.88 -43.86 6.60
N PRO A 71 45.59 -44.06 7.73
CA PRO A 71 45.83 -42.94 8.67
C PRO A 71 46.57 -41.75 8.05
N ASN A 72 47.45 -42.03 7.09
CA ASN A 72 48.27 -41.07 6.37
C ASN A 72 47.55 -40.23 5.28
N ILE A 73 46.35 -40.69 4.81
CA ILE A 73 45.56 -40.01 3.77
C ILE A 73 44.09 -39.90 4.18
N ALA A 74 43.73 -38.83 4.93
CA ALA A 74 42.36 -38.60 5.38
C ALA A 74 41.52 -38.15 4.18
N GLY A 75 40.42 -38.85 3.95
CA GLY A 75 39.52 -38.55 2.84
C GLY A 75 39.75 -39.37 1.58
N LEU A 76 40.55 -40.46 1.68
CA LEU A 76 40.86 -41.30 0.51
C LEU A 76 39.62 -41.98 -0.11
N SER A 77 38.73 -42.61 0.70
CA SER A 77 37.48 -43.28 0.22
C SER A 77 36.65 -42.30 -0.61
N HIS A 78 36.52 -41.05 -0.09
CA HIS A 78 35.81 -39.95 -0.72
C HIS A 78 36.50 -39.54 -2.01
N PHE A 79 37.84 -39.50 -2.01
CA PHE A 79 38.62 -39.15 -3.19
C PHE A 79 38.43 -40.21 -4.26
N LEU A 80 38.41 -41.50 -3.88
CA LEU A 80 38.21 -42.62 -4.79
C LEU A 80 36.85 -42.54 -5.47
N GLN A 81 35.80 -42.14 -4.70
CA GLN A 81 34.43 -41.96 -5.18
C GLN A 81 34.41 -40.98 -6.36
N HIS A 82 35.21 -39.88 -6.28
CA HIS A 82 35.34 -38.85 -7.31
C HIS A 82 36.20 -39.33 -8.48
N MET A 83 37.23 -40.14 -8.20
CA MET A 83 38.16 -40.66 -9.20
C MET A 83 37.69 -41.89 -9.98
N LEU A 84 36.85 -42.76 -9.36
CA LEU A 84 36.37 -44.02 -9.96
C LEU A 84 35.63 -43.86 -11.30
N PHE A 85 34.80 -42.80 -11.42
CA PHE A 85 33.99 -42.58 -12.60
C PHE A 85 34.63 -41.70 -13.72
N LEU A 86 35.97 -41.85 -13.91
CA LEU A 86 36.78 -41.12 -14.91
C LEU A 86 37.37 -42.06 -15.98
N GLY A 87 36.51 -42.59 -16.85
CA GLY A 87 36.90 -43.45 -17.96
C GLY A 87 37.26 -44.89 -17.63
N THR A 88 36.95 -45.79 -18.58
CA THR A 88 37.22 -47.23 -18.49
C THR A 88 37.89 -47.79 -19.75
N LYS A 89 38.24 -49.10 -19.76
CA LYS A 89 38.86 -49.73 -20.92
C LYS A 89 37.91 -49.74 -22.14
N LYS A 90 36.63 -50.00 -21.91
CA LYS A 90 35.57 -50.03 -22.93
C LYS A 90 35.20 -48.62 -23.38
N TYR A 91 35.10 -47.67 -22.43
CA TYR A 91 34.76 -46.27 -22.68
C TYR A 91 35.88 -45.36 -22.12
N PRO A 92 36.99 -45.21 -22.88
CA PRO A 92 38.14 -44.41 -22.39
C PRO A 92 37.89 -42.96 -22.02
N LYS A 93 36.96 -42.28 -22.70
CA LYS A 93 36.67 -40.87 -22.43
C LYS A 93 35.99 -40.64 -21.07
N GLU A 94 36.58 -39.74 -20.22
CA GLU A 94 36.06 -39.43 -18.87
C GLU A 94 34.64 -38.86 -18.89
N ASN A 95 34.33 -38.01 -19.91
CA ASN A 95 33.06 -37.35 -20.16
C ASN A 95 31.96 -38.30 -20.66
N GLU A 96 32.34 -39.49 -21.15
CA GLU A 96 31.45 -40.51 -21.72
C GLU A 96 30.17 -40.79 -20.92
N TYR A 97 30.31 -41.16 -19.65
CA TYR A 97 29.21 -41.49 -18.74
C TYR A 97 28.28 -40.29 -18.49
N SER A 98 28.86 -39.13 -18.10
CA SER A 98 28.12 -37.90 -17.84
C SER A 98 27.46 -37.34 -19.12
N GLN A 99 28.12 -37.50 -20.29
CA GLN A 99 27.65 -37.04 -21.59
C GLN A 99 26.48 -37.91 -22.08
N PHE A 100 26.58 -39.25 -21.94
CA PHE A 100 25.52 -40.19 -22.32
C PHE A 100 24.25 -39.89 -21.53
N LEU A 101 24.38 -39.67 -20.19
CA LEU A 101 23.25 -39.36 -19.32
C LEU A 101 22.61 -38.03 -19.71
N SER A 102 23.43 -36.98 -19.93
CA SER A 102 22.99 -35.65 -20.37
C SER A 102 22.19 -35.67 -21.68
N GLU A 103 22.59 -36.55 -22.63
CA GLU A 103 21.95 -36.68 -23.94
C GLU A 103 20.65 -37.48 -23.92
N HIS A 104 20.45 -38.28 -22.85
CA HIS A 104 19.26 -39.12 -22.70
C HIS A 104 18.43 -38.82 -21.44
N ALA A 105 18.27 -37.51 -21.12
CA ALA A 105 17.51 -36.98 -19.97
C ALA A 105 17.84 -37.67 -18.62
N GLY A 106 19.13 -37.91 -18.43
CA GLY A 106 19.63 -38.57 -17.23
C GLY A 106 20.44 -37.70 -16.29
N SER A 107 20.78 -38.28 -15.14
CA SER A 107 21.58 -37.65 -14.10
C SER A 107 22.29 -38.72 -13.28
N SER A 108 23.33 -38.32 -12.56
CA SER A 108 24.11 -39.19 -11.70
C SER A 108 24.64 -38.40 -10.52
N ASN A 109 25.01 -39.14 -9.47
CA ASN A 109 25.60 -38.63 -8.25
C ASN A 109 26.11 -39.79 -7.42
N ALA A 110 26.88 -39.47 -6.36
CA ALA A 110 27.45 -40.45 -5.45
C ALA A 110 27.71 -39.84 -4.07
N PHE A 111 27.81 -40.69 -3.07
CA PHE A 111 28.15 -40.27 -1.73
C PHE A 111 29.02 -41.30 -1.05
N THR A 112 29.91 -40.82 -0.18
CA THR A 112 30.78 -41.64 0.64
C THR A 112 30.36 -41.34 2.09
N SER A 113 30.10 -42.40 2.85
CA SER A 113 29.81 -42.29 4.28
C SER A 113 30.97 -43.02 5.00
N GLY A 114 30.81 -43.33 6.29
CA GLY A 114 31.81 -44.01 7.08
C GLY A 114 32.00 -45.47 6.68
N GLU A 115 30.91 -46.15 6.30
CA GLU A 115 30.99 -47.57 5.93
C GLU A 115 30.47 -47.87 4.52
N HIS A 116 30.17 -46.85 3.69
CA HIS A 116 29.62 -47.09 2.36
C HIS A 116 30.04 -46.06 1.36
N THR A 117 30.10 -46.48 0.09
CA THR A 117 30.30 -45.62 -1.08
C THR A 117 29.21 -46.04 -2.08
N ASN A 118 28.23 -45.14 -2.26
CA ASN A 118 27.03 -45.34 -3.05
C ASN A 118 27.05 -44.50 -4.33
N TYR A 119 27.01 -45.19 -5.48
CA TYR A 119 27.02 -44.64 -6.85
C TYR A 119 25.65 -44.89 -7.46
N TYR A 120 25.09 -43.88 -8.17
CA TYR A 120 23.74 -43.98 -8.75
C TYR A 120 23.47 -43.05 -9.94
N PHE A 121 22.55 -43.48 -10.83
CA PHE A 121 22.13 -42.70 -11.98
C PHE A 121 20.65 -42.90 -12.26
N ASP A 122 20.09 -41.98 -13.05
CA ASP A 122 18.77 -42.12 -13.66
C ASP A 122 18.92 -41.79 -15.13
N VAL A 123 18.09 -42.39 -15.98
CA VAL A 123 18.14 -42.19 -17.42
C VAL A 123 16.72 -42.40 -17.98
N SER A 124 16.44 -41.92 -19.20
CA SER A 124 15.17 -42.14 -19.90
C SER A 124 14.98 -43.66 -19.99
N HIS A 125 13.74 -44.16 -19.80
CA HIS A 125 13.42 -45.59 -19.77
C HIS A 125 13.88 -46.43 -20.97
N GLU A 126 14.06 -45.78 -22.14
CA GLU A 126 14.51 -46.42 -23.39
C GLU A 126 16.03 -46.67 -23.45
N HIS A 127 16.81 -46.03 -22.53
CA HIS A 127 18.29 -46.09 -22.54
C HIS A 127 18.95 -46.69 -21.30
N LEU A 128 18.25 -47.61 -20.59
CA LEU A 128 18.78 -48.28 -19.40
C LEU A 128 20.02 -49.13 -19.69
N GLU A 129 19.98 -49.96 -20.76
CA GLU A 129 21.10 -50.84 -21.13
C GLU A 129 22.41 -50.09 -21.42
N GLY A 130 22.32 -49.00 -22.17
CA GLY A 130 23.46 -48.15 -22.53
C GLY A 130 24.06 -47.41 -21.36
N ALA A 131 23.20 -46.94 -20.44
CA ALA A 131 23.61 -46.23 -19.22
C ALA A 131 24.24 -47.23 -18.25
N LEU A 132 23.57 -48.38 -18.02
CA LEU A 132 24.04 -49.43 -17.12
C LEU A 132 25.37 -50.05 -17.57
N ASP A 133 25.57 -50.21 -18.91
CA ASP A 133 26.81 -50.78 -19.46
C ASP A 133 27.99 -49.88 -19.15
N ARG A 134 27.83 -48.56 -19.34
CA ARG A 134 28.85 -47.54 -19.02
C ARG A 134 29.15 -47.52 -17.50
N PHE A 135 28.10 -47.65 -16.67
CA PHE A 135 28.16 -47.69 -15.20
C PHE A 135 28.96 -48.92 -14.71
N ALA A 136 28.58 -50.15 -15.18
CA ALA A 136 29.22 -51.43 -14.84
C ALA A 136 30.73 -51.47 -15.14
N GLN A 137 31.18 -50.78 -16.21
CA GLN A 137 32.60 -50.76 -16.60
C GLN A 137 33.52 -50.22 -15.49
N PHE A 138 33.03 -49.27 -14.68
CA PHE A 138 33.80 -48.69 -13.56
C PHE A 138 34.08 -49.71 -12.43
N PHE A 139 33.38 -50.83 -12.44
CA PHE A 139 33.54 -51.91 -11.47
C PHE A 139 34.23 -53.13 -12.12
N LEU A 140 34.60 -52.99 -13.40
CA LEU A 140 35.30 -54.01 -14.18
C LEU A 140 36.72 -53.55 -14.55
N SER A 141 36.85 -52.41 -15.25
CA SER A 141 38.16 -51.88 -15.67
C SER A 141 38.28 -50.34 -15.58
N PRO A 142 38.20 -49.71 -14.37
CA PRO A 142 38.37 -48.25 -14.30
C PRO A 142 39.79 -47.82 -14.67
N LEU A 143 39.92 -46.67 -15.34
CA LEU A 143 41.20 -46.13 -15.80
C LEU A 143 41.79 -45.12 -14.81
N PHE A 144 40.93 -44.53 -13.95
CA PHE A 144 41.29 -43.51 -12.94
C PHE A 144 41.99 -42.27 -13.49
N ASP A 145 41.80 -41.96 -14.79
CA ASP A 145 42.39 -40.85 -15.58
C ASP A 145 43.12 -39.75 -14.77
N GLU A 146 44.47 -39.75 -14.85
CA GLU A 146 45.40 -38.83 -14.18
C GLU A 146 45.17 -37.34 -14.51
N SER A 147 44.57 -37.07 -15.67
CA SER A 147 44.27 -35.74 -16.19
C SER A 147 43.39 -34.88 -15.24
N ALA A 148 42.44 -35.53 -14.54
CA ALA A 148 41.45 -34.89 -13.67
C ALA A 148 41.81 -34.80 -12.18
N LYS A 149 42.91 -35.48 -11.75
CA LYS A 149 43.42 -35.54 -10.36
C LYS A 149 43.25 -34.25 -9.55
N ASP A 150 43.90 -33.15 -10.01
CA ASP A 150 43.92 -31.83 -9.39
C ASP A 150 42.54 -31.22 -9.21
N ARG A 151 41.68 -31.32 -10.24
CA ARG A 151 40.32 -30.81 -10.22
C ARG A 151 39.46 -31.51 -9.15
N GLU A 152 39.61 -32.87 -8.99
CA GLU A 152 38.88 -33.71 -8.02
C GLU A 152 39.30 -33.37 -6.59
N VAL A 153 40.62 -33.16 -6.38
CA VAL A 153 41.22 -32.69 -5.12
C VAL A 153 40.54 -31.35 -4.80
N ASN A 154 40.41 -30.47 -5.80
CA ASN A 154 39.74 -29.19 -5.64
C ASN A 154 38.23 -29.36 -5.37
N ALA A 155 37.58 -30.43 -5.90
CA ALA A 155 36.16 -30.73 -5.69
C ALA A 155 35.92 -31.28 -4.28
N VAL A 156 36.88 -32.07 -3.74
CA VAL A 156 36.82 -32.58 -2.37
C VAL A 156 37.10 -31.41 -1.42
N ASP A 157 38.09 -30.55 -1.75
CA ASP A 157 38.45 -29.37 -0.96
C ASP A 157 37.30 -28.34 -0.90
N SER A 158 36.50 -28.25 -1.98
CA SER A 158 35.36 -27.33 -2.12
C SER A 158 34.25 -27.73 -1.15
N GLU A 159 33.95 -29.05 -1.10
CA GLU A 159 32.96 -29.66 -0.24
C GLU A 159 33.32 -29.48 1.24
N HIS A 160 34.63 -29.52 1.58
CA HIS A 160 35.06 -29.31 2.96
C HIS A 160 34.99 -27.85 3.33
N GLU A 161 35.50 -26.95 2.48
CA GLU A 161 35.51 -25.50 2.74
C GLU A 161 34.11 -24.91 2.92
N LYS A 162 33.13 -25.56 2.27
CA LYS A 162 31.71 -25.28 2.33
C LYS A 162 31.21 -25.52 3.79
N ASN A 163 31.45 -26.75 4.33
CA ASN A 163 31.07 -27.20 5.67
C ASN A 163 31.83 -26.55 6.85
N VAL A 164 33.00 -25.92 6.61
CA VAL A 164 33.83 -25.30 7.66
C VAL A 164 33.10 -24.30 8.58
N MET A 165 32.32 -23.41 7.98
CA MET A 165 31.54 -22.40 8.68
C MET A 165 30.12 -22.87 9.13
N ASN A 166 29.79 -24.17 8.87
CA ASN A 166 28.50 -24.76 9.25
C ASN A 166 28.61 -25.36 10.66
N ASP A 167 27.80 -24.82 11.59
CA ASP A 167 27.74 -25.22 13.01
C ASP A 167 27.46 -26.71 13.23
N ALA A 168 26.69 -27.37 12.32
CA ALA A 168 26.35 -28.80 12.45
C ALA A 168 27.51 -29.74 12.13
N TRP A 169 28.27 -29.44 11.06
CA TRP A 169 29.45 -30.20 10.64
C TRP A 169 30.58 -30.05 11.66
N ARG A 170 30.70 -28.84 12.24
CA ARG A 170 31.71 -28.53 13.26
C ARG A 170 31.46 -29.41 14.48
N LEU A 171 30.20 -29.52 14.91
CA LEU A 171 29.79 -30.33 16.05
C LEU A 171 30.00 -31.82 15.77
N PHE A 172 29.76 -32.24 14.51
CA PHE A 172 29.95 -33.60 14.03
C PHE A 172 31.42 -34.05 14.17
N GLN A 173 32.37 -33.19 13.74
CA GLN A 173 33.80 -33.50 13.84
C GLN A 173 34.30 -33.43 15.28
N LEU A 174 33.82 -32.44 16.05
CA LEU A 174 34.20 -32.25 17.46
C LEU A 174 33.94 -33.48 18.33
N GLU A 175 32.79 -34.14 18.16
CA GLU A 175 32.44 -35.37 18.89
C GLU A 175 33.48 -36.49 18.60
N LYS A 176 33.96 -36.58 17.33
CA LYS A 176 34.96 -37.54 16.85
C LYS A 176 36.34 -37.30 17.50
N ALA A 177 36.69 -36.02 17.71
CA ALA A 177 37.95 -35.58 18.30
C ALA A 177 38.12 -35.78 19.82
N THR A 178 37.03 -36.05 20.57
CA THR A 178 37.07 -36.17 22.04
C THR A 178 37.05 -37.60 22.60
N GLY A 179 36.87 -38.59 21.74
CA GLY A 179 36.91 -39.98 22.15
C GLY A 179 38.29 -40.57 22.00
N ASN A 180 38.38 -41.91 21.95
CA ASN A 180 39.63 -42.69 21.78
C ASN A 180 40.35 -42.28 20.50
N PRO A 181 41.55 -41.66 20.61
CA PRO A 181 42.26 -41.19 19.40
C PRO A 181 42.73 -42.28 18.43
N LYS A 182 42.81 -43.54 18.89
CA LYS A 182 43.23 -44.65 18.04
C LYS A 182 42.04 -45.25 17.25
N HIS A 183 40.80 -44.96 17.71
CA HIS A 183 39.58 -45.48 17.11
C HIS A 183 39.31 -44.89 15.71
N PRO A 184 38.94 -45.72 14.70
CA PRO A 184 38.64 -45.17 13.35
C PRO A 184 37.55 -44.07 13.31
N PHE A 185 36.71 -43.96 14.36
CA PHE A 185 35.66 -42.92 14.54
C PHE A 185 36.25 -41.50 14.72
N SER A 186 37.53 -41.40 15.12
CA SER A 186 38.20 -40.11 15.27
C SER A 186 38.63 -39.52 13.91
N LYS A 187 38.57 -40.34 12.85
CA LYS A 187 38.98 -39.93 11.51
C LYS A 187 38.21 -38.76 10.92
N PHE A 188 38.88 -38.01 10.06
CA PHE A 188 38.29 -36.93 9.28
C PHE A 188 38.06 -37.60 7.92
N GLY A 189 36.78 -37.85 7.62
CA GLY A 189 36.33 -38.57 6.43
C GLY A 189 36.27 -37.84 5.10
N THR A 190 35.99 -36.53 5.13
CA THR A 190 35.86 -35.72 3.93
C THR A 190 37.18 -35.62 3.14
N GLY A 191 38.22 -35.08 3.81
CA GLY A 191 39.49 -34.75 3.19
C GLY A 191 39.42 -33.32 2.69
N ASN A 192 40.55 -32.80 2.19
CA ASN A 192 40.65 -31.44 1.63
C ASN A 192 41.96 -31.33 0.79
N LYS A 193 42.39 -30.10 0.42
CA LYS A 193 43.64 -29.88 -0.33
C LYS A 193 44.84 -30.36 0.49
N TYR A 194 44.94 -29.97 1.78
CA TYR A 194 46.01 -30.37 2.69
C TYR A 194 46.18 -31.88 2.81
N THR A 195 45.10 -32.63 3.07
CA THR A 195 45.18 -34.09 3.23
C THR A 195 45.36 -34.86 1.92
N LEU A 196 44.89 -34.32 0.80
CA LEU A 196 45.03 -35.08 -0.45
C LEU A 196 46.18 -34.63 -1.34
N GLU A 197 46.72 -33.43 -1.09
CA GLU A 197 47.82 -32.88 -1.87
C GLU A 197 49.02 -32.37 -1.02
N THR A 198 48.84 -31.29 -0.21
CA THR A 198 49.92 -30.69 0.59
C THR A 198 50.74 -31.67 1.44
N ARG A 199 50.08 -32.38 2.38
CA ARG A 199 50.73 -33.36 3.25
C ARG A 199 51.32 -34.58 2.51
N PRO A 200 50.60 -35.33 1.63
CA PRO A 200 51.26 -36.45 0.90
C PRO A 200 52.48 -36.03 0.05
N ASN A 201 52.48 -34.81 -0.52
CA ASN A 201 53.64 -34.33 -1.29
C ASN A 201 54.85 -34.10 -0.36
N GLN A 202 54.59 -33.53 0.84
CA GLN A 202 55.58 -33.27 1.89
C GLN A 202 56.13 -34.61 2.42
N GLU A 203 55.24 -35.58 2.63
CA GLU A 203 55.53 -36.90 3.19
C GLU A 203 56.01 -37.96 2.15
N GLY A 204 56.03 -37.57 0.87
CA GLY A 204 56.47 -38.43 -0.22
C GLY A 204 55.53 -39.55 -0.59
N ILE A 205 54.22 -39.31 -0.41
CA ILE A 205 53.18 -40.26 -0.75
C ILE A 205 52.70 -39.95 -2.16
N ASP A 206 52.67 -40.98 -3.00
CA ASP A 206 52.11 -40.88 -4.34
C ASP A 206 50.65 -41.27 -4.09
N VAL A 207 49.75 -40.26 -4.15
CA VAL A 207 48.31 -40.43 -3.88
C VAL A 207 47.70 -41.49 -4.82
N ARG A 208 48.09 -41.44 -6.13
CA ARG A 208 47.65 -42.38 -7.17
C ARG A 208 47.91 -43.85 -6.80
N GLN A 209 49.10 -44.19 -6.30
CA GLN A 209 49.39 -45.58 -5.95
C GLN A 209 48.64 -46.07 -4.70
N GLU A 210 48.40 -45.17 -3.73
CA GLU A 210 47.66 -45.49 -2.50
C GLU A 210 46.15 -45.66 -2.80
N LEU A 211 45.61 -44.81 -3.71
CA LEU A 211 44.23 -44.83 -4.19
C LEU A 211 43.95 -46.20 -4.86
N LEU A 212 44.81 -46.54 -5.84
CA LEU A 212 44.81 -47.79 -6.62
C LEU A 212 44.95 -49.00 -5.70
N LYS A 213 45.74 -48.85 -4.62
CA LYS A 213 45.99 -49.87 -3.58
C LYS A 213 44.73 -50.08 -2.74
N PHE A 214 44.07 -48.98 -2.34
CA PHE A 214 42.84 -49.01 -1.55
C PHE A 214 41.72 -49.66 -2.36
N HIS A 215 41.61 -49.28 -3.65
CA HIS A 215 40.64 -49.83 -4.58
C HIS A 215 40.81 -51.34 -4.73
N SER A 216 42.05 -51.81 -5.00
CA SER A 216 42.38 -53.23 -5.12
C SER A 216 42.11 -54.01 -3.84
N ALA A 217 42.45 -53.44 -2.66
CA ALA A 217 42.23 -54.10 -1.37
C ALA A 217 40.77 -54.12 -0.92
N TYR A 218 39.98 -53.07 -1.25
CA TYR A 218 38.61 -52.95 -0.76
C TYR A 218 37.46 -53.16 -1.73
N TYR A 219 37.61 -52.76 -2.99
CA TYR A 219 36.54 -52.90 -3.97
C TYR A 219 36.36 -54.33 -4.45
N SER A 220 35.69 -55.12 -3.62
CA SER A 220 35.41 -56.53 -3.88
C SER A 220 33.90 -56.73 -4.03
N SER A 221 33.52 -57.56 -5.00
CA SER A 221 32.14 -57.92 -5.32
C SER A 221 31.37 -58.44 -4.09
N ASN A 222 32.06 -59.15 -3.17
CA ASN A 222 31.43 -59.69 -1.95
C ASN A 222 30.91 -58.60 -0.97
N LEU A 223 31.32 -57.32 -1.17
CA LEU A 223 30.92 -56.17 -0.36
C LEU A 223 30.05 -55.18 -1.18
N MET A 224 29.58 -55.63 -2.35
CA MET A 224 28.80 -54.79 -3.26
C MET A 224 27.36 -55.24 -3.35
N ALA A 225 26.46 -54.26 -3.55
CA ALA A 225 25.03 -54.48 -3.69
C ALA A 225 24.53 -53.62 -4.83
N VAL A 226 23.80 -54.24 -5.76
CA VAL A 226 23.30 -53.55 -6.95
C VAL A 226 21.77 -53.55 -6.98
N VAL A 227 21.17 -52.39 -7.31
CA VAL A 227 19.72 -52.22 -7.51
C VAL A 227 19.53 -51.65 -8.91
N VAL A 228 18.62 -52.26 -9.71
CA VAL A 228 18.29 -51.84 -11.08
C VAL A 228 16.76 -51.74 -11.24
N LEU A 229 16.27 -50.55 -11.65
CA LEU A 229 14.85 -50.25 -11.88
C LEU A 229 14.64 -49.86 -13.36
N GLY A 230 13.73 -50.56 -14.04
CA GLY A 230 13.43 -50.30 -15.44
C GLY A 230 12.07 -50.77 -15.91
N ARG A 231 11.71 -50.36 -17.14
CA ARG A 231 10.47 -50.73 -17.83
C ARG A 231 10.44 -52.25 -18.13
N GLU A 232 11.62 -52.82 -18.42
CA GLU A 232 11.89 -54.23 -18.75
C GLU A 232 11.38 -55.17 -17.66
N SER A 233 11.02 -56.41 -18.06
CA SER A 233 10.51 -57.45 -17.18
C SER A 233 11.60 -57.91 -16.20
N LEU A 234 11.21 -58.66 -15.15
CA LEU A 234 12.15 -59.20 -14.17
C LEU A 234 13.20 -60.09 -14.85
N ASP A 235 12.77 -60.94 -15.81
CA ASP A 235 13.64 -61.85 -16.57
C ASP A 235 14.67 -61.09 -17.44
N ASP A 236 14.23 -60.03 -18.16
CA ASP A 236 15.13 -59.23 -19.00
C ASP A 236 16.16 -58.50 -18.14
N LEU A 237 15.72 -57.98 -16.96
CA LEU A 237 16.56 -57.29 -15.99
C LEU A 237 17.59 -58.25 -15.39
N THR A 238 17.15 -59.50 -15.08
CA THR A 238 18.01 -60.56 -14.52
C THR A 238 19.21 -60.77 -15.45
N ASN A 239 18.94 -61.09 -16.74
CA ASN A 239 19.92 -61.34 -17.78
C ASN A 239 20.93 -60.22 -17.90
N LEU A 240 20.44 -58.97 -17.96
CA LEU A 240 21.24 -57.76 -18.10
C LEU A 240 22.22 -57.54 -16.93
N VAL A 241 21.75 -57.76 -15.69
CA VAL A 241 22.55 -57.62 -14.48
C VAL A 241 23.59 -58.74 -14.38
N VAL A 242 23.20 -59.98 -14.70
CA VAL A 242 24.11 -61.12 -14.74
C VAL A 242 25.21 -60.82 -15.80
N LYS A 243 24.80 -60.39 -17.00
CA LYS A 243 25.72 -60.05 -18.09
C LYS A 243 26.78 -59.02 -17.65
N LEU A 244 26.34 -57.90 -17.05
CA LEU A 244 27.19 -56.79 -16.65
C LEU A 244 27.89 -56.86 -15.29
N PHE A 245 27.39 -57.64 -14.33
CA PHE A 245 27.98 -57.66 -12.98
C PHE A 245 28.62 -58.96 -12.48
N SER A 246 28.45 -60.10 -13.18
CA SER A 246 29.06 -61.38 -12.80
C SER A 246 30.60 -61.40 -12.93
N GLU A 247 31.17 -60.54 -13.78
CA GLU A 247 32.62 -60.45 -14.00
C GLU A 247 33.34 -59.63 -12.92
N VAL A 248 32.61 -58.96 -12.01
CA VAL A 248 33.23 -58.17 -10.93
C VAL A 248 34.02 -59.12 -10.02
N GLU A 249 35.32 -58.85 -9.87
CA GLU A 249 36.28 -59.64 -9.12
C GLU A 249 35.94 -59.77 -7.62
N ASN A 250 35.92 -61.02 -7.11
CA ASN A 250 35.68 -61.34 -5.70
C ASN A 250 37.03 -61.54 -5.03
N LYS A 251 37.28 -60.74 -4.00
CA LYS A 251 38.56 -60.82 -3.29
C LYS A 251 38.37 -61.30 -1.86
N ASN A 252 37.12 -61.69 -1.52
CA ASN A 252 36.70 -62.21 -0.21
C ASN A 252 37.16 -61.34 0.98
N VAL A 253 37.05 -60.00 0.79
CA VAL A 253 37.40 -58.97 1.76
C VAL A 253 36.44 -59.11 2.95
N PRO A 254 36.98 -59.32 4.18
CA PRO A 254 36.07 -59.42 5.35
C PRO A 254 35.46 -58.05 5.63
N LEU A 255 34.18 -58.04 6.01
CA LEU A 255 33.45 -56.81 6.29
C LEU A 255 34.01 -56.15 7.56
N PRO A 256 34.52 -54.88 7.47
CA PRO A 256 35.05 -54.22 8.68
C PRO A 256 34.00 -54.03 9.77
N GLU A 257 34.39 -54.33 11.00
CA GLU A 257 33.56 -54.21 12.20
C GLU A 257 34.29 -53.30 13.20
N PHE A 258 33.54 -52.62 14.07
CA PHE A 258 34.11 -51.69 15.04
C PHE A 258 33.45 -51.99 16.40
N PRO A 259 33.77 -53.15 17.02
CA PRO A 259 33.05 -53.58 18.23
C PRO A 259 33.41 -52.83 19.51
N GLU A 260 34.53 -52.11 19.51
CA GLU A 260 34.95 -51.32 20.65
C GLU A 260 34.25 -49.97 20.52
N HIS A 261 33.62 -49.50 21.61
CA HIS A 261 32.96 -48.20 21.55
C HIS A 261 34.06 -47.09 21.55
N PRO A 262 33.94 -46.06 20.68
CA PRO A 262 34.97 -44.99 20.68
C PRO A 262 35.03 -44.19 21.98
N PHE A 263 34.05 -44.37 22.89
CA PHE A 263 34.04 -43.71 24.20
C PHE A 263 34.15 -44.75 25.31
N GLN A 264 35.35 -44.82 25.90
CA GLN A 264 35.70 -45.74 26.97
C GLN A 264 35.50 -45.05 28.33
N GLU A 265 35.77 -45.74 29.46
CA GLU A 265 35.57 -45.20 30.82
C GLU A 265 36.09 -43.75 31.04
N GLU A 266 37.28 -43.44 30.51
CA GLU A 266 37.93 -42.14 30.61
C GLU A 266 37.22 -41.04 29.78
N HIS A 267 36.40 -41.44 28.78
CA HIS A 267 35.63 -40.54 27.93
C HIS A 267 34.22 -40.28 28.50
N LEU A 268 33.84 -41.01 29.57
CA LEU A 268 32.52 -40.88 30.19
C LEU A 268 32.57 -39.89 31.35
N LYS A 269 31.38 -39.37 31.74
CA LYS A 269 31.21 -38.37 32.80
C LYS A 269 32.06 -37.12 32.47
N GLN A 270 32.08 -36.77 31.17
CA GLN A 270 32.80 -35.64 30.61
C GLN A 270 31.83 -34.51 30.16
N LEU A 271 32.28 -33.27 30.31
CA LEU A 271 31.52 -32.09 29.94
C LEU A 271 32.29 -31.22 28.95
N TYR A 272 31.60 -30.80 27.88
CA TYR A 272 32.18 -29.99 26.81
C TYR A 272 31.46 -28.67 26.71
N LYS A 273 32.22 -27.58 26.64
CA LYS A 273 31.69 -26.21 26.53
C LYS A 273 32.22 -25.68 25.21
N ILE A 274 31.32 -25.49 24.24
CA ILE A 274 31.61 -25.16 22.85
C ILE A 274 31.12 -23.77 22.41
N VAL A 275 31.94 -23.06 21.65
CA VAL A 275 31.63 -21.76 21.10
C VAL A 275 31.04 -21.97 19.68
N PRO A 276 29.78 -21.55 19.42
CA PRO A 276 29.23 -21.68 18.05
C PRO A 276 29.50 -20.44 17.19
N ILE A 277 29.19 -20.51 15.88
CA ILE A 277 29.28 -19.39 14.96
C ILE A 277 27.99 -18.54 15.07
N LYS A 278 26.81 -19.19 14.94
CA LYS A 278 25.52 -18.49 15.09
C LYS A 278 25.27 -18.34 16.58
N ASP A 279 24.40 -17.39 16.96
CA ASP A 279 24.05 -17.20 18.36
C ASP A 279 22.96 -18.21 18.73
N ILE A 280 23.38 -19.46 19.01
CA ILE A 280 22.52 -20.59 19.35
C ILE A 280 22.90 -21.13 20.72
N ARG A 281 21.93 -21.69 21.46
CA ARG A 281 22.13 -22.26 22.79
C ARG A 281 21.57 -23.66 22.76
N ASN A 282 22.45 -24.67 22.80
CA ASN A 282 22.03 -26.06 22.73
C ASN A 282 22.71 -26.95 23.74
N LEU A 283 21.95 -27.94 24.24
CA LEU A 283 22.47 -28.96 25.15
C LEU A 283 22.35 -30.34 24.47
N TYR A 284 23.46 -31.09 24.45
CA TYR A 284 23.57 -32.43 23.85
C TYR A 284 23.95 -33.44 24.91
N VAL A 285 23.05 -34.40 25.17
CA VAL A 285 23.26 -35.46 26.16
C VAL A 285 23.43 -36.79 25.41
N THR A 286 24.57 -37.45 25.60
CA THR A 286 24.88 -38.69 24.88
C THR A 286 25.26 -39.83 25.82
N PHE A 287 24.75 -41.03 25.50
CA PHE A 287 25.08 -42.29 26.19
C PHE A 287 25.60 -43.28 25.16
N PRO A 288 26.80 -43.87 25.38
CA PRO A 288 27.28 -44.94 24.49
C PRO A 288 26.42 -46.19 24.67
N ILE A 289 26.08 -46.84 23.56
CA ILE A 289 25.28 -48.05 23.62
C ILE A 289 25.84 -49.10 22.67
N PRO A 290 25.56 -50.41 22.92
CA PRO A 290 25.98 -51.43 21.94
C PRO A 290 25.17 -51.27 20.65
N ASP A 291 25.64 -51.90 19.58
CA ASP A 291 24.96 -51.88 18.31
C ASP A 291 23.63 -52.68 18.45
N LEU A 292 22.51 -51.99 18.20
CA LEU A 292 21.15 -52.56 18.33
C LEU A 292 20.57 -53.03 17.00
N GLN A 293 21.31 -52.82 15.89
CA GLN A 293 20.87 -53.21 14.55
C GLN A 293 20.27 -54.62 14.50
N LYS A 294 20.96 -55.63 15.05
CA LYS A 294 20.53 -57.02 15.07
C LYS A 294 19.12 -57.26 15.68
N TYR A 295 18.68 -56.36 16.59
CA TYR A 295 17.39 -56.39 17.26
C TYR A 295 16.30 -55.65 16.49
N TYR A 296 16.50 -55.40 15.18
CA TYR A 296 15.58 -54.64 14.33
C TYR A 296 14.11 -55.07 14.31
N LYS A 297 13.84 -56.37 14.54
CA LYS A 297 12.45 -56.89 14.54
C LYS A 297 11.67 -56.43 15.77
N SER A 298 12.39 -56.11 16.84
CA SER A 298 11.82 -55.63 18.11
C SER A 298 12.11 -54.12 18.31
N ASN A 299 13.23 -53.61 17.74
CA ASN A 299 13.74 -52.24 17.79
C ASN A 299 13.53 -51.53 19.15
N PRO A 300 14.25 -51.94 20.22
CA PRO A 300 14.05 -51.29 21.54
C PRO A 300 14.43 -49.80 21.60
N GLY A 301 15.34 -49.38 20.73
CA GLY A 301 15.73 -47.99 20.64
C GLY A 301 14.63 -47.10 20.10
N HIS A 302 13.82 -47.65 19.16
CA HIS A 302 12.67 -46.96 18.56
C HIS A 302 11.62 -46.75 19.64
N TYR A 303 11.35 -47.79 20.43
CA TYR A 303 10.39 -47.77 21.54
C TYR A 303 10.83 -46.68 22.54
N LEU A 304 12.09 -46.71 22.96
CA LEU A 304 12.61 -45.74 23.92
C LEU A 304 12.69 -44.31 23.37
N GLY A 305 13.05 -44.18 22.09
CA GLY A 305 13.09 -42.88 21.41
C GLY A 305 11.72 -42.24 21.31
N HIS A 306 10.69 -43.08 21.07
CA HIS A 306 9.29 -42.66 21.02
C HIS A 306 8.82 -42.07 22.36
N LEU A 307 9.19 -42.71 23.47
CA LEU A 307 8.78 -42.23 24.80
C LEU A 307 9.61 -41.04 25.30
N ILE A 308 10.94 -41.15 25.23
CA ILE A 308 11.84 -40.06 25.67
C ILE A 308 11.66 -38.82 24.76
N GLY A 309 11.50 -39.04 23.45
CA GLY A 309 11.28 -37.98 22.47
C GLY A 309 9.83 -37.54 22.31
N HIS A 310 8.90 -38.03 23.16
CA HIS A 310 7.48 -37.69 23.08
C HIS A 310 7.19 -36.23 23.39
N GLU A 311 6.21 -35.64 22.70
CA GLU A 311 5.86 -34.22 22.89
C GLU A 311 4.42 -33.98 23.38
N GLY A 312 3.70 -35.06 23.67
CA GLY A 312 2.32 -35.00 24.13
C GLY A 312 2.26 -34.64 25.60
N PRO A 313 1.06 -34.68 26.24
CA PRO A 313 0.99 -34.33 27.68
C PRO A 313 1.73 -35.33 28.57
N GLY A 314 2.34 -34.83 29.64
CA GLY A 314 3.13 -35.64 30.58
C GLY A 314 4.52 -36.00 30.10
N SER A 315 4.91 -35.45 28.93
CA SER A 315 6.23 -35.72 28.34
C SER A 315 7.37 -35.00 29.06
N LEU A 316 8.61 -35.45 28.82
CA LEU A 316 9.82 -34.81 29.32
C LEU A 316 9.86 -33.37 28.75
N LEU A 317 9.63 -33.20 27.43
CA LEU A 317 9.61 -31.89 26.77
C LEU A 317 8.62 -30.94 27.43
N SER A 318 7.38 -31.40 27.68
CA SER A 318 6.33 -30.58 28.29
C SER A 318 6.75 -29.96 29.59
N GLU A 319 7.43 -30.72 30.45
CA GLU A 319 7.89 -30.21 31.73
C GLU A 319 9.04 -29.25 31.58
N LEU A 320 9.96 -29.52 30.65
CA LEU A 320 11.11 -28.65 30.41
C LEU A 320 10.67 -27.32 29.81
N LYS A 321 9.56 -27.34 29.03
CA LYS A 321 8.94 -26.17 28.43
C LYS A 321 8.25 -25.37 29.53
N SER A 322 7.39 -26.04 30.35
CA SER A 322 6.65 -25.41 31.47
C SER A 322 7.58 -24.69 32.40
N LYS A 323 8.76 -25.29 32.68
CA LYS A 323 9.82 -24.74 33.53
C LYS A 323 10.54 -23.56 32.86
N GLY A 324 10.33 -23.37 31.55
CA GLY A 324 10.93 -22.30 30.76
C GLY A 324 12.39 -22.52 30.44
N TRP A 325 12.79 -23.80 30.29
CA TRP A 325 14.20 -24.12 30.03
C TRP A 325 14.55 -24.43 28.60
N VAL A 326 13.63 -25.12 27.89
CA VAL A 326 13.85 -25.58 26.53
C VAL A 326 12.63 -25.30 25.66
N ASN A 327 12.83 -25.23 24.34
CA ASN A 327 11.73 -25.06 23.38
C ASN A 327 11.49 -26.34 22.64
N THR A 328 12.58 -27.03 22.24
CA THR A 328 12.51 -28.27 21.47
C THR A 328 13.39 -29.39 22.05
N LEU A 329 13.02 -30.64 21.75
CA LEU A 329 13.75 -31.82 22.19
C LEU A 329 13.78 -32.90 21.09
N VAL A 330 14.93 -33.55 20.95
CA VAL A 330 15.18 -34.70 20.07
C VAL A 330 15.75 -35.81 20.96
N GLY A 331 15.10 -36.97 20.92
CA GLY A 331 15.51 -38.11 21.73
C GLY A 331 15.48 -39.39 20.92
N GLY A 332 16.45 -40.25 21.19
CA GLY A 332 16.50 -41.54 20.53
C GLY A 332 17.88 -42.09 20.24
N GLN A 333 17.89 -43.16 19.47
CA GLN A 333 19.08 -43.87 19.05
C GLN A 333 19.68 -43.19 17.82
N LYS A 334 21.00 -43.20 17.77
CA LYS A 334 21.76 -42.62 16.71
C LYS A 334 22.78 -43.64 16.29
N GLU A 335 22.94 -43.79 14.98
CA GLU A 335 23.90 -44.68 14.35
C GLU A 335 25.32 -44.30 14.71
N GLY A 336 26.19 -45.30 14.71
CA GLY A 336 27.61 -45.13 14.92
C GLY A 336 28.28 -45.75 13.72
N ALA A 337 28.57 -47.05 13.83
CA ALA A 337 29.07 -47.93 12.79
C ALA A 337 28.73 -49.36 13.24
N ARG A 338 29.08 -50.40 12.45
CA ARG A 338 28.84 -51.77 12.88
C ARG A 338 29.66 -52.03 14.18
N GLY A 339 28.95 -52.22 15.30
CA GLY A 339 29.55 -52.50 16.60
C GLY A 339 29.35 -51.48 17.71
N PHE A 340 28.90 -50.26 17.37
CA PHE A 340 28.67 -49.22 18.37
C PHE A 340 27.56 -48.26 17.92
N MET A 341 26.83 -47.72 18.89
CA MET A 341 25.76 -46.77 18.66
C MET A 341 25.71 -45.76 19.82
N PHE A 342 24.76 -44.80 19.73
CA PHE A 342 24.58 -43.78 20.75
C PHE A 342 23.11 -43.61 21.06
N PHE A 343 22.82 -43.18 22.30
CA PHE A 343 21.48 -42.79 22.67
C PHE A 343 21.61 -41.33 23.08
N ILE A 344 20.82 -40.48 22.42
CA ILE A 344 20.89 -39.01 22.59
C ILE A 344 19.61 -38.37 23.14
N ILE A 345 19.77 -37.25 23.85
CA ILE A 345 18.70 -36.38 24.32
C ILE A 345 19.22 -34.95 24.08
N ASN A 346 18.78 -34.32 22.98
CA ASN A 346 19.23 -32.99 22.57
C ASN A 346 18.11 -31.98 22.69
N VAL A 347 18.44 -30.85 23.35
CA VAL A 347 17.50 -29.76 23.58
C VAL A 347 18.13 -28.43 23.17
N ASP A 348 17.29 -27.46 22.85
CA ASP A 348 17.78 -26.10 22.65
C ASP A 348 17.59 -25.43 24.04
N LEU A 349 18.18 -24.26 24.25
CA LEU A 349 18.05 -23.66 25.57
C LEU A 349 17.58 -22.25 25.54
N THR A 350 16.73 -21.89 26.50
CA THR A 350 16.32 -20.51 26.70
C THR A 350 17.48 -19.85 27.50
N GLU A 351 17.35 -18.57 27.89
CA GLU A 351 18.36 -17.87 28.68
C GLU A 351 18.47 -18.53 30.07
N GLU A 352 17.32 -18.92 30.64
CA GLU A 352 17.21 -19.59 31.94
C GLU A 352 17.70 -21.01 31.91
N GLY A 353 17.41 -21.73 30.81
CA GLY A 353 17.85 -23.10 30.60
C GLY A 353 19.36 -23.23 30.66
N LEU A 354 20.07 -22.24 30.06
CA LEU A 354 21.53 -22.15 30.05
C LEU A 354 22.11 -22.10 31.49
N LEU A 355 21.34 -21.56 32.44
CA LEU A 355 21.72 -21.44 33.85
C LEU A 355 21.20 -22.63 34.68
N HIS A 356 20.43 -23.56 34.04
CA HIS A 356 19.84 -24.71 34.72
C HIS A 356 20.10 -26.06 34.01
N VAL A 357 21.30 -26.19 33.39
CA VAL A 357 21.74 -27.40 32.69
C VAL A 357 21.68 -28.63 33.60
N GLU A 358 22.12 -28.48 34.86
CA GLU A 358 22.13 -29.52 35.89
C GLU A 358 20.72 -30.00 36.22
N ASP A 359 19.74 -29.07 36.27
CA ASP A 359 18.33 -29.34 36.59
C ASP A 359 17.64 -30.00 35.40
N ILE A 360 18.02 -29.61 34.16
CA ILE A 360 17.47 -30.21 32.94
C ILE A 360 17.82 -31.69 32.93
N ILE A 361 19.12 -32.00 33.14
CA ILE A 361 19.64 -33.36 33.13
C ILE A 361 18.98 -34.24 34.20
N LEU A 362 18.82 -33.71 35.44
CA LEU A 362 18.12 -34.37 36.54
C LEU A 362 16.69 -34.73 36.09
N HIS A 363 15.98 -33.80 35.42
CA HIS A 363 14.65 -34.00 34.85
C HIS A 363 14.66 -35.11 33.80
N MET A 364 15.70 -35.15 32.94
CA MET A 364 15.87 -36.22 31.93
C MET A 364 15.99 -37.59 32.64
N PHE A 365 16.83 -37.66 33.71
CA PHE A 365 17.00 -38.88 34.52
C PHE A 365 15.74 -39.28 35.30
N GLN A 366 14.95 -38.29 35.79
CA GLN A 366 13.66 -38.54 36.48
C GLN A 366 12.69 -39.19 35.52
N TYR A 367 12.66 -38.75 34.25
CA TYR A 367 11.79 -39.34 33.22
C TYR A 367 12.25 -40.76 32.89
N ILE A 368 13.58 -40.98 32.79
CA ILE A 368 14.20 -42.28 32.52
C ILE A 368 13.83 -43.28 33.64
N GLN A 369 13.93 -42.83 34.91
CA GLN A 369 13.59 -43.63 36.09
C GLN A 369 12.09 -43.97 36.13
N LYS A 370 11.23 -43.06 35.66
CA LYS A 370 9.79 -43.27 35.54
C LYS A 370 9.52 -44.43 34.57
N LEU A 371 10.33 -44.56 33.49
CA LEU A 371 10.20 -45.64 32.50
C LEU A 371 10.62 -46.98 33.12
N ARG A 372 11.60 -46.94 34.04
CA ARG A 372 12.07 -48.12 34.77
C ARG A 372 11.00 -48.58 35.75
N ALA A 373 10.43 -47.63 36.50
CA ALA A 373 9.39 -47.88 37.51
C ALA A 373 8.11 -48.48 36.86
N GLU A 374 7.64 -47.89 35.75
CA GLU A 374 6.43 -48.34 35.04
C GLU A 374 6.65 -49.62 34.23
N GLY A 375 7.89 -49.86 33.79
CA GLY A 375 8.25 -51.01 32.97
C GLY A 375 7.74 -50.95 31.54
N PRO A 376 8.24 -51.83 30.63
CA PRO A 376 7.80 -51.80 29.23
C PRO A 376 6.28 -51.93 29.04
N GLN A 377 5.76 -51.26 28.01
CA GLN A 377 4.33 -51.23 27.69
C GLN A 377 4.06 -51.86 26.35
N GLU A 378 3.33 -52.98 26.35
CA GLU A 378 2.99 -53.73 25.13
C GLU A 378 2.08 -52.92 24.23
N TRP A 379 1.15 -52.14 24.83
CA TRP A 379 0.21 -51.30 24.09
C TRP A 379 0.93 -50.19 23.30
N VAL A 380 2.06 -49.64 23.85
CA VAL A 380 2.90 -48.62 23.19
C VAL A 380 3.54 -49.28 21.97
N PHE A 381 4.12 -50.49 22.16
CA PHE A 381 4.76 -51.26 21.09
C PHE A 381 3.77 -51.56 19.96
N GLN A 382 2.54 -51.97 20.33
CA GLN A 382 1.49 -52.31 19.37
C GLN A 382 1.10 -51.11 18.51
N GLU A 383 1.00 -49.92 19.14
CA GLU A 383 0.68 -48.66 18.44
C GLU A 383 1.75 -48.34 17.38
N LEU A 384 3.04 -48.46 17.77
CA LEU A 384 4.18 -48.23 16.88
C LEU A 384 4.16 -49.19 15.70
N LYS A 385 3.83 -50.47 15.97
CA LYS A 385 3.75 -51.54 14.98
C LYS A 385 2.59 -51.26 14.01
N ASP A 386 1.43 -50.86 14.57
CA ASP A 386 0.22 -50.55 13.81
C ASP A 386 0.43 -49.34 12.87
N LEU A 387 1.02 -48.24 13.40
CA LEU A 387 1.35 -47.04 12.61
C LEU A 387 2.34 -47.33 11.48
N ASN A 388 3.37 -48.13 11.76
CA ASN A 388 4.36 -48.54 10.77
C ASN A 388 3.76 -49.38 9.66
N ALA A 389 2.75 -50.22 10.00
CA ALA A 389 2.05 -51.04 9.00
C ALA A 389 1.24 -50.14 8.06
N VAL A 390 0.56 -49.13 8.62
CA VAL A 390 -0.20 -48.14 7.83
C VAL A 390 0.79 -47.34 6.93
N ALA A 391 1.89 -46.85 7.52
CA ALA A 391 2.95 -46.07 6.84
C ALA A 391 3.55 -46.83 5.66
N PHE A 392 3.83 -48.14 5.88
CA PHE A 392 4.37 -48.99 4.82
C PHE A 392 3.35 -49.21 3.71
N ARG A 393 2.11 -49.60 4.07
CA ARG A 393 1.07 -49.87 3.08
C ARG A 393 0.80 -48.67 2.16
N PHE A 394 0.56 -47.47 2.75
CA PHE A 394 0.23 -46.29 1.96
C PHE A 394 1.38 -45.30 1.67
N LYS A 395 2.63 -45.80 1.64
CA LYS A 395 3.85 -45.01 1.35
C LYS A 395 3.77 -44.40 -0.05
N ASP A 396 4.18 -43.13 -0.22
CA ASP A 396 4.17 -42.48 -1.53
C ASP A 396 5.12 -43.18 -2.49
N LYS A 397 4.82 -43.18 -3.81
CA LYS A 397 5.71 -43.79 -4.81
C LYS A 397 6.95 -42.89 -4.89
N GLU A 398 8.14 -43.49 -4.73
CA GLU A 398 9.43 -42.78 -4.69
C GLU A 398 9.95 -42.50 -6.11
N ARG A 399 10.72 -41.40 -6.27
CA ARG A 399 11.41 -41.10 -7.54
C ARG A 399 12.50 -42.18 -7.72
N PRO A 400 12.59 -42.83 -8.92
CA PRO A 400 13.50 -43.98 -9.11
C PRO A 400 14.96 -43.85 -8.64
N ARG A 401 15.61 -42.69 -8.91
CA ARG A 401 17.01 -42.45 -8.53
C ARG A 401 17.31 -42.62 -7.03
N GLY A 402 16.49 -41.99 -6.19
CA GLY A 402 16.62 -42.07 -4.73
C GLY A 402 16.25 -43.44 -4.19
N TYR A 403 15.30 -44.11 -4.86
CA TYR A 403 14.79 -45.43 -4.46
C TYR A 403 15.87 -46.51 -4.68
N THR A 404 16.62 -46.47 -5.79
CA THR A 404 17.66 -47.46 -6.05
C THR A 404 18.86 -47.29 -5.10
N SER A 405 19.30 -46.02 -4.88
CA SER A 405 20.38 -45.65 -3.98
C SER A 405 20.12 -46.15 -2.56
N LYS A 406 18.92 -45.86 -2.02
CA LYS A 406 18.49 -46.26 -0.67
C LYS A 406 18.51 -47.78 -0.47
N ILE A 407 17.92 -48.53 -1.43
CA ILE A 407 17.84 -49.98 -1.36
C ILE A 407 19.23 -50.60 -1.45
N ALA A 408 20.13 -50.02 -2.30
CA ALA A 408 21.50 -50.53 -2.45
C ALA A 408 22.25 -50.59 -1.11
N GLY A 409 21.99 -49.61 -0.23
CA GLY A 409 22.56 -49.56 1.11
C GLY A 409 21.93 -50.58 2.06
N ILE A 410 20.57 -50.71 2.01
CA ILE A 410 19.74 -51.60 2.84
C ILE A 410 20.02 -53.05 2.57
N LEU A 411 20.35 -53.43 1.32
CA LEU A 411 20.73 -54.78 0.90
C LEU A 411 21.84 -55.38 1.79
N HIS A 412 22.69 -54.52 2.41
CA HIS A 412 23.77 -54.96 3.28
C HIS A 412 23.35 -55.32 4.71
N TYR A 413 22.14 -54.91 5.15
CA TYR A 413 21.69 -55.12 6.53
C TYR A 413 20.53 -56.08 6.73
N TYR A 414 19.73 -56.34 5.67
CA TYR A 414 18.51 -57.16 5.78
C TYR A 414 18.43 -58.28 4.70
N PRO A 415 17.82 -59.46 5.01
CA PRO A 415 17.66 -60.51 3.98
C PRO A 415 16.87 -59.92 2.82
N LEU A 416 17.22 -60.32 1.59
CA LEU A 416 16.59 -59.98 0.31
C LEU A 416 15.08 -59.70 0.36
N GLU A 417 14.34 -60.57 1.04
CA GLU A 417 12.88 -60.54 1.13
C GLU A 417 12.40 -59.41 2.02
N GLU A 418 13.26 -58.96 2.98
CA GLU A 418 12.95 -57.87 3.91
C GLU A 418 13.45 -56.47 3.47
N VAL A 419 14.02 -56.33 2.26
CA VAL A 419 14.56 -55.08 1.74
C VAL A 419 13.59 -53.86 1.73
N LEU A 420 12.29 -54.11 1.49
CA LEU A 420 11.33 -53.02 1.46
C LEU A 420 10.65 -52.79 2.81
N THR A 421 10.49 -53.87 3.61
CA THR A 421 9.85 -53.81 4.93
C THR A 421 10.81 -53.37 6.04
N ALA A 422 12.12 -53.41 5.73
CA ALA A 422 13.28 -53.13 6.57
C ALA A 422 13.07 -52.11 7.68
N GLU A 423 12.87 -50.86 7.26
CA GLU A 423 12.73 -49.71 8.15
C GLU A 423 11.28 -49.48 8.59
N TYR A 424 10.38 -50.44 8.31
CA TYR A 424 8.97 -50.31 8.65
C TYR A 424 8.47 -51.29 9.68
N LEU A 425 8.49 -52.57 9.33
CA LEU A 425 7.85 -53.59 10.13
C LEU A 425 8.54 -54.07 11.38
N LEU A 426 7.79 -53.98 12.50
CA LEU A 426 8.14 -54.43 13.85
C LEU A 426 7.35 -55.70 14.04
N GLU A 427 7.94 -56.70 14.70
CA GLU A 427 7.27 -58.00 14.89
C GLU A 427 7.02 -58.36 16.34
N GLU A 428 8.07 -58.72 17.09
CA GLU A 428 7.97 -59.19 18.46
C GLU A 428 8.27 -58.14 19.51
N PHE A 429 7.47 -58.12 20.58
CA PHE A 429 7.68 -57.24 21.73
C PHE A 429 8.72 -57.94 22.61
N ARG A 430 9.88 -57.31 22.78
CA ARG A 430 10.96 -57.84 23.58
C ARG A 430 11.20 -56.93 24.78
N PRO A 431 10.39 -57.08 25.86
CA PRO A 431 10.55 -56.18 27.02
C PRO A 431 11.91 -56.25 27.70
N ASP A 432 12.57 -57.41 27.60
CA ASP A 432 13.91 -57.65 28.14
C ASP A 432 14.93 -56.73 27.47
N LEU A 433 14.83 -56.57 26.13
CA LEU A 433 15.71 -55.71 25.32
C LEU A 433 15.54 -54.21 25.63
N ILE A 434 14.28 -53.78 25.90
CA ILE A 434 13.97 -52.40 26.28
C ILE A 434 14.66 -52.09 27.62
N GLU A 435 14.56 -53.06 28.56
CA GLU A 435 15.13 -53.00 29.90
C GLU A 435 16.66 -52.95 29.83
N MET A 436 17.25 -53.71 28.90
CA MET A 436 18.68 -53.79 28.66
C MET A 436 19.22 -52.40 28.23
N VAL A 437 18.55 -51.77 27.23
CA VAL A 437 18.94 -50.46 26.71
C VAL A 437 18.76 -49.39 27.78
N LEU A 438 17.64 -49.44 28.51
CA LEU A 438 17.30 -48.49 29.58
C LEU A 438 18.29 -48.52 30.75
N ASP A 439 18.94 -49.68 30.97
CA ASP A 439 19.97 -49.87 31.99
C ASP A 439 21.27 -49.10 31.64
N LYS A 440 21.50 -48.78 30.36
CA LYS A 440 22.67 -48.01 29.89
C LYS A 440 22.46 -46.48 30.05
N LEU A 441 21.19 -46.03 30.10
CA LEU A 441 20.85 -44.61 30.24
C LEU A 441 20.98 -44.18 31.70
N ARG A 442 22.23 -44.15 32.19
CA ARG A 442 22.57 -43.84 33.58
C ARG A 442 23.63 -42.73 33.70
N PRO A 443 23.64 -41.95 34.82
CA PRO A 443 24.63 -40.86 34.98
C PRO A 443 26.10 -41.26 34.83
N GLU A 444 26.45 -42.48 35.27
CA GLU A 444 27.82 -42.97 35.17
C GLU A 444 28.30 -43.20 33.71
N ASN A 445 27.35 -43.23 32.75
CA ASN A 445 27.61 -43.44 31.32
C ASN A 445 27.39 -42.15 30.45
N VAL A 446 27.10 -40.96 31.06
CA VAL A 446 26.85 -39.72 30.30
C VAL A 446 28.01 -38.99 29.75
N ARG A 447 27.72 -38.25 28.66
CA ARG A 447 28.57 -37.28 28.00
C ARG A 447 27.67 -36.08 27.75
N VAL A 448 28.12 -34.90 28.20
CA VAL A 448 27.33 -33.67 28.11
C VAL A 448 28.09 -32.61 27.31
N ALA A 449 27.40 -31.94 26.38
CA ALA A 449 27.98 -30.84 25.63
C ALA A 449 27.05 -29.63 25.64
N ILE A 450 27.59 -28.46 26.03
CA ILE A 450 26.83 -27.20 26.02
C ILE A 450 27.40 -26.32 24.92
N VAL A 451 26.53 -25.86 24.01
CA VAL A 451 26.89 -24.94 22.94
C VAL A 451 26.31 -23.57 23.28
N SER A 452 27.17 -22.54 23.44
CA SER A 452 26.78 -21.18 23.84
C SER A 452 27.87 -20.16 23.53
N LYS A 453 27.46 -18.92 23.16
CA LYS A 453 28.39 -17.82 22.91
C LYS A 453 28.96 -17.33 24.24
N SER A 454 28.29 -17.67 25.37
CA SER A 454 28.76 -17.31 26.70
C SER A 454 30.12 -17.91 27.06
N PHE A 455 30.62 -18.84 26.22
CA PHE A 455 31.91 -19.47 26.39
C PHE A 455 33.04 -18.78 25.63
N GLU A 456 32.72 -17.77 24.77
CA GLU A 456 33.71 -17.00 23.99
C GLU A 456 34.79 -16.47 24.91
N GLY A 457 36.05 -16.80 24.60
CA GLY A 457 37.23 -16.40 25.37
C GLY A 457 37.41 -17.14 26.70
N LYS A 458 36.62 -18.18 26.96
CA LYS A 458 36.73 -18.97 28.20
C LYS A 458 37.05 -20.45 27.85
N THR A 459 37.65 -20.70 26.68
CA THR A 459 37.99 -22.04 26.21
C THR A 459 39.49 -22.13 25.90
N ASP A 460 40.10 -23.33 26.13
CA ASP A 460 41.54 -23.58 25.93
C ASP A 460 41.88 -24.52 24.78
N ARG A 461 40.88 -25.23 24.19
CA ARG A 461 41.17 -26.17 23.10
C ARG A 461 40.59 -25.74 21.75
N THR A 462 41.13 -26.28 20.67
CA THR A 462 40.71 -26.00 19.31
C THR A 462 40.65 -27.29 18.50
N GLU A 463 39.54 -27.50 17.80
CA GLU A 463 39.40 -28.65 16.91
C GLU A 463 40.14 -28.22 15.63
N GLU A 464 40.98 -29.09 15.10
CA GLU A 464 41.86 -28.77 13.97
C GLU A 464 41.22 -28.65 12.60
N TRP A 465 40.18 -29.43 12.34
CA TRP A 465 39.58 -29.46 11.02
C TRP A 465 38.71 -28.28 10.71
N TYR A 466 37.92 -27.82 11.70
CA TYR A 466 36.99 -26.69 11.55
C TYR A 466 37.38 -25.44 12.32
N GLY A 467 38.22 -25.59 13.35
CA GLY A 467 38.68 -24.45 14.14
C GLY A 467 37.82 -24.17 15.35
N THR A 468 36.88 -25.09 15.65
CA THR A 468 35.93 -24.99 16.76
C THR A 468 36.67 -24.86 18.10
N GLN A 469 36.28 -23.85 18.85
CA GLN A 469 36.88 -23.54 20.15
C GLN A 469 36.02 -24.19 21.21
N TYR A 470 36.67 -24.88 22.17
CA TYR A 470 35.97 -25.62 23.22
C TYR A 470 36.85 -25.88 24.46
N LYS A 471 36.19 -26.30 25.53
CA LYS A 471 36.77 -26.62 26.83
C LYS A 471 36.20 -27.99 27.28
N GLN A 472 37.04 -28.81 27.90
CA GLN A 472 36.65 -30.11 28.46
C GLN A 472 36.89 -30.11 29.99
N GLU A 473 35.88 -30.58 30.75
CA GLU A 473 35.89 -30.72 32.21
C GLU A 473 35.26 -32.05 32.57
N ALA A 474 35.72 -32.66 33.66
CA ALA A 474 35.11 -33.87 34.18
C ALA A 474 33.87 -33.43 34.95
N ILE A 475 32.75 -34.18 34.86
CA ILE A 475 31.55 -33.83 35.63
C ILE A 475 31.81 -34.21 37.12
N PRO A 476 31.57 -33.29 38.10
CA PRO A 476 31.80 -33.68 39.52
C PRO A 476 31.00 -34.90 39.96
N ASP A 477 31.62 -35.77 40.80
CA ASP A 477 31.02 -37.00 41.34
C ASP A 477 29.73 -36.69 42.11
N GLU A 478 29.71 -35.53 42.78
CA GLU A 478 28.58 -35.01 43.52
C GLU A 478 27.40 -34.70 42.58
N VAL A 479 27.68 -34.22 41.35
CA VAL A 479 26.65 -33.96 40.32
C VAL A 479 26.10 -35.31 39.80
N ILE A 480 26.99 -36.29 39.58
CA ILE A 480 26.64 -37.64 39.14
C ILE A 480 25.74 -38.34 40.18
N LYS A 481 26.08 -38.19 41.49
CA LYS A 481 25.35 -38.73 42.65
C LYS A 481 23.93 -38.15 42.72
N LYS A 482 23.81 -36.82 42.55
CA LYS A 482 22.54 -36.10 42.54
C LYS A 482 21.65 -36.65 41.43
N TRP A 483 22.23 -36.87 40.22
CA TRP A 483 21.53 -37.40 39.04
C TRP A 483 21.08 -38.85 39.28
N GLN A 484 21.94 -39.65 39.97
CA GLN A 484 21.66 -41.05 40.31
C GLN A 484 20.53 -41.15 41.35
N ASN A 485 20.46 -40.19 42.29
CA ASN A 485 19.48 -40.16 43.38
C ASN A 485 18.24 -39.32 43.10
N ALA A 486 17.96 -39.05 41.81
CA ALA A 486 16.82 -38.25 41.35
C ALA A 486 15.48 -38.73 41.94
N ASP A 487 14.81 -37.82 42.69
CA ASP A 487 13.49 -38.09 43.31
C ASP A 487 12.46 -38.21 42.19
N LEU A 488 11.49 -39.13 42.33
CA LEU A 488 10.43 -39.32 41.33
C LEU A 488 9.63 -38.02 41.15
N ASN A 489 9.37 -37.63 39.89
CA ASN A 489 8.64 -36.42 39.52
C ASN A 489 7.28 -36.82 38.95
N GLY A 490 6.21 -36.33 39.58
CA GLY A 490 4.82 -36.61 39.21
C GLY A 490 4.36 -36.00 37.90
N LYS A 491 5.06 -34.94 37.44
CA LYS A 491 4.75 -34.27 36.18
C LYS A 491 4.96 -35.21 34.98
N PHE A 492 5.79 -36.26 35.15
CA PHE A 492 6.07 -37.24 34.11
C PHE A 492 5.11 -38.39 34.14
N LYS A 493 4.36 -38.53 33.05
CA LYS A 493 3.37 -39.59 32.82
C LYS A 493 3.61 -40.18 31.44
N LEU A 494 3.23 -41.45 31.26
CA LEU A 494 3.33 -42.12 29.97
C LEU A 494 2.27 -41.50 29.04
N PRO A 495 2.45 -41.52 27.70
CA PRO A 495 1.38 -40.99 26.83
C PRO A 495 0.12 -41.85 26.90
N THR A 496 -1.01 -41.29 26.49
CA THR A 496 -2.29 -42.00 26.44
C THR A 496 -2.46 -42.52 25.02
N LYS A 497 -3.52 -43.32 24.79
CA LYS A 497 -3.88 -43.89 23.50
C LYS A 497 -3.94 -42.77 22.45
N ASN A 498 -3.27 -42.98 21.31
CA ASN A 498 -3.27 -42.01 20.23
C ASN A 498 -4.57 -42.10 19.46
N GLU A 499 -5.46 -41.13 19.68
CA GLU A 499 -6.77 -41.09 19.04
C GLU A 499 -6.74 -40.63 17.57
N PHE A 500 -5.55 -40.27 17.05
CA PHE A 500 -5.41 -39.85 15.66
C PHE A 500 -5.04 -40.99 14.74
N ILE A 501 -4.88 -42.20 15.29
CA ILE A 501 -4.55 -43.36 14.45
C ILE A 501 -5.66 -43.54 13.39
N PRO A 502 -5.32 -43.43 12.07
CA PRO A 502 -6.36 -43.55 11.03
C PRO A 502 -6.86 -44.99 10.91
N THR A 503 -8.15 -45.15 10.57
CA THR A 503 -8.85 -46.44 10.42
C THR A 503 -9.60 -46.51 9.11
N ASN A 504 -10.10 -45.36 8.61
CA ASN A 504 -10.83 -45.29 7.35
C ASN A 504 -9.93 -45.01 6.14
N PHE A 505 -9.68 -46.05 5.33
CA PHE A 505 -8.79 -45.95 4.17
C PHE A 505 -9.52 -46.06 2.85
N GLU A 506 -10.84 -45.87 2.88
CA GLU A 506 -11.67 -45.95 1.69
C GLU A 506 -11.26 -44.91 0.66
N ILE A 507 -11.03 -45.39 -0.57
CA ILE A 507 -10.75 -44.55 -1.70
C ILE A 507 -12.11 -44.29 -2.33
N LEU A 508 -12.55 -43.04 -2.28
CA LEU A 508 -13.85 -42.63 -2.82
C LEU A 508 -13.84 -42.75 -4.34
N PRO A 509 -14.93 -43.33 -4.93
CA PRO A 509 -14.96 -43.49 -6.40
C PRO A 509 -14.80 -42.16 -7.11
N LEU A 510 -14.10 -42.17 -8.25
CA LEU A 510 -13.89 -40.99 -9.06
C LEU A 510 -15.25 -40.48 -9.56
N GLU A 511 -15.62 -39.25 -9.17
CA GLU A 511 -16.92 -38.65 -9.52
C GLU A 511 -17.11 -38.51 -11.04
N LYS A 512 -18.37 -38.51 -11.49
CA LYS A 512 -18.71 -38.36 -12.92
C LYS A 512 -18.15 -37.04 -13.45
N GLU A 513 -18.29 -35.95 -12.67
CA GLU A 513 -17.79 -34.63 -13.05
C GLU A 513 -16.40 -34.32 -12.47
N ALA A 514 -15.52 -35.33 -12.37
CA ALA A 514 -14.13 -35.15 -11.90
C ALA A 514 -13.34 -34.49 -13.05
N THR A 515 -12.38 -33.62 -12.71
CA THR A 515 -11.61 -32.84 -13.69
C THR A 515 -10.10 -33.20 -13.72
N PRO A 516 -9.39 -33.03 -14.87
CA PRO A 516 -7.95 -33.33 -14.88
C PRO A 516 -7.08 -32.33 -14.11
N TYR A 517 -7.57 -31.10 -13.96
CA TYR A 517 -6.87 -30.04 -13.22
C TYR A 517 -7.80 -29.45 -12.16
N PRO A 518 -7.31 -28.66 -11.17
CA PRO A 518 -8.24 -28.06 -10.20
C PRO A 518 -9.26 -27.14 -10.85
N ALA A 519 -10.50 -27.19 -10.37
CA ALA A 519 -11.58 -26.34 -10.87
C ALA A 519 -12.05 -25.39 -9.78
N LEU A 520 -12.44 -24.17 -10.17
CA LEU A 520 -12.95 -23.17 -9.25
C LEU A 520 -14.42 -23.57 -8.90
N ILE A 521 -14.62 -24.10 -7.70
CA ILE A 521 -15.93 -24.58 -7.25
C ILE A 521 -16.68 -23.60 -6.35
N LYS A 522 -15.99 -22.54 -5.90
CA LYS A 522 -16.58 -21.52 -5.05
C LYS A 522 -15.85 -20.20 -5.32
N ASP A 523 -16.60 -19.15 -5.64
CA ASP A 523 -16.09 -17.82 -5.93
C ASP A 523 -16.98 -16.77 -5.26
N THR A 524 -16.67 -16.49 -3.98
CA THR A 524 -17.42 -15.56 -3.14
C THR A 524 -16.51 -14.44 -2.69
N ALA A 525 -17.07 -13.44 -2.00
CA ALA A 525 -16.31 -12.31 -1.47
C ALA A 525 -15.29 -12.80 -0.43
N MET A 526 -15.64 -13.84 0.33
CA MET A 526 -14.74 -14.36 1.34
C MET A 526 -13.78 -15.44 0.86
N SER A 527 -14.18 -16.26 -0.15
CA SER A 527 -13.31 -17.34 -0.59
C SER A 527 -13.32 -17.78 -2.03
N LYS A 528 -12.13 -18.13 -2.55
CA LYS A 528 -11.94 -18.75 -3.86
C LYS A 528 -11.51 -20.20 -3.53
N LEU A 529 -12.26 -21.19 -4.03
CA LEU A 529 -11.96 -22.60 -3.75
C LEU A 529 -11.64 -23.41 -4.99
N TRP A 530 -10.40 -23.89 -5.06
CA TRP A 530 -9.91 -24.71 -6.15
C TRP A 530 -9.92 -26.14 -5.68
N PHE A 531 -10.51 -27.04 -6.48
CA PHE A 531 -10.64 -28.44 -6.09
C PHE A 531 -10.34 -29.40 -7.20
N LYS A 532 -9.69 -30.51 -6.84
CA LYS A 532 -9.41 -31.63 -7.71
C LYS A 532 -9.41 -32.93 -6.90
N GLN A 533 -10.24 -33.88 -7.32
CA GLN A 533 -10.25 -35.20 -6.70
C GLN A 533 -9.07 -35.92 -7.39
N ASP A 534 -8.24 -36.60 -6.60
CA ASP A 534 -7.08 -37.34 -7.13
C ASP A 534 -7.51 -38.45 -8.11
N ASP A 535 -6.93 -38.43 -9.32
CA ASP A 535 -7.19 -39.40 -10.37
C ASP A 535 -5.89 -40.14 -10.76
N LYS A 536 -4.86 -40.14 -9.87
CA LYS A 536 -3.57 -40.74 -10.22
C LYS A 536 -2.95 -41.66 -9.19
N PHE A 537 -2.92 -41.26 -7.92
CA PHE A 537 -2.21 -41.98 -6.85
C PHE A 537 -3.05 -42.96 -6.08
N PHE A 538 -4.32 -42.64 -5.84
CA PHE A 538 -5.30 -43.48 -5.18
C PHE A 538 -4.87 -43.97 -3.79
N LEU A 539 -4.24 -43.06 -3.04
CA LEU A 539 -3.83 -43.33 -1.66
C LEU A 539 -4.81 -42.58 -0.74
N PRO A 540 -5.10 -43.04 0.52
CA PRO A 540 -6.13 -42.36 1.32
C PRO A 540 -5.60 -41.10 1.97
N LYS A 541 -5.25 -40.14 1.14
CA LYS A 541 -4.67 -38.89 1.59
C LYS A 541 -5.24 -37.70 0.85
N ALA A 542 -5.07 -36.52 1.42
CA ALA A 542 -5.49 -35.26 0.81
C ALA A 542 -4.60 -34.11 1.32
N ASN A 543 -4.41 -33.10 0.45
CA ASN A 543 -3.62 -31.90 0.78
C ASN A 543 -4.58 -30.74 0.77
N LEU A 544 -4.62 -30.01 1.88
CA LEU A 544 -5.55 -28.88 2.03
C LEU A 544 -4.74 -27.62 2.29
N ASN A 545 -4.62 -26.76 1.25
CA ASN A 545 -3.86 -25.50 1.28
C ASN A 545 -4.78 -24.30 1.38
N PHE A 546 -4.50 -23.42 2.36
CA PHE A 546 -5.27 -22.19 2.59
C PHE A 546 -4.36 -20.98 2.67
N GLU A 547 -4.64 -19.98 1.84
CA GLU A 547 -3.96 -18.71 1.90
C GLU A 547 -4.99 -17.69 2.46
N PHE A 548 -4.71 -17.13 3.64
CA PHE A 548 -5.56 -16.14 4.30
C PHE A 548 -4.94 -14.76 3.99
N PHE A 549 -5.70 -13.86 3.36
N PHE A 549 -5.70 -13.86 3.33
CA PHE A 549 -5.24 -12.51 3.01
CA PHE A 549 -5.25 -12.51 2.99
C PHE A 549 -5.79 -11.48 3.96
C PHE A 549 -5.78 -11.51 3.99
N SER A 550 -4.89 -10.62 4.46
CA SER A 550 -5.20 -9.51 5.35
C SER A 550 -4.22 -8.36 5.06
N PRO A 551 -4.68 -7.10 4.90
CA PRO A 551 -3.73 -5.96 4.74
C PRO A 551 -2.94 -5.67 6.01
N PHE A 552 -3.36 -6.25 7.14
CA PHE A 552 -2.74 -6.02 8.44
C PHE A 552 -1.58 -6.95 8.81
N ALA A 553 -1.22 -7.87 7.91
CA ALA A 553 -0.17 -8.85 8.17
C ALA A 553 1.22 -8.32 7.80
N TYR A 554 1.29 -7.30 6.91
CA TYR A 554 2.53 -6.75 6.42
C TYR A 554 2.51 -5.24 6.25
N VAL A 555 1.51 -4.57 6.83
CA VAL A 555 1.32 -3.09 6.75
C VAL A 555 2.57 -2.29 7.18
N ASP A 556 3.24 -2.75 8.24
CA ASP A 556 4.47 -2.16 8.75
C ASP A 556 5.32 -3.24 9.43
N PRO A 557 6.60 -2.97 9.81
CA PRO A 557 7.41 -4.03 10.46
C PRO A 557 6.81 -4.61 11.74
N LEU A 558 6.22 -3.78 12.60
CA LEU A 558 5.58 -4.21 13.85
C LEU A 558 4.50 -5.28 13.61
N HIS A 559 3.62 -5.04 12.63
CA HIS A 559 2.54 -5.95 12.28
C HIS A 559 3.08 -7.25 11.72
N SER A 560 4.17 -7.17 10.91
CA SER A 560 4.85 -8.33 10.33
C SER A 560 5.43 -9.22 11.44
N ASN A 561 6.06 -8.58 12.47
CA ASN A 561 6.57 -9.23 13.68
C ASN A 561 5.43 -9.88 14.43
N MET A 562 4.31 -9.13 14.62
CA MET A 562 3.13 -9.62 15.35
C MET A 562 2.45 -10.79 14.67
N ALA A 563 2.43 -10.80 13.32
CA ALA A 563 1.89 -11.91 12.53
C ALA A 563 2.75 -13.16 12.77
N TYR A 564 4.09 -12.98 12.86
CA TYR A 564 5.04 -14.07 13.08
C TYR A 564 4.86 -14.68 14.46
N LEU A 565 4.86 -13.83 15.51
CA LEU A 565 4.73 -14.23 16.91
C LEU A 565 3.40 -14.91 17.19
N TYR A 566 2.31 -14.37 16.63
CA TYR A 566 0.98 -14.97 16.76
C TYR A 566 1.00 -16.44 16.33
N LEU A 567 1.50 -16.72 15.11
CA LEU A 567 1.54 -18.07 14.54
C LEU A 567 2.51 -19.02 15.25
N GLU A 568 3.64 -18.50 15.75
CA GLU A 568 4.60 -19.28 16.52
C GLU A 568 4.01 -19.67 17.85
N LEU A 569 3.27 -18.77 18.49
CA LEU A 569 2.63 -19.02 19.78
C LEU A 569 1.47 -19.97 19.63
N LEU A 570 0.80 -19.90 18.49
CA LEU A 570 -0.32 -20.75 18.17
C LEU A 570 0.16 -22.19 17.94
N LYS A 571 1.25 -22.37 17.16
CA LYS A 571 1.85 -23.68 16.94
C LYS A 571 2.40 -24.29 18.24
N ASP A 572 2.98 -23.45 19.11
CA ASP A 572 3.50 -23.84 20.41
C ASP A 572 2.37 -24.35 21.35
N SER A 573 1.22 -23.68 21.32
CA SER A 573 0.05 -23.98 22.14
C SER A 573 -0.68 -25.26 21.69
N LEU A 574 -0.64 -25.54 20.39
CA LEU A 574 -1.30 -26.68 19.75
C LEU A 574 -0.34 -27.89 19.65
N ASN A 575 0.96 -27.69 19.98
CA ASN A 575 1.99 -28.72 19.88
C ASN A 575 1.67 -30.08 20.52
N GLU A 576 1.30 -30.09 21.82
CA GLU A 576 0.98 -31.32 22.56
C GLU A 576 -0.09 -32.14 21.84
N TYR A 577 -1.14 -31.47 21.31
CA TYR A 577 -2.27 -32.05 20.58
C TYR A 577 -1.87 -32.48 19.18
N ALA A 578 -1.14 -31.62 18.44
CA ALA A 578 -0.76 -31.90 17.06
C ALA A 578 0.29 -33.00 16.94
N TYR A 579 1.14 -33.19 17.97
CA TYR A 579 2.19 -34.21 17.93
C TYR A 579 1.64 -35.63 17.67
N ALA A 580 0.54 -36.01 18.33
CA ALA A 580 -0.16 -37.29 18.17
C ALA A 580 -0.65 -37.45 16.73
N ALA A 581 -1.15 -36.35 16.13
CA ALA A 581 -1.61 -36.34 14.75
C ALA A 581 -0.42 -36.53 13.79
N GLU A 582 0.71 -35.88 14.10
CA GLU A 582 1.96 -35.94 13.31
C GLU A 582 2.50 -37.39 13.32
N LEU A 583 2.46 -38.06 14.49
CA LEU A 583 2.85 -39.47 14.63
C LEU A 583 1.92 -40.36 13.79
N ALA A 584 0.65 -39.97 13.67
CA ALA A 584 -0.37 -40.73 12.93
C ALA A 584 -0.51 -40.36 11.43
N GLY A 585 0.53 -39.74 10.87
CA GLY A 585 0.58 -39.36 9.46
C GLY A 585 -0.31 -38.20 9.06
N LEU A 586 -0.59 -37.30 10.01
CA LEU A 586 -1.40 -36.11 9.75
C LEU A 586 -0.60 -34.89 10.16
N SER A 587 -0.06 -34.16 9.18
CA SER A 587 0.75 -33.01 9.54
C SER A 587 0.20 -31.67 9.03
N TYR A 588 0.69 -30.58 9.61
CA TYR A 588 0.28 -29.25 9.20
C TYR A 588 1.44 -28.27 9.26
N ASP A 589 1.28 -27.19 8.52
CA ASP A 589 2.23 -26.11 8.48
C ASP A 589 1.42 -24.81 8.56
N LEU A 590 1.88 -23.88 9.39
CA LEU A 590 1.22 -22.60 9.56
C LEU A 590 2.29 -21.50 9.58
N GLN A 591 2.28 -20.64 8.55
CA GLN A 591 3.27 -19.56 8.45
C GLN A 591 2.74 -18.24 7.92
N ASN A 592 3.32 -17.14 8.40
CA ASN A 592 2.93 -15.81 7.94
C ASN A 592 3.59 -15.53 6.58
N THR A 593 2.93 -14.69 5.78
CA THR A 593 3.41 -14.31 4.45
C THR A 593 3.38 -12.78 4.37
N ILE A 594 3.81 -12.23 3.24
CA ILE A 594 3.78 -10.78 2.99
C ILE A 594 2.34 -10.30 2.69
N TYR A 595 1.39 -11.26 2.55
CA TYR A 595 -0.02 -10.97 2.27
C TYR A 595 -1.01 -11.40 3.37
N GLY A 596 -0.53 -12.17 4.35
CA GLY A 596 -1.37 -12.72 5.41
C GLY A 596 -0.77 -13.96 6.03
N MET A 597 -1.51 -15.11 5.97
CA MET A 597 -1.13 -16.40 6.59
C MET A 597 -1.30 -17.54 5.59
N TYR A 598 -0.53 -18.59 5.81
CA TYR A 598 -0.59 -19.78 4.98
C TYR A 598 -0.71 -21.00 5.89
N LEU A 599 -1.72 -21.83 5.61
CA LEU A 599 -2.02 -23.06 6.35
C LEU A 599 -2.10 -24.23 5.39
N SER A 600 -1.35 -25.29 5.68
CA SER A 600 -1.41 -26.51 4.89
C SER A 600 -1.61 -27.72 5.78
N VAL A 601 -2.57 -28.57 5.45
CA VAL A 601 -2.85 -29.79 6.20
C VAL A 601 -2.68 -30.93 5.21
N LYS A 602 -1.75 -31.86 5.53
CA LYS A 602 -1.43 -33.00 4.68
C LYS A 602 -1.48 -34.32 5.43
N GLY A 603 -1.70 -35.39 4.68
CA GLY A 603 -1.73 -36.74 5.24
C GLY A 603 -3.03 -37.48 5.07
N TYR A 604 -3.27 -38.51 5.94
CA TYR A 604 -4.49 -39.32 5.91
C TYR A 604 -5.70 -38.46 6.08
N ASN A 605 -6.65 -38.54 5.13
CA ASN A 605 -7.88 -37.75 5.09
C ASN A 605 -8.85 -38.02 6.25
N ASP A 606 -8.79 -39.24 6.84
CA ASP A 606 -9.69 -39.70 7.91
C ASP A 606 -9.96 -38.69 9.04
N LYS A 607 -8.96 -38.39 9.89
CA LYS A 607 -9.13 -37.46 11.01
C LYS A 607 -8.74 -36.02 10.60
N GLN A 608 -8.54 -35.77 9.28
CA GLN A 608 -8.15 -34.48 8.72
C GLN A 608 -9.11 -33.33 9.09
N PRO A 609 -10.46 -33.47 8.96
CA PRO A 609 -11.34 -32.36 9.37
C PRO A 609 -11.29 -32.04 10.87
N ILE A 610 -11.03 -33.04 11.73
CA ILE A 610 -10.90 -32.85 13.18
C ILE A 610 -9.69 -31.93 13.49
N LEU A 611 -8.50 -32.18 12.90
CA LEU A 611 -7.30 -31.37 13.12
C LEU A 611 -7.50 -29.94 12.59
N LEU A 612 -8.04 -29.79 11.35
CA LEU A 612 -8.32 -28.50 10.72
C LEU A 612 -9.24 -27.64 11.58
N LYS A 613 -10.32 -28.25 12.10
CA LYS A 613 -11.29 -27.57 12.95
C LYS A 613 -10.61 -27.04 14.20
N LYS A 614 -9.74 -27.85 14.84
CA LYS A 614 -8.99 -27.44 16.05
C LYS A 614 -8.05 -26.28 15.76
N ILE A 615 -7.41 -26.25 14.58
CA ILE A 615 -6.50 -25.17 14.20
C ILE A 615 -7.30 -23.85 14.01
N ILE A 616 -8.41 -23.91 13.24
CA ILE A 616 -9.25 -22.73 12.98
C ILE A 616 -9.86 -22.16 14.26
N GLU A 617 -10.38 -23.04 15.14
CA GLU A 617 -10.93 -22.66 16.44
C GLU A 617 -9.87 -21.96 17.31
N LYS A 618 -8.69 -22.59 17.45
CA LYS A 618 -7.56 -22.08 18.23
C LYS A 618 -7.06 -20.75 17.66
N MET A 619 -6.95 -20.63 16.31
CA MET A 619 -6.54 -19.37 15.65
C MET A 619 -7.33 -18.19 16.20
N ALA A 620 -8.66 -18.39 16.29
CA ALA A 620 -9.71 -17.43 16.63
C ALA A 620 -10.04 -17.26 18.11
N THR A 621 -9.56 -18.16 19.05
CA THR A 621 -9.92 -18.11 20.48
C THR A 621 -8.76 -18.57 21.40
N PHE A 622 -7.53 -18.66 20.87
CA PHE A 622 -6.44 -19.21 21.67
C PHE A 622 -5.92 -18.26 22.75
N GLU A 623 -5.39 -18.84 23.82
CA GLU A 623 -4.83 -18.10 24.95
C GLU A 623 -3.36 -17.89 24.72
N ILE A 624 -2.85 -16.68 25.06
CA ILE A 624 -1.43 -16.39 24.98
C ILE A 624 -0.79 -16.53 26.37
N ASP A 625 0.11 -17.53 26.55
CA ASP A 625 0.83 -17.66 27.80
C ASP A 625 1.95 -16.61 27.78
N GLU A 626 1.92 -15.66 28.74
CA GLU A 626 2.92 -14.61 28.87
C GLU A 626 4.36 -15.15 28.88
N LYS A 627 4.61 -16.24 29.62
CA LYS A 627 5.95 -16.86 29.72
C LYS A 627 6.42 -17.35 28.36
N ARG A 628 5.52 -18.01 27.59
CA ARG A 628 5.81 -18.49 26.24
C ARG A 628 6.11 -17.29 25.33
N PHE A 629 5.26 -16.25 25.39
CA PHE A 629 5.39 -15.02 24.59
C PHE A 629 6.80 -14.44 24.71
N GLU A 630 7.30 -14.25 25.94
CA GLU A 630 8.63 -13.71 26.21
C GLU A 630 9.75 -14.62 25.68
N ILE A 631 9.58 -15.95 25.84
CA ILE A 631 10.54 -16.94 25.36
C ILE A 631 10.60 -16.96 23.82
N ILE A 632 9.42 -17.01 23.17
CA ILE A 632 9.32 -17.00 21.71
C ILE A 632 9.84 -15.67 21.11
N LYS A 633 9.56 -14.53 21.76
CA LYS A 633 10.02 -13.20 21.34
C LYS A 633 11.55 -13.11 21.32
N GLU A 634 12.22 -13.65 22.36
CA GLU A 634 13.68 -13.68 22.50
C GLU A 634 14.29 -14.57 21.41
N ALA A 635 13.72 -15.75 21.17
CA ALA A 635 14.16 -16.68 20.14
C ALA A 635 14.05 -16.04 18.74
N TYR A 636 12.97 -15.26 18.50
CA TYR A 636 12.76 -14.54 17.22
C TYR A 636 13.82 -13.46 17.00
N MET A 637 14.20 -12.73 18.07
CA MET A 637 15.24 -11.72 18.05
C MET A 637 16.58 -12.34 17.62
N ARG A 638 16.93 -13.52 18.23
CA ARG A 638 18.17 -14.22 17.92
C ARG A 638 18.14 -14.72 16.48
N SER A 639 16.99 -15.29 16.05
CA SER A 639 16.77 -15.78 14.68
C SER A 639 17.03 -14.66 13.63
N LEU A 640 16.64 -13.41 13.95
CA LEU A 640 16.82 -12.24 13.08
C LEU A 640 18.29 -11.84 13.01
N ASN A 641 18.99 -11.86 14.18
CA ASN A 641 20.42 -11.54 14.25
C ASN A 641 21.23 -12.58 13.53
N ASN A 642 20.90 -13.86 13.73
CA ASN A 642 21.56 -15.03 13.12
C ASN A 642 21.66 -15.03 11.61
N PHE A 643 20.93 -14.12 10.93
CA PHE A 643 20.97 -13.97 9.47
C PHE A 643 22.34 -13.42 9.03
N ARG A 644 23.06 -12.70 9.93
CA ARG A 644 24.41 -12.17 9.66
C ARG A 644 25.41 -13.31 9.35
N ALA A 645 25.18 -14.49 9.95
CA ALA A 645 26.01 -15.69 9.82
C ALA A 645 25.59 -16.55 8.64
N GLU A 646 24.61 -16.09 7.85
CA GLU A 646 24.17 -16.81 6.66
C GLU A 646 25.18 -16.55 5.53
N GLN A 647 25.27 -17.47 4.55
CA GLN A 647 26.22 -17.42 3.44
C GLN A 647 26.12 -16.18 2.56
N PRO A 648 27.26 -15.65 2.03
CA PRO A 648 27.22 -14.43 1.21
C PRO A 648 26.29 -14.44 -0.01
N HIS A 649 26.12 -15.59 -0.67
CA HIS A 649 25.23 -15.72 -1.83
C HIS A 649 23.75 -15.61 -1.39
N GLN A 650 23.43 -16.11 -0.17
CA GLN A 650 22.10 -16.06 0.45
C GLN A 650 21.75 -14.61 0.76
N HIS A 651 22.76 -13.84 1.22
CA HIS A 651 22.65 -12.41 1.50
C HIS A 651 22.36 -11.64 0.20
N ALA A 652 23.07 -12.00 -0.89
CA ALA A 652 22.91 -11.39 -2.21
C ALA A 652 21.48 -11.55 -2.72
N MET A 653 20.92 -12.76 -2.55
CA MET A 653 19.56 -13.09 -2.98
C MET A 653 18.54 -12.30 -2.17
N TYR A 654 18.81 -12.12 -0.87
CA TYR A 654 17.97 -11.39 0.07
C TYR A 654 17.90 -9.90 -0.30
N TYR A 655 19.06 -9.25 -0.53
CA TYR A 655 19.12 -7.85 -0.90
C TYR A 655 18.40 -7.55 -2.20
N LEU A 656 18.46 -8.47 -3.19
CA LEU A 656 17.79 -8.30 -4.47
C LEU A 656 16.26 -8.33 -4.32
N ARG A 657 15.72 -9.25 -3.48
CA ARG A 657 14.29 -9.30 -3.17
C ARG A 657 13.83 -7.98 -2.51
N LEU A 658 14.62 -7.44 -1.56
CA LEU A 658 14.31 -6.15 -0.91
C LEU A 658 14.26 -5.02 -1.95
N LEU A 659 15.21 -5.02 -2.89
CA LEU A 659 15.39 -4.02 -3.93
C LEU A 659 14.29 -4.00 -4.99
N MET A 660 13.91 -5.19 -5.48
CA MET A 660 13.00 -5.38 -6.59
C MET A 660 11.50 -5.45 -6.27
N THR A 661 11.14 -5.62 -4.98
CA THR A 661 9.74 -5.72 -4.57
C THR A 661 9.27 -4.36 -4.05
N GLU A 662 8.03 -3.96 -4.40
CA GLU A 662 7.39 -2.70 -4.00
C GLU A 662 7.50 -2.40 -2.48
N VAL A 663 7.08 -3.36 -1.61
CA VAL A 663 7.14 -3.26 -0.14
C VAL A 663 7.91 -4.49 0.35
N ALA A 664 8.90 -4.26 1.23
CA ALA A 664 9.74 -5.29 1.84
C ALA A 664 10.43 -4.70 3.06
N TRP A 665 10.18 -5.30 4.22
CA TRP A 665 10.77 -4.85 5.48
C TRP A 665 12.06 -5.60 5.71
N THR A 666 13.13 -4.87 6.03
CA THR A 666 14.44 -5.47 6.25
C THR A 666 14.48 -6.15 7.62
N LYS A 667 15.47 -7.05 7.83
CA LYS A 667 15.71 -7.75 9.10
C LYS A 667 15.99 -6.74 10.21
N ASP A 668 16.70 -5.64 9.89
CA ASP A 668 17.00 -4.52 10.80
C ASP A 668 15.76 -3.75 11.20
N GLU A 669 14.83 -3.50 10.25
CA GLU A 669 13.57 -2.81 10.58
C GLU A 669 12.70 -3.75 11.46
N LEU A 670 12.71 -5.05 11.14
CA LEU A 670 11.99 -6.04 11.93
C LEU A 670 12.52 -6.14 13.36
N LYS A 671 13.87 -6.21 13.52
CA LYS A 671 14.42 -6.28 14.87
C LYS A 671 14.23 -5.03 15.71
N GLU A 672 14.29 -3.85 15.08
CA GLU A 672 14.06 -2.57 15.74
C GLU A 672 12.60 -2.45 16.26
N ALA A 673 11.62 -2.90 15.44
CA ALA A 673 10.20 -2.89 15.82
C ALA A 673 9.82 -4.00 16.83
N LEU A 674 10.67 -5.01 17.00
CA LEU A 674 10.40 -6.15 17.89
C LEU A 674 10.28 -5.76 19.36
N ASP A 675 11.08 -4.78 19.80
CA ASP A 675 11.04 -4.31 21.17
C ASP A 675 9.72 -3.66 21.55
N ASP A 676 8.99 -3.11 20.54
CA ASP A 676 7.66 -2.52 20.72
C ASP A 676 6.52 -3.56 20.75
N VAL A 677 6.84 -4.86 20.55
CA VAL A 677 5.80 -5.87 20.62
C VAL A 677 5.53 -6.22 22.07
N THR A 678 4.43 -5.69 22.62
CA THR A 678 4.06 -6.01 24.01
C THR A 678 2.96 -7.05 23.95
N LEU A 679 2.68 -7.71 25.08
CA LEU A 679 1.59 -8.70 25.15
C LEU A 679 0.21 -8.04 24.85
N PRO A 680 -0.16 -6.87 25.47
CA PRO A 680 -1.45 -6.25 25.13
C PRO A 680 -1.60 -5.83 23.66
N ARG A 681 -0.50 -5.41 23.02
CA ARG A 681 -0.45 -5.00 21.62
C ARG A 681 -0.72 -6.21 20.71
N LEU A 682 -0.13 -7.37 21.04
CA LEU A 682 -0.34 -8.62 20.31
C LEU A 682 -1.80 -9.11 20.50
N LYS A 683 -2.36 -8.99 21.73
CA LYS A 683 -3.76 -9.37 22.01
C LYS A 683 -4.76 -8.52 21.22
N ALA A 684 -4.43 -7.25 20.92
CA ALA A 684 -5.32 -6.41 20.10
C ALA A 684 -5.13 -6.72 18.62
N PHE A 685 -3.88 -7.08 18.22
CA PHE A 685 -3.54 -7.38 16.83
C PHE A 685 -4.36 -8.56 16.25
N ILE A 686 -4.48 -9.66 16.99
CA ILE A 686 -5.16 -10.88 16.57
C ILE A 686 -6.61 -10.68 16.10
N PRO A 687 -7.52 -10.06 16.91
CA PRO A 687 -8.87 -9.78 16.40
C PRO A 687 -8.84 -8.84 15.18
N GLN A 688 -7.92 -7.84 15.20
CA GLN A 688 -7.75 -6.92 14.07
C GLN A 688 -7.40 -7.69 12.79
N LEU A 689 -6.39 -8.58 12.89
CA LEU A 689 -5.96 -9.37 11.72
C LEU A 689 -7.11 -10.24 11.15
N LEU A 690 -7.83 -10.94 12.05
CA LEU A 690 -8.91 -11.86 11.70
C LEU A 690 -10.25 -11.20 11.36
N SER A 691 -10.42 -9.89 11.67
CA SER A 691 -11.66 -9.14 11.43
C SER A 691 -12.14 -9.18 9.98
N ARG A 692 -11.21 -9.08 9.02
CA ARG A 692 -11.49 -9.04 7.58
C ARG A 692 -10.47 -9.90 6.84
N LEU A 693 -10.97 -10.93 6.16
CA LEU A 693 -10.12 -11.88 5.44
C LEU A 693 -10.68 -12.27 4.09
N HIS A 694 -9.80 -12.71 3.22
CA HIS A 694 -10.12 -13.38 1.97
C HIS A 694 -9.34 -14.70 2.08
N ILE A 695 -9.98 -15.81 1.72
CA ILE A 695 -9.37 -17.14 1.79
C ILE A 695 -9.28 -17.72 0.38
N GLU A 696 -8.08 -18.13 -0.04
CA GLU A 696 -7.92 -18.83 -1.30
C GLU A 696 -7.42 -20.23 -0.98
N ALA A 697 -8.13 -21.24 -1.45
CA ALA A 697 -7.77 -22.60 -1.11
C ALA A 697 -7.62 -23.56 -2.27
N LEU A 698 -6.78 -24.58 -2.06
CA LEU A 698 -6.62 -25.72 -2.94
C LEU A 698 -6.83 -27.01 -2.12
N LEU A 699 -7.85 -27.77 -2.48
CA LEU A 699 -8.15 -29.02 -1.78
C LEU A 699 -8.02 -30.11 -2.82
N HIS A 700 -6.95 -30.90 -2.67
CA HIS A 700 -6.58 -31.92 -3.61
C HIS A 700 -6.31 -33.26 -2.92
N GLY A 701 -6.97 -34.32 -3.39
CA GLY A 701 -6.73 -35.67 -2.88
C GLY A 701 -7.96 -36.57 -2.88
N ASN A 702 -8.04 -37.44 -1.85
CA ASN A 702 -9.14 -38.41 -1.66
C ASN A 702 -10.31 -37.71 -1.00
N ILE A 703 -11.02 -36.90 -1.80
CA ILE A 703 -12.17 -36.07 -1.40
C ILE A 703 -13.09 -35.81 -2.57
N THR A 704 -14.37 -35.63 -2.29
CA THR A 704 -15.38 -35.32 -3.31
C THR A 704 -15.61 -33.79 -3.34
N LYS A 705 -16.32 -33.32 -4.37
CA LYS A 705 -16.71 -31.91 -4.55
C LYS A 705 -17.49 -31.39 -3.34
N GLN A 706 -18.48 -32.18 -2.86
CA GLN A 706 -19.31 -31.85 -1.70
C GLN A 706 -18.48 -31.78 -0.42
N ALA A 707 -17.59 -32.76 -0.21
CA ALA A 707 -16.71 -32.80 0.96
C ALA A 707 -15.76 -31.58 0.95
N ALA A 708 -15.26 -31.17 -0.25
CA ALA A 708 -14.41 -29.99 -0.40
C ALA A 708 -15.16 -28.72 0.04
N LEU A 709 -16.40 -28.53 -0.47
CA LEU A 709 -17.28 -27.40 -0.13
C LEU A 709 -17.59 -27.39 1.37
N GLY A 710 -17.79 -28.56 1.96
CA GLY A 710 -18.05 -28.72 3.39
C GLY A 710 -16.88 -28.31 4.25
N ILE A 711 -15.64 -28.60 3.80
CA ILE A 711 -14.39 -28.23 4.50
C ILE A 711 -14.22 -26.69 4.50
N MET A 712 -14.37 -26.07 3.32
CA MET A 712 -14.26 -24.63 3.13
C MET A 712 -15.29 -23.88 3.99
N GLN A 713 -16.53 -24.39 4.03
CA GLN A 713 -17.66 -23.83 4.77
C GLN A 713 -17.37 -23.88 6.26
N MET A 714 -16.83 -24.99 6.73
CA MET A 714 -16.43 -25.18 8.13
C MET A 714 -15.32 -24.17 8.53
N VAL A 715 -14.34 -23.91 7.63
CA VAL A 715 -13.27 -22.93 7.90
C VAL A 715 -13.90 -21.54 8.05
N GLU A 716 -14.75 -21.16 7.06
CA GLU A 716 -15.49 -19.88 7.04
C GLU A 716 -16.35 -19.71 8.29
N ASP A 717 -17.22 -20.71 8.57
CA ASP A 717 -18.13 -20.68 9.71
C ASP A 717 -17.41 -20.56 11.06
N THR A 718 -16.27 -21.26 11.22
CA THR A 718 -15.47 -21.18 12.46
C THR A 718 -14.88 -19.79 12.66
N LEU A 719 -14.39 -19.17 11.58
CA LEU A 719 -13.84 -17.81 11.65
C LEU A 719 -14.93 -16.78 11.90
N ILE A 720 -16.08 -16.92 11.18
CA ILE A 720 -17.24 -16.02 11.31
C ILE A 720 -17.76 -16.06 12.76
N GLU A 721 -17.89 -17.27 13.32
CA GLU A 721 -18.36 -17.49 14.68
C GLU A 721 -17.48 -16.87 15.76
N HIS A 722 -16.24 -17.30 15.85
CA HIS A 722 -15.29 -16.89 16.88
C HIS A 722 -14.54 -15.56 16.67
N ALA A 723 -14.25 -15.19 15.44
CA ALA A 723 -13.48 -13.97 15.15
C ALA A 723 -14.30 -12.84 14.50
N HIS A 724 -15.60 -13.11 14.20
CA HIS A 724 -16.55 -12.18 13.55
C HIS A 724 -15.98 -11.69 12.22
N THR A 725 -15.36 -12.61 11.49
CA THR A 725 -14.74 -12.35 10.18
C THR A 725 -15.77 -11.92 9.14
N LYS A 726 -15.41 -10.88 8.38
CA LYS A 726 -16.22 -10.32 7.30
C LYS A 726 -15.32 -10.31 6.07
N PRO A 727 -15.83 -10.36 4.82
CA PRO A 727 -14.90 -10.35 3.68
C PRO A 727 -14.23 -9.00 3.45
N LEU A 728 -13.09 -9.02 2.75
CA LEU A 728 -12.38 -7.84 2.32
C LEU A 728 -12.98 -7.42 1.00
N LEU A 729 -12.84 -6.13 0.69
CA LEU A 729 -13.25 -5.58 -0.60
C LEU A 729 -12.26 -6.04 -1.68
N PRO A 730 -12.74 -6.29 -2.92
CA PRO A 730 -11.82 -6.70 -4.00
C PRO A 730 -10.66 -5.72 -4.24
N SER A 731 -10.90 -4.41 -4.02
CA SER A 731 -9.90 -3.36 -4.15
C SER A 731 -8.79 -3.47 -3.06
N GLN A 732 -9.09 -4.17 -1.93
CA GLN A 732 -8.14 -4.38 -0.84
C GLN A 732 -7.17 -5.54 -1.15
N LEU A 733 -7.51 -6.38 -2.16
CA LEU A 733 -6.71 -7.54 -2.55
C LEU A 733 -5.56 -7.15 -3.48
N VAL A 734 -4.64 -6.38 -2.92
CA VAL A 734 -3.50 -5.84 -3.65
C VAL A 734 -2.29 -6.76 -3.58
N ARG A 735 -1.66 -7.06 -4.71
CA ARG A 735 -0.44 -7.85 -4.75
C ARG A 735 0.70 -6.87 -5.08
N TYR A 736 1.93 -7.16 -4.61
CA TYR A 736 3.10 -6.28 -4.81
C TYR A 736 3.66 -6.37 -6.19
N ARG A 737 4.13 -5.23 -6.71
CA ARG A 737 4.66 -5.13 -8.05
C ARG A 737 6.19 -5.22 -8.03
N GLU A 738 6.80 -5.54 -9.20
CA GLU A 738 8.25 -5.54 -9.34
C GLU A 738 8.69 -4.18 -9.93
N VAL A 739 9.84 -3.68 -9.48
CA VAL A 739 10.47 -2.45 -9.95
C VAL A 739 10.81 -2.57 -11.45
N GLN A 740 10.41 -1.58 -12.26
CA GLN A 740 10.66 -1.58 -13.70
C GLN A 740 11.97 -0.85 -14.00
N LEU A 741 13.03 -1.62 -14.30
CA LEU A 741 14.36 -1.09 -14.59
C LEU A 741 14.42 -0.37 -15.95
N PRO A 742 15.22 0.72 -16.07
CA PRO A 742 15.25 1.44 -17.35
C PRO A 742 16.10 0.73 -18.39
N ASP A 743 15.75 0.91 -19.67
CA ASP A 743 16.51 0.35 -20.81
C ASP A 743 17.94 0.87 -20.75
N ARG A 744 18.93 -0.05 -20.92
CA ARG A 744 20.38 0.22 -20.92
C ARG A 744 20.96 0.59 -19.54
N GLY A 745 20.18 0.41 -18.48
CA GLY A 745 20.62 0.73 -17.11
C GLY A 745 21.32 -0.40 -16.40
N TRP A 746 22.31 -0.06 -15.56
CA TRP A 746 23.05 -1.00 -14.71
C TRP A 746 23.19 -0.42 -13.32
N PHE A 747 22.57 -1.10 -12.36
CA PHE A 747 22.58 -0.70 -10.95
C PHE A 747 23.29 -1.74 -10.15
N VAL A 748 24.05 -1.29 -9.16
CA VAL A 748 24.79 -2.17 -8.26
C VAL A 748 24.46 -1.80 -6.80
N TYR A 749 24.15 -2.82 -5.99
CA TYR A 749 23.94 -2.62 -4.56
C TYR A 749 25.05 -3.42 -3.85
N GLN A 750 25.86 -2.74 -3.05
CA GLN A 750 26.96 -3.38 -2.35
C GLN A 750 26.82 -3.44 -0.83
N GLN A 751 27.12 -4.62 -0.28
CA GLN A 751 27.12 -4.89 1.16
C GLN A 751 28.30 -5.79 1.52
N ARG A 752 28.50 -6.07 2.81
CA ARG A 752 29.56 -6.94 3.30
C ARG A 752 29.01 -8.02 4.24
N ASN A 753 29.49 -9.27 4.10
CA ASN A 753 29.18 -10.37 5.02
C ASN A 753 30.31 -10.32 6.09
N GLU A 754 29.93 -10.12 7.35
CA GLU A 754 30.84 -9.94 8.49
C GLU A 754 31.38 -11.25 9.10
N VAL A 755 30.89 -12.41 8.61
CA VAL A 755 31.19 -13.74 9.13
C VAL A 755 32.07 -14.58 8.19
N HIS A 756 31.66 -14.72 6.93
CA HIS A 756 32.34 -15.52 5.93
C HIS A 756 33.33 -14.69 5.15
N ASN A 757 34.49 -15.30 4.82
CA ASN A 757 35.53 -14.65 4.01
C ASN A 757 35.45 -15.17 2.57
N ASN A 758 34.23 -15.08 2.01
CA ASN A 758 33.88 -15.42 0.63
C ASN A 758 32.95 -14.32 0.14
N SER A 759 32.97 -14.06 -1.17
CA SER A 759 32.10 -13.08 -1.81
C SER A 759 30.84 -13.77 -2.31
N GLY A 760 29.77 -12.99 -2.38
CA GLY A 760 28.47 -13.43 -2.89
C GLY A 760 27.98 -12.43 -3.92
N ILE A 761 27.33 -12.94 -4.97
CA ILE A 761 26.82 -12.09 -6.04
C ILE A 761 25.56 -12.67 -6.66
N GLU A 762 24.64 -11.79 -7.03
CA GLU A 762 23.47 -12.12 -7.83
C GLU A 762 23.40 -11.08 -8.93
N ILE A 763 23.35 -11.55 -10.17
CA ILE A 763 23.24 -10.68 -11.34
C ILE A 763 21.89 -10.99 -11.94
N TYR A 764 21.07 -9.96 -12.15
CA TYR A 764 19.74 -10.12 -12.71
C TYR A 764 19.55 -9.27 -13.94
N TYR A 765 19.25 -9.94 -15.05
CA TYR A 765 18.96 -9.31 -16.33
C TYR A 765 17.45 -9.42 -16.46
N GLN A 766 16.74 -8.36 -16.06
CA GLN A 766 15.29 -8.31 -16.11
C GLN A 766 14.85 -8.28 -17.56
N THR A 767 13.89 -9.13 -17.92
CA THR A 767 13.43 -9.15 -19.30
C THR A 767 12.10 -8.44 -19.41
N ASP A 768 11.00 -9.16 -19.28
CA ASP A 768 9.68 -8.58 -19.37
C ASP A 768 8.68 -9.35 -18.50
N MET A 769 7.42 -8.94 -18.58
CA MET A 769 6.28 -9.57 -17.95
C MET A 769 6.15 -10.98 -18.56
N GLN A 770 5.74 -11.94 -17.73
CA GLN A 770 5.54 -13.32 -18.15
C GLN A 770 4.41 -13.41 -19.18
N SER A 771 4.63 -14.24 -20.20
CA SER A 771 3.73 -14.58 -21.32
C SER A 771 4.25 -15.89 -21.91
N THR A 772 3.42 -16.60 -22.69
CA THR A 772 3.84 -17.87 -23.32
C THR A 772 5.18 -17.78 -24.05
N SER A 773 5.33 -16.76 -24.91
CA SER A 773 6.53 -16.51 -25.71
C SER A 773 7.75 -16.11 -24.89
N GLU A 774 7.58 -15.11 -24.01
CA GLU A 774 8.64 -14.58 -23.15
C GLU A 774 9.23 -15.66 -22.24
N ASN A 775 8.35 -16.51 -21.67
CA ASN A 775 8.75 -17.63 -20.79
C ASN A 775 9.60 -18.62 -21.56
N MET A 776 9.19 -18.97 -22.78
CA MET A 776 9.92 -19.94 -23.59
C MET A 776 11.23 -19.43 -24.19
N PHE A 777 11.32 -18.13 -24.54
CA PHE A 777 12.57 -17.52 -25.02
C PHE A 777 13.62 -17.64 -23.93
N LEU A 778 13.27 -17.17 -22.71
CA LEU A 778 14.12 -17.20 -21.51
C LEU A 778 14.47 -18.61 -21.09
N GLU A 779 13.49 -19.52 -21.06
CA GLU A 779 13.71 -20.92 -20.65
C GLU A 779 14.61 -21.69 -21.60
N LEU A 780 14.46 -21.48 -22.92
CA LEU A 780 15.32 -22.13 -23.91
C LEU A 780 16.75 -21.57 -23.85
N PHE A 781 16.90 -20.24 -23.69
CA PHE A 781 18.22 -19.63 -23.53
C PHE A 781 18.88 -20.21 -22.27
N ALA A 782 18.11 -20.29 -21.14
CA ALA A 782 18.60 -20.86 -19.89
C ALA A 782 19.04 -22.33 -20.07
N GLN A 783 18.25 -23.13 -20.83
CA GLN A 783 18.52 -24.54 -21.14
C GLN A 783 19.88 -24.66 -21.85
N ILE A 784 20.07 -23.90 -22.96
CA ILE A 784 21.30 -23.84 -23.76
C ILE A 784 22.56 -23.48 -22.93
N ILE A 785 22.47 -22.45 -22.09
CA ILE A 785 23.61 -21.96 -21.31
C ILE A 785 23.91 -22.73 -20.03
N SER A 786 22.95 -23.53 -19.53
CA SER A 786 23.06 -24.27 -18.27
C SER A 786 24.33 -25.09 -18.08
N GLU A 787 24.54 -26.15 -18.90
CA GLU A 787 25.74 -27.01 -18.86
C GLU A 787 27.03 -26.20 -19.12
N PRO A 788 27.13 -25.38 -20.20
CA PRO A 788 28.34 -24.57 -20.40
C PRO A 788 28.71 -23.64 -19.25
N ALA A 789 27.71 -23.03 -18.55
CA ALA A 789 27.93 -22.13 -17.39
C ALA A 789 28.64 -22.86 -16.27
N PHE A 790 28.25 -24.11 -16.01
CA PHE A 790 28.87 -24.96 -14.99
C PHE A 790 30.28 -25.36 -15.44
N ASN A 791 30.42 -25.79 -16.72
CA ASN A 791 31.68 -26.23 -17.31
C ASN A 791 32.73 -25.09 -17.41
N THR A 792 32.28 -23.88 -17.78
CA THR A 792 33.18 -22.72 -17.92
C THR A 792 33.48 -22.06 -16.58
N LEU A 793 32.46 -21.50 -15.91
CA LEU A 793 32.61 -20.75 -14.66
C LEU A 793 33.05 -21.58 -13.47
N ARG A 794 32.46 -22.77 -13.27
CA ARG A 794 32.84 -23.62 -12.13
C ARG A 794 34.02 -24.56 -12.44
N THR A 795 33.85 -25.46 -13.43
CA THR A 795 34.84 -26.47 -13.83
C THR A 795 36.19 -25.90 -14.29
N LYS A 796 36.21 -25.10 -15.39
CA LYS A 796 37.40 -24.53 -16.00
C LYS A 796 38.03 -23.37 -15.19
N GLU A 797 37.30 -22.24 -15.08
CA GLU A 797 37.77 -21.01 -14.42
C GLU A 797 37.96 -21.11 -12.91
N GLN A 798 37.35 -22.13 -12.27
CA GLN A 798 37.42 -22.38 -10.82
C GLN A 798 36.91 -21.18 -10.01
N LEU A 799 35.83 -20.49 -10.51
CA LEU A 799 35.27 -19.31 -9.86
C LEU A 799 34.84 -19.53 -8.42
N GLY A 800 34.16 -20.64 -8.16
CA GLY A 800 33.71 -21.02 -6.83
C GLY A 800 32.80 -22.25 -6.83
N TYR A 801 32.46 -22.76 -5.63
CA TYR A 801 31.59 -23.92 -5.42
C TYR A 801 30.19 -23.64 -5.99
N ILE A 802 29.60 -22.51 -5.55
CA ILE A 802 28.30 -22.07 -6.00
C ILE A 802 28.46 -21.27 -7.30
N VAL A 803 27.94 -21.83 -8.38
CA VAL A 803 27.83 -21.26 -9.72
C VAL A 803 26.43 -21.68 -10.19
N PHE A 804 25.54 -20.71 -10.35
CA PHE A 804 24.18 -20.98 -10.74
C PHE A 804 23.70 -20.02 -11.81
N SER A 805 22.91 -20.55 -12.75
CA SER A 805 22.26 -19.75 -13.78
C SER A 805 20.87 -20.30 -14.03
N GLY A 806 19.94 -19.42 -14.33
CA GLY A 806 18.57 -19.81 -14.60
C GLY A 806 17.54 -18.69 -14.60
N PRO A 807 16.28 -19.01 -14.95
CA PRO A 807 15.24 -17.98 -14.95
C PRO A 807 14.90 -17.55 -13.51
N ARG A 808 14.60 -16.25 -13.35
CA ARG A 808 14.22 -15.65 -12.08
C ARG A 808 12.80 -15.14 -12.29
N ARG A 809 11.85 -15.62 -11.47
CA ARG A 809 10.43 -15.24 -11.55
C ARG A 809 9.94 -14.67 -10.23
N ALA A 810 9.40 -13.44 -10.29
CA ALA A 810 8.84 -12.74 -9.12
C ALA A 810 7.81 -11.72 -9.56
N ASN A 811 6.64 -11.76 -8.92
CA ASN A 811 5.54 -10.78 -9.08
C ASN A 811 5.11 -10.56 -10.50
N GLY A 812 5.06 -11.65 -11.25
CA GLY A 812 4.64 -11.66 -12.66
C GLY A 812 5.71 -11.31 -13.68
N ILE A 813 6.88 -10.91 -13.21
CA ILE A 813 8.03 -10.51 -14.01
C ILE A 813 9.11 -11.61 -14.00
N GLN A 814 10.00 -11.56 -14.99
CA GLN A 814 11.08 -12.52 -15.13
C GLN A 814 12.36 -11.95 -15.70
N GLY A 815 13.39 -12.77 -15.65
CA GLY A 815 14.70 -12.47 -16.21
C GLY A 815 15.67 -13.59 -16.02
N LEU A 816 16.92 -13.34 -16.45
CA LEU A 816 18.01 -14.28 -16.32
C LEU A 816 18.83 -13.88 -15.12
N ARG A 817 19.20 -14.87 -14.31
CA ARG A 817 20.06 -14.60 -13.17
C ARG A 817 21.28 -15.52 -13.10
N PHE A 818 22.30 -15.03 -12.43
CA PHE A 818 23.54 -15.71 -12.12
C PHE A 818 23.77 -15.53 -10.65
N ILE A 819 24.03 -16.63 -9.94
CA ILE A 819 24.34 -16.60 -8.51
C ILE A 819 25.71 -17.31 -8.35
N ILE A 820 26.69 -16.61 -7.78
CA ILE A 820 28.04 -17.13 -7.61
C ILE A 820 28.55 -16.74 -6.23
N GLN A 821 29.22 -17.70 -5.56
CA GLN A 821 29.91 -17.53 -4.29
C GLN A 821 31.36 -17.93 -4.55
N SER A 822 32.28 -16.95 -4.38
CA SER A 822 33.69 -17.06 -4.71
C SER A 822 34.59 -16.40 -3.67
N GLU A 823 35.90 -16.70 -3.72
CA GLU A 823 36.91 -16.05 -2.88
C GLU A 823 37.35 -14.77 -3.62
N LYS A 824 37.04 -14.68 -4.93
CA LYS A 824 37.39 -13.58 -5.84
C LYS A 824 36.40 -12.39 -5.74
N PRO A 825 36.87 -11.13 -5.92
CA PRO A 825 35.96 -9.98 -5.80
C PRO A 825 34.75 -9.96 -6.74
N PRO A 826 33.60 -9.39 -6.29
CA PRO A 826 32.40 -9.36 -7.16
C PRO A 826 32.60 -8.70 -8.51
N HIS A 827 33.40 -7.62 -8.56
CA HIS A 827 33.69 -6.94 -9.82
C HIS A 827 34.37 -7.89 -10.85
N TYR A 828 35.17 -8.86 -10.36
CA TYR A 828 35.83 -9.86 -11.20
C TYR A 828 34.83 -10.90 -11.73
N LEU A 829 33.92 -11.39 -10.85
CA LEU A 829 32.86 -12.34 -11.25
C LEU A 829 31.98 -11.74 -12.33
N GLU A 830 31.74 -10.41 -12.25
CA GLU A 830 30.98 -9.63 -13.24
C GLU A 830 31.57 -9.77 -14.63
N SER A 831 32.90 -9.52 -14.75
CA SER A 831 33.62 -9.58 -16.03
C SER A 831 33.61 -10.99 -16.63
N ARG A 832 33.74 -12.01 -15.77
CA ARG A 832 33.76 -13.42 -16.18
C ARG A 832 32.41 -13.89 -16.71
N VAL A 833 31.30 -13.41 -16.12
CA VAL A 833 29.94 -13.76 -16.57
C VAL A 833 29.69 -13.12 -17.93
N GLU A 834 30.08 -11.84 -18.07
CA GLU A 834 29.93 -11.09 -19.31
C GLU A 834 30.74 -11.69 -20.47
N ALA A 835 31.95 -12.19 -20.14
CA ALA A 835 32.86 -12.91 -21.02
C ALA A 835 32.15 -14.16 -21.53
N PHE A 836 31.51 -14.90 -20.60
CA PHE A 836 30.77 -16.13 -20.84
C PHE A 836 29.57 -15.92 -21.76
N LEU A 837 28.82 -14.81 -21.59
CA LEU A 837 27.64 -14.49 -22.42
C LEU A 837 28.00 -14.32 -23.90
N ILE A 838 29.19 -13.75 -24.15
CA ILE A 838 29.76 -13.56 -25.49
C ILE A 838 30.08 -14.91 -26.13
N THR A 839 30.71 -15.83 -25.36
CA THR A 839 31.03 -17.21 -25.73
C THR A 839 29.73 -17.98 -26.06
N MET A 840 28.64 -17.66 -25.36
CA MET A 840 27.33 -18.28 -25.57
C MET A 840 26.63 -17.77 -26.80
N GLU A 841 26.80 -16.47 -27.11
CA GLU A 841 26.26 -15.80 -28.30
C GLU A 841 26.87 -16.52 -29.51
N LYS A 842 28.21 -16.73 -29.45
CA LYS A 842 29.03 -17.44 -30.43
C LYS A 842 28.51 -18.87 -30.61
N SER A 843 28.40 -19.61 -29.47
CA SER A 843 27.95 -20.99 -29.38
C SER A 843 26.58 -21.26 -30.03
N ILE A 844 25.63 -20.29 -29.93
CA ILE A 844 24.30 -20.45 -30.54
C ILE A 844 24.39 -20.25 -32.05
N GLU A 845 25.19 -19.27 -32.52
CA GLU A 845 25.41 -18.98 -33.94
C GLU A 845 25.98 -20.24 -34.63
N ASP A 846 26.96 -20.88 -33.95
CA ASP A 846 27.70 -22.05 -34.41
C ASP A 846 26.96 -23.40 -34.33
N MET A 847 26.15 -23.64 -33.28
CA MET A 847 25.47 -24.94 -33.11
C MET A 847 24.61 -25.44 -34.26
N THR A 848 24.64 -26.76 -34.50
CA THR A 848 23.87 -27.43 -35.55
C THR A 848 22.39 -27.40 -35.18
N GLU A 849 21.49 -27.52 -36.17
CA GLU A 849 20.05 -27.58 -35.94
C GLU A 849 19.72 -28.81 -35.08
N GLU A 850 20.46 -29.92 -35.29
CA GLU A 850 20.33 -31.16 -34.53
C GLU A 850 20.62 -30.93 -33.03
N ALA A 851 21.71 -30.17 -32.72
CA ALA A 851 22.14 -29.83 -31.35
C ALA A 851 21.13 -28.89 -30.68
N PHE A 852 20.58 -27.94 -31.47
CA PHE A 852 19.57 -27.00 -31.04
C PHE A 852 18.26 -27.72 -30.69
N GLN A 853 17.84 -28.66 -31.55
CA GLN A 853 16.62 -29.43 -31.36
C GLN A 853 16.72 -30.39 -30.17
N LYS A 854 17.96 -30.77 -29.81
CA LYS A 854 18.25 -31.60 -28.63
C LYS A 854 18.01 -30.75 -27.35
N HIS A 855 18.28 -29.42 -27.42
CA HIS A 855 18.03 -28.49 -26.31
C HIS A 855 16.53 -28.33 -26.11
N ILE A 856 15.75 -28.13 -27.20
CA ILE A 856 14.29 -28.04 -27.19
C ILE A 856 13.71 -29.31 -26.54
N GLN A 857 14.18 -30.49 -26.95
CA GLN A 857 13.72 -31.78 -26.44
C GLN A 857 14.10 -31.99 -24.98
N ALA A 858 15.33 -31.59 -24.57
CA ALA A 858 15.75 -31.71 -23.16
C ALA A 858 14.85 -30.86 -22.26
N LEU A 859 14.54 -29.62 -22.70
CA LEU A 859 13.65 -28.70 -21.97
C LEU A 859 12.22 -29.25 -21.89
N ALA A 860 11.68 -29.72 -23.03
CA ALA A 860 10.34 -30.29 -23.15
C ALA A 860 10.13 -31.47 -22.17
N ILE A 861 11.11 -32.39 -22.09
CA ILE A 861 11.09 -33.55 -21.20
C ILE A 861 11.03 -33.13 -19.73
N ARG A 862 11.88 -32.16 -19.34
CA ARG A 862 11.94 -31.60 -17.99
C ARG A 862 10.59 -30.98 -17.61
N ARG A 863 10.01 -30.19 -18.52
CA ARG A 863 8.75 -29.51 -18.29
C ARG A 863 7.57 -30.47 -18.16
N LEU A 864 7.59 -31.58 -18.93
CA LEU A 864 6.54 -32.59 -18.91
C LEU A 864 6.74 -33.70 -17.85
N ASP A 865 7.80 -33.59 -17.02
CA ASP A 865 8.12 -34.53 -15.91
C ASP A 865 6.94 -34.67 -14.94
N LYS A 866 6.41 -35.89 -14.86
CA LYS A 866 5.22 -36.26 -14.11
C LYS A 866 5.41 -36.41 -12.61
N PRO A 867 4.56 -35.80 -11.75
CA PRO A 867 4.71 -35.97 -10.29
C PRO A 867 4.52 -37.42 -9.88
N LYS A 868 5.39 -37.94 -9.01
CA LYS A 868 5.34 -39.34 -8.54
C LYS A 868 4.51 -39.47 -7.25
N LYS A 869 4.19 -38.34 -6.63
CA LYS A 869 3.40 -38.28 -5.42
C LYS A 869 2.40 -37.14 -5.46
N LEU A 870 1.34 -37.23 -4.64
CA LEU A 870 0.26 -36.24 -4.55
C LEU A 870 0.76 -34.83 -4.20
N SER A 871 1.69 -34.71 -3.23
CA SER A 871 2.24 -33.42 -2.81
C SER A 871 3.00 -32.70 -3.89
N ALA A 872 3.64 -33.44 -4.79
CA ALA A 872 4.39 -32.87 -5.90
C ALA A 872 3.43 -32.29 -6.94
N GLU A 873 2.23 -32.92 -7.08
CA GLU A 873 1.17 -32.47 -7.99
C GLU A 873 0.48 -31.23 -7.44
N SER A 874 0.11 -31.26 -6.14
CA SER A 874 -0.51 -30.16 -5.41
C SER A 874 0.39 -28.92 -5.45
N ALA A 875 1.72 -29.09 -5.25
CA ALA A 875 2.72 -28.00 -5.26
C ALA A 875 2.74 -27.28 -6.60
N LYS A 876 2.62 -28.04 -7.71
CA LYS A 876 2.52 -27.50 -9.06
C LYS A 876 1.24 -26.66 -9.20
N TYR A 877 0.10 -27.18 -8.71
CA TYR A 877 -1.18 -26.44 -8.77
C TYR A 877 -1.16 -25.19 -7.89
N TRP A 878 -0.55 -25.31 -6.70
CA TRP A 878 -0.41 -24.23 -5.73
C TRP A 878 0.43 -23.06 -6.27
N GLY A 879 1.46 -23.38 -7.08
CA GLY A 879 2.32 -22.40 -7.74
C GLY A 879 1.52 -21.48 -8.65
N GLU A 880 0.53 -22.06 -9.36
CA GLU A 880 -0.38 -21.36 -10.28
C GLU A 880 -1.36 -20.47 -9.52
N ILE A 881 -1.76 -20.94 -8.33
CA ILE A 881 -2.67 -20.25 -7.45
C ILE A 881 -1.99 -19.06 -6.76
N ILE A 882 -0.84 -19.28 -6.08
CA ILE A 882 -0.08 -18.22 -5.40
C ILE A 882 0.45 -17.11 -6.33
N SER A 883 0.52 -17.35 -7.64
CA SER A 883 1.00 -16.36 -8.60
C SER A 883 -0.20 -15.66 -9.28
N GLN A 884 -1.43 -16.17 -9.02
CA GLN A 884 -2.70 -15.73 -9.59
C GLN A 884 -2.74 -15.81 -11.12
N GLN A 885 -2.03 -16.78 -11.69
CA GLN A 885 -2.02 -16.98 -13.14
C GLN A 885 -2.99 -18.10 -13.53
N TYR A 886 -3.20 -19.08 -12.62
CA TYR A 886 -4.17 -20.19 -12.77
C TYR A 886 -4.07 -20.96 -14.10
N ASN A 887 -2.86 -21.02 -14.68
CA ASN A 887 -2.58 -21.73 -15.93
C ASN A 887 -2.20 -23.21 -15.59
N PHE A 888 -3.20 -24.04 -15.28
CA PHE A 888 -2.97 -25.45 -14.91
C PHE A 888 -2.49 -26.36 -16.04
N ASP A 889 -2.80 -25.98 -17.30
CA ASP A 889 -2.40 -26.71 -18.51
C ASP A 889 -1.18 -26.07 -19.15
N ARG A 890 -0.41 -25.27 -18.39
CA ARG A 890 0.79 -24.55 -18.84
C ARG A 890 1.82 -25.42 -19.55
N ASP A 891 2.28 -26.52 -18.91
CA ASP A 891 3.30 -27.41 -19.45
C ASP A 891 3.04 -27.83 -20.88
N ASN A 892 1.83 -28.36 -21.22
CA ASN A 892 1.45 -28.74 -22.58
C ASN A 892 1.51 -27.57 -23.57
N THR A 893 0.84 -26.46 -23.25
CA THR A 893 0.76 -25.23 -24.08
C THR A 893 2.15 -24.62 -24.32
N GLU A 894 2.97 -24.52 -23.26
CA GLU A 894 4.30 -23.96 -23.36
C GLU A 894 5.29 -24.84 -24.13
N VAL A 895 5.22 -26.19 -23.97
CA VAL A 895 6.06 -27.15 -24.70
C VAL A 895 5.71 -27.07 -26.22
N ALA A 896 4.42 -27.01 -26.54
CA ALA A 896 3.90 -26.89 -27.91
C ALA A 896 4.46 -25.65 -28.59
N TYR A 897 4.54 -24.51 -27.87
CA TYR A 897 5.10 -23.25 -28.39
C TYR A 897 6.61 -23.38 -28.55
N LEU A 898 7.29 -23.94 -27.53
CA LEU A 898 8.74 -24.15 -27.52
C LEU A 898 9.24 -24.86 -28.78
N LYS A 899 8.54 -25.92 -29.21
CA LYS A 899 8.85 -26.74 -30.38
C LYS A 899 8.82 -25.94 -31.71
N THR A 900 8.07 -24.82 -31.75
CA THR A 900 7.97 -23.94 -32.93
C THR A 900 9.16 -22.94 -33.00
N LEU A 901 9.92 -22.81 -31.90
CA LEU A 901 11.04 -21.85 -31.82
C LEU A 901 12.23 -22.17 -32.69
N THR A 902 12.84 -21.11 -33.25
CA THR A 902 14.01 -21.22 -34.12
C THR A 902 15.24 -20.67 -33.42
N LYS A 903 16.42 -21.07 -33.91
CA LYS A 903 17.72 -20.64 -33.41
C LYS A 903 17.83 -19.11 -33.59
N GLU A 904 17.21 -18.58 -34.67
CA GLU A 904 17.15 -17.17 -35.02
C GLU A 904 16.37 -16.40 -33.95
N ASP A 905 15.21 -16.95 -33.51
CA ASP A 905 14.35 -16.38 -32.48
C ASP A 905 15.11 -16.12 -31.17
N ILE A 906 15.98 -17.08 -30.79
CA ILE A 906 16.82 -17.01 -29.58
C ILE A 906 17.93 -15.95 -29.73
N ILE A 907 18.53 -15.88 -30.92
CA ILE A 907 19.56 -14.90 -31.27
C ILE A 907 18.98 -13.47 -31.19
N LYS A 908 17.78 -13.28 -31.79
CA LYS A 908 17.04 -12.01 -31.80
C LYS A 908 16.76 -11.54 -30.35
N PHE A 909 16.21 -12.46 -29.52
CA PHE A 909 15.85 -12.24 -28.11
C PHE A 909 17.06 -11.83 -27.30
N TYR A 910 18.16 -12.59 -27.41
CA TYR A 910 19.43 -12.32 -26.74
C TYR A 910 19.96 -10.93 -27.13
N LYS A 911 19.83 -10.57 -28.43
CA LYS A 911 20.32 -9.32 -29.00
C LYS A 911 19.51 -8.12 -28.52
N GLU A 912 18.20 -8.30 -28.26
CA GLU A 912 17.33 -7.22 -27.79
C GLU A 912 17.35 -7.04 -26.26
N MET A 913 17.43 -8.16 -25.51
CA MET A 913 17.32 -8.19 -24.05
C MET A 913 18.57 -8.43 -23.20
N LEU A 914 19.50 -9.30 -23.66
CA LEU A 914 20.64 -9.73 -22.85
C LEU A 914 22.04 -9.28 -23.20
N ALA A 915 22.34 -9.10 -24.50
CA ALA A 915 23.67 -8.70 -25.00
C ALA A 915 24.14 -7.41 -24.33
N VAL A 916 25.45 -7.30 -24.06
CA VAL A 916 26.09 -6.13 -23.46
C VAL A 916 25.67 -4.78 -24.14
N ASP A 917 25.36 -4.83 -25.44
CA ASP A 917 24.95 -3.68 -26.25
C ASP A 917 23.44 -3.68 -26.61
N ALA A 918 22.64 -4.58 -25.99
CA ALA A 918 21.19 -4.68 -26.20
C ALA A 918 20.44 -3.37 -25.87
N PRO A 919 19.47 -2.97 -26.73
CA PRO A 919 18.73 -1.72 -26.46
C PRO A 919 17.83 -1.78 -25.22
N ARG A 920 17.42 -3.00 -24.83
CA ARG A 920 16.53 -3.24 -23.70
C ARG A 920 17.20 -4.06 -22.58
N ARG A 921 18.48 -3.81 -22.32
CA ARG A 921 19.22 -4.45 -21.26
C ARG A 921 18.85 -3.78 -19.94
N HIS A 922 18.35 -4.57 -18.96
CA HIS A 922 17.95 -4.10 -17.63
C HIS A 922 18.73 -4.94 -16.64
N LYS A 923 19.92 -4.44 -16.24
CA LYS A 923 20.82 -5.18 -15.36
C LYS A 923 20.84 -4.58 -13.96
N VAL A 924 20.72 -5.45 -12.95
CA VAL A 924 20.80 -5.12 -11.53
C VAL A 924 21.68 -6.17 -10.84
N SER A 925 22.74 -5.71 -10.14
CA SER A 925 23.65 -6.59 -9.44
C SER A 925 23.72 -6.32 -7.95
N VAL A 926 23.78 -7.39 -7.18
CA VAL A 926 23.99 -7.29 -5.74
C VAL A 926 25.36 -7.89 -5.49
N HIS A 927 26.25 -7.11 -4.86
CA HIS A 927 27.61 -7.48 -4.52
C HIS A 927 27.77 -7.61 -3.01
N VAL A 928 28.00 -8.84 -2.52
CA VAL A 928 28.22 -9.06 -1.08
C VAL A 928 29.70 -9.40 -0.89
N LEU A 929 30.43 -8.47 -0.29
CA LEU A 929 31.87 -8.58 -0.02
C LEU A 929 32.22 -9.60 1.04
N ALA A 930 33.43 -10.19 0.94
CA ALA A 930 33.96 -11.11 1.93
C ALA A 930 34.38 -10.32 3.17
N ARG A 931 34.42 -10.99 4.36
CA ARG A 931 34.75 -10.40 5.66
C ARG A 931 35.97 -9.45 5.64
N GLU A 932 37.08 -9.91 5.05
CA GLU A 932 38.35 -9.19 4.97
C GLU A 932 38.49 -8.31 3.71
N MET A 933 37.69 -8.59 2.65
CA MET A 933 37.67 -7.93 1.34
C MET A 933 37.57 -6.42 1.43
N ASP A 934 38.30 -5.74 0.54
CA ASP A 934 38.37 -4.29 0.43
C ASP A 934 37.16 -3.71 -0.33
N SER A 935 36.69 -2.53 0.12
CA SER A 935 35.55 -1.81 -0.45
C SER A 935 36.01 -0.74 -1.47
N LEU A 950 42.26 -17.17 -21.15
CA LEU A 950 40.86 -16.92 -20.77
C LEU A 950 40.11 -16.13 -21.82
N SER A 951 38.78 -16.37 -21.95
CA SER A 951 37.88 -15.67 -22.88
C SER A 951 37.81 -14.17 -22.53
N GLN A 952 37.96 -13.30 -23.55
CA GLN A 952 37.99 -11.85 -23.39
C GLN A 952 36.68 -11.23 -22.88
N ALA A 953 36.74 -10.59 -21.69
CA ALA A 953 35.62 -9.90 -21.07
C ALA A 953 35.34 -8.58 -21.83
N PRO A 954 34.06 -8.27 -22.13
CA PRO A 954 33.76 -7.03 -22.86
C PRO A 954 33.96 -5.77 -22.02
N ALA A 955 33.85 -4.59 -22.68
CA ALA A 955 33.95 -3.30 -22.02
C ALA A 955 32.63 -3.08 -21.27
N LEU A 956 32.73 -2.86 -19.95
CA LEU A 956 31.55 -2.67 -19.11
C LEU A 956 31.33 -1.23 -18.68
N PRO A 957 30.07 -0.74 -18.75
CA PRO A 957 29.80 0.65 -18.34
C PRO A 957 29.95 0.89 -16.83
N GLN A 958 29.96 2.16 -16.41
CA GLN A 958 30.04 2.52 -15.01
C GLN A 958 28.67 2.24 -14.37
N PRO A 959 28.58 1.44 -13.30
CA PRO A 959 27.25 1.16 -12.73
C PRO A 959 26.76 2.30 -11.85
N GLU A 960 25.44 2.42 -11.71
CA GLU A 960 24.87 3.39 -10.80
C GLU A 960 24.85 2.68 -9.44
N VAL A 961 25.51 3.24 -8.45
CA VAL A 961 25.56 2.60 -7.15
C VAL A 961 24.33 3.02 -6.33
N ILE A 962 23.56 2.01 -5.84
CA ILE A 962 22.37 2.23 -5.03
C ILE A 962 22.85 2.48 -3.60
N GLN A 963 22.53 3.65 -3.06
CA GLN A 963 22.90 4.05 -1.69
C GLN A 963 21.72 3.87 -0.76
N ASN A 964 20.51 4.22 -1.24
CA ASN A 964 19.25 4.17 -0.52
C ASN A 964 18.23 3.40 -1.36
N MET A 965 17.75 2.28 -0.84
CA MET A 965 16.77 1.40 -1.51
C MET A 965 15.43 2.10 -1.79
N THR A 966 14.99 2.95 -0.86
CA THR A 966 13.76 3.73 -0.94
C THR A 966 13.80 4.72 -2.09
N GLU A 967 14.89 5.51 -2.21
CA GLU A 967 15.04 6.48 -3.29
C GLU A 967 15.12 5.81 -4.64
N PHE A 968 15.79 4.63 -4.70
CA PHE A 968 15.93 3.81 -5.90
C PHE A 968 14.55 3.41 -6.42
N LYS A 969 13.70 2.86 -5.55
CA LYS A 969 12.33 2.46 -5.86
C LYS A 969 11.45 3.66 -6.25
N ARG A 970 11.53 4.78 -5.50
CA ARG A 970 10.73 6.00 -5.75
C ARG A 970 10.99 6.58 -7.13
N GLY A 971 12.25 6.51 -7.57
CA GLY A 971 12.70 7.06 -8.86
C GLY A 971 12.41 6.20 -10.07
N LEU A 972 11.75 5.04 -9.87
CA LEU A 972 11.47 4.13 -10.99
C LEU A 972 10.00 3.77 -11.11
N PRO A 973 9.51 3.36 -12.32
CA PRO A 973 8.13 2.93 -12.42
C PRO A 973 7.94 1.52 -11.86
N LEU A 974 6.67 1.13 -11.70
CA LEU A 974 6.34 -0.20 -11.21
C LEU A 974 5.64 -0.91 -12.32
N PHE A 975 5.98 -2.18 -12.52
CA PHE A 975 5.34 -2.96 -13.57
C PHE A 975 3.85 -3.19 -13.31
N PRO A 976 3.02 -3.51 -14.33
CA PRO A 976 1.64 -3.99 -14.04
C PRO A 976 1.73 -5.39 -13.38
N LEU A 977 0.59 -5.96 -12.96
CA LEU A 977 0.52 -7.33 -12.44
C LEU A 977 -0.08 -8.21 -13.54
N VAL A 978 0.37 -9.49 -13.65
CA VAL A 978 -0.07 -10.46 -14.67
C VAL A 978 -1.58 -10.74 -14.64
N LYS A 979 -2.23 -10.67 -15.81
CA LYS A 979 -3.64 -11.00 -16.01
C LYS A 979 -3.85 -12.53 -15.81
N PRO A 980 -4.81 -12.95 -14.97
CA PRO A 980 -5.03 -14.40 -14.78
C PRO A 980 -5.61 -15.15 -15.99
N HIS A 981 -5.48 -16.48 -15.95
CA HIS A 981 -6.01 -17.39 -16.95
C HIS A 981 -7.44 -17.76 -16.51
N ILE A 982 -8.44 -17.30 -17.29
CA ILE A 982 -9.86 -17.52 -17.02
C ILE A 982 -10.46 -18.61 -17.92
N ASN B 13 -13.16 74.36 -7.99
CA ASN B 13 -12.48 74.78 -9.22
C ASN B 13 -13.20 74.29 -10.50
N ASN B 14 -13.18 72.96 -10.77
CA ASN B 14 -13.82 72.34 -11.93
C ASN B 14 -15.34 72.41 -11.80
N PRO B 15 -16.08 72.95 -12.80
CA PRO B 15 -17.54 73.03 -12.65
C PRO B 15 -18.25 71.70 -12.71
N ALA B 16 -17.67 70.66 -13.37
CA ALA B 16 -18.27 69.32 -13.50
C ALA B 16 -18.30 68.52 -12.16
N ILE B 17 -17.63 69.02 -11.12
CA ILE B 17 -17.57 68.42 -9.81
C ILE B 17 -18.48 69.20 -8.86
N LYS B 18 -19.52 68.54 -8.32
CA LYS B 18 -20.46 69.15 -7.37
C LYS B 18 -19.73 69.48 -6.04
N ARG B 19 -18.91 68.54 -5.55
CA ARG B 19 -18.15 68.67 -4.31
C ARG B 19 -17.05 67.60 -4.20
N ILE B 20 -16.02 67.90 -3.42
CA ILE B 20 -14.92 66.98 -3.13
C ILE B 20 -15.05 66.71 -1.63
N GLY B 21 -15.04 65.43 -1.27
CA GLY B 21 -15.14 65.01 0.11
C GLY B 21 -13.89 65.34 0.90
N ASN B 22 -14.00 65.29 2.23
CA ASN B 22 -12.88 65.51 3.15
C ASN B 22 -12.00 64.24 3.19
N HIS B 23 -11.11 64.10 4.20
CA HIS B 23 -10.21 62.93 4.30
C HIS B 23 -11.00 61.61 4.37
N ILE B 24 -10.63 60.64 3.52
CA ILE B 24 -11.21 59.31 3.51
C ILE B 24 -10.45 58.50 4.57
N THR B 25 -11.09 58.28 5.73
CA THR B 25 -10.52 57.53 6.85
C THR B 25 -10.07 56.14 6.37
N LYS B 26 -8.80 55.81 6.60
CA LYS B 26 -8.19 54.55 6.20
C LYS B 26 -7.33 54.00 7.32
N SER B 27 -6.81 52.78 7.15
CA SER B 27 -5.93 52.19 8.17
C SER B 27 -4.55 52.85 8.08
N PRO B 28 -3.87 53.08 9.23
CA PRO B 28 -2.49 53.65 9.17
C PRO B 28 -1.51 52.72 8.43
N GLU B 29 -1.89 51.44 8.27
CA GLU B 29 -1.15 50.40 7.54
C GLU B 29 -1.43 50.45 6.02
N ASP B 30 -2.44 51.23 5.58
CA ASP B 30 -2.85 51.33 4.18
C ASP B 30 -2.07 52.42 3.45
N LYS B 31 -1.27 52.02 2.45
CA LYS B 31 -0.43 52.91 1.66
C LYS B 31 -1.12 53.47 0.40
N ARG B 32 -2.29 52.88 0.05
CA ARG B 32 -3.10 53.35 -1.07
C ARG B 32 -3.66 54.74 -0.73
N GLU B 33 -3.83 55.59 -1.73
CA GLU B 33 -4.36 56.95 -1.51
C GLU B 33 -5.78 57.05 -2.03
N TYR B 34 -6.64 57.75 -1.26
CA TYR B 34 -8.07 57.85 -1.59
C TYR B 34 -8.61 59.28 -1.79
N ARG B 35 -9.58 59.41 -2.71
CA ARG B 35 -10.29 60.67 -2.98
C ARG B 35 -11.75 60.41 -3.29
N GLY B 36 -12.62 61.02 -2.48
CA GLY B 36 -14.06 60.97 -2.62
C GLY B 36 -14.59 62.27 -3.20
N LEU B 37 -15.52 62.16 -4.15
CA LEU B 37 -16.16 63.31 -4.77
C LEU B 37 -17.54 62.97 -5.31
N GLU B 38 -18.33 64.03 -5.58
CA GLU B 38 -19.65 63.89 -6.19
C GLU B 38 -19.63 64.73 -7.46
N LEU B 39 -19.95 64.11 -8.62
CA LEU B 39 -20.02 64.81 -9.90
C LEU B 39 -21.28 65.69 -9.98
N ALA B 40 -21.31 66.67 -10.91
CA ALA B 40 -22.44 67.61 -11.08
C ALA B 40 -23.76 66.92 -11.44
N ASN B 41 -23.68 65.75 -12.13
CA ASN B 41 -24.83 64.94 -12.51
C ASN B 41 -25.36 64.03 -11.37
N GLY B 42 -24.67 64.01 -10.22
CA GLY B 42 -25.07 63.24 -9.04
C GLY B 42 -24.31 61.94 -8.80
N ILE B 43 -23.34 61.60 -9.67
CA ILE B 43 -22.54 60.38 -9.51
C ILE B 43 -21.59 60.50 -8.31
N LYS B 44 -21.69 59.56 -7.35
CA LYS B 44 -20.79 59.51 -6.19
C LYS B 44 -19.56 58.71 -6.61
N VAL B 45 -18.37 59.26 -6.37
CA VAL B 45 -17.12 58.66 -6.80
C VAL B 45 -16.13 58.42 -5.67
N LEU B 46 -15.37 57.31 -5.78
CA LEU B 46 -14.21 57.01 -4.97
C LEU B 46 -13.09 56.63 -5.90
N LEU B 47 -11.98 57.34 -5.76
CA LEU B 47 -10.76 57.14 -6.53
C LEU B 47 -9.71 56.54 -5.62
N ILE B 48 -9.08 55.46 -6.10
CA ILE B 48 -8.04 54.75 -5.34
C ILE B 48 -6.74 54.75 -6.16
N SER B 49 -5.70 55.42 -5.62
CA SER B 49 -4.39 55.47 -6.27
C SER B 49 -3.46 54.50 -5.58
N ASP B 50 -3.07 53.45 -6.34
CA ASP B 50 -2.19 52.39 -5.85
C ASP B 50 -1.02 52.18 -6.82
N PRO B 51 0.11 52.92 -6.63
CA PRO B 51 1.30 52.74 -7.52
C PRO B 51 1.87 51.31 -7.61
N THR B 52 1.59 50.47 -6.61
CA THR B 52 2.03 49.09 -6.41
C THR B 52 1.18 48.05 -7.20
N THR B 53 -0.10 48.36 -7.50
CA THR B 53 -1.05 47.46 -8.15
C THR B 53 -0.63 46.78 -9.46
N ASP B 54 -0.88 45.46 -9.57
CA ASP B 54 -0.60 44.69 -10.79
C ASP B 54 -1.78 44.81 -11.74
N LYS B 55 -2.98 45.00 -11.17
CA LYS B 55 -4.23 45.18 -11.90
C LYS B 55 -5.03 46.39 -11.46
N SER B 56 -5.56 47.09 -12.45
CA SER B 56 -6.43 48.25 -12.28
C SER B 56 -7.88 47.81 -12.40
N SER B 57 -8.77 48.52 -11.72
CA SER B 57 -10.17 48.16 -11.70
C SER B 57 -11.10 49.35 -11.61
N ALA B 58 -12.35 49.10 -11.99
CA ALA B 58 -13.45 50.04 -11.91
C ALA B 58 -14.76 49.31 -11.86
N ALA B 59 -15.69 49.89 -11.12
CA ALA B 59 -17.03 49.39 -10.92
C ALA B 59 -18.03 50.52 -10.91
N LEU B 60 -19.24 50.24 -11.39
CA LEU B 60 -20.39 51.15 -11.38
C LEU B 60 -21.58 50.38 -10.82
N ASP B 61 -22.18 50.95 -9.78
CA ASP B 61 -23.34 50.39 -9.11
C ASP B 61 -24.54 51.34 -9.27
N VAL B 62 -25.60 50.83 -9.95
CA VAL B 62 -26.86 51.54 -10.16
C VAL B 62 -27.76 51.13 -9.01
N HIS B 63 -28.33 52.09 -8.28
CA HIS B 63 -29.21 51.79 -7.16
C HIS B 63 -30.65 51.40 -7.61
N ILE B 64 -30.75 50.49 -8.61
CA ILE B 64 -31.97 49.91 -9.19
C ILE B 64 -31.71 48.43 -9.43
N GLY B 65 -32.64 47.60 -8.98
CA GLY B 65 -32.58 46.15 -9.16
C GLY B 65 -33.95 45.53 -9.33
N SER B 66 -34.01 44.20 -9.18
CA SER B 66 -35.19 43.36 -9.33
C SER B 66 -36.49 43.81 -8.65
N LEU B 67 -36.40 44.55 -7.53
CA LEU B 67 -37.57 45.07 -6.83
C LEU B 67 -38.35 46.09 -7.67
N SER B 68 -37.66 46.71 -8.65
CA SER B 68 -38.22 47.71 -9.56
C SER B 68 -38.67 47.07 -10.90
N ASP B 69 -38.60 45.74 -11.02
CA ASP B 69 -39.03 45.02 -12.22
C ASP B 69 -40.51 45.27 -12.55
N PRO B 70 -40.90 45.33 -13.84
CA PRO B 70 -42.31 45.50 -14.13
C PRO B 70 -43.04 44.16 -13.96
N PRO B 71 -44.33 44.19 -13.56
CA PRO B 71 -45.09 42.93 -13.46
C PRO B 71 -45.15 42.09 -14.78
N ASN B 72 -45.11 42.77 -15.93
CA ASN B 72 -45.13 42.13 -17.26
C ASN B 72 -43.88 41.33 -17.64
N ILE B 73 -42.70 41.73 -17.11
CA ILE B 73 -41.44 41.00 -17.36
C ILE B 73 -40.66 40.78 -16.06
N ALA B 74 -40.78 39.57 -15.47
CA ALA B 74 -40.04 39.19 -14.27
C ALA B 74 -38.59 38.89 -14.72
N GLY B 75 -37.65 39.55 -14.07
CA GLY B 75 -36.23 39.42 -14.41
C GLY B 75 -35.71 40.47 -15.37
N LEU B 76 -36.46 41.59 -15.58
CA LEU B 76 -36.06 42.67 -16.50
C LEU B 76 -34.79 43.45 -16.13
N SER B 77 -34.56 43.72 -14.82
CA SER B 77 -33.34 44.40 -14.34
C SER B 77 -32.12 43.51 -14.67
N HIS B 78 -32.25 42.19 -14.40
CA HIS B 78 -31.25 41.17 -14.65
C HIS B 78 -30.99 41.03 -16.14
N PHE B 79 -32.06 41.00 -16.97
CA PHE B 79 -31.92 40.94 -18.43
C PHE B 79 -31.20 42.18 -18.98
N LEU B 80 -31.50 43.38 -18.43
CA LEU B 80 -30.85 44.64 -18.81
C LEU B 80 -29.35 44.59 -18.51
N GLN B 81 -28.96 44.00 -17.35
CA GLN B 81 -27.57 43.81 -16.91
C GLN B 81 -26.78 43.04 -17.99
N HIS B 82 -27.39 42.02 -18.59
CA HIS B 82 -26.83 41.20 -19.68
C HIS B 82 -26.88 41.92 -21.03
N MET B 83 -27.92 42.72 -21.28
CA MET B 83 -28.11 43.44 -22.55
C MET B 83 -27.35 44.77 -22.70
N LEU B 84 -27.01 45.44 -21.58
CA LEU B 84 -26.34 46.75 -21.57
C LEU B 84 -24.93 46.73 -22.16
N PHE B 85 -24.14 45.70 -21.84
CA PHE B 85 -22.75 45.58 -22.27
C PHE B 85 -22.53 44.90 -23.65
N LEU B 86 -23.51 45.08 -24.56
CA LEU B 86 -23.49 44.53 -25.92
C LEU B 86 -23.59 45.67 -26.95
N GLY B 87 -22.45 46.24 -27.32
CA GLY B 87 -22.39 47.31 -28.31
C GLY B 87 -22.70 48.70 -27.81
N THR B 88 -21.90 49.68 -28.29
CA THR B 88 -21.96 51.13 -28.00
C THR B 88 -21.87 51.91 -29.32
N LYS B 89 -22.15 53.22 -29.33
CA LYS B 89 -22.01 54.00 -30.56
C LYS B 89 -20.51 54.19 -30.93
N LYS B 90 -19.65 54.51 -29.92
CA LYS B 90 -18.20 54.69 -30.06
C LYS B 90 -17.52 53.36 -30.42
N TYR B 91 -17.98 52.25 -29.79
CA TYR B 91 -17.48 50.90 -30.02
C TYR B 91 -18.63 49.98 -30.48
N PRO B 92 -19.01 50.04 -31.77
CA PRO B 92 -20.16 49.25 -32.25
C PRO B 92 -20.09 47.73 -32.12
N LYS B 93 -18.88 47.14 -32.15
CA LYS B 93 -18.67 45.69 -32.01
C LYS B 93 -19.28 45.17 -30.71
N GLU B 94 -20.05 44.06 -30.81
CA GLU B 94 -20.75 43.41 -29.70
C GLU B 94 -19.79 42.90 -28.61
N ASN B 95 -18.65 42.28 -29.02
CA ASN B 95 -17.65 41.71 -28.12
C ASN B 95 -16.37 42.55 -27.94
N GLU B 96 -16.43 43.87 -28.21
CA GLU B 96 -15.30 44.81 -28.12
C GLU B 96 -14.71 44.94 -26.71
N TYR B 97 -15.57 45.12 -25.69
CA TYR B 97 -15.23 45.25 -24.28
C TYR B 97 -14.59 43.96 -23.75
N SER B 98 -15.22 42.80 -24.07
CA SER B 98 -14.80 41.45 -23.70
C SER B 98 -13.42 41.14 -24.28
N GLN B 99 -13.22 41.42 -25.60
CA GLN B 99 -11.97 41.22 -26.33
C GLN B 99 -10.85 42.07 -25.77
N PHE B 100 -11.09 43.39 -25.57
CA PHE B 100 -10.09 44.32 -25.03
C PHE B 100 -9.55 43.83 -23.70
N LEU B 101 -10.45 43.42 -22.77
CA LEU B 101 -10.06 42.90 -21.45
C LEU B 101 -9.26 41.63 -21.58
N SER B 102 -9.73 40.67 -22.43
CA SER B 102 -9.05 39.39 -22.70
C SER B 102 -7.61 39.57 -23.27
N GLU B 103 -7.40 40.63 -24.09
CA GLU B 103 -6.12 40.99 -24.73
C GLU B 103 -5.15 41.61 -23.75
N HIS B 104 -5.66 42.24 -22.68
CA HIS B 104 -4.85 42.96 -21.70
C HIS B 104 -4.94 42.40 -20.27
N ALA B 105 -4.95 41.06 -20.15
CA ALA B 105 -4.99 40.31 -18.88
C ALA B 105 -6.11 40.78 -17.93
N GLY B 106 -7.27 41.08 -18.50
CA GLY B 106 -8.41 41.57 -17.76
C GLY B 106 -9.58 40.61 -17.67
N SER B 107 -10.58 41.02 -16.88
CA SER B 107 -11.81 40.27 -16.66
C SER B 107 -12.91 41.22 -16.26
N SER B 108 -14.15 40.76 -16.42
CA SER B 108 -15.34 41.54 -16.09
C SER B 108 -16.42 40.61 -15.63
N ASN B 109 -17.39 41.17 -14.90
CA ASN B 109 -18.58 40.51 -14.40
C ASN B 109 -19.55 41.54 -13.88
N ALA B 110 -20.76 41.10 -13.60
CA ALA B 110 -21.82 41.94 -13.08
C ALA B 110 -22.84 41.14 -12.28
N PHE B 111 -23.59 41.83 -11.43
CA PHE B 111 -24.64 41.19 -10.67
C PHE B 111 -25.79 42.13 -10.50
N THR B 112 -26.99 41.58 -10.45
CA THR B 112 -28.23 42.30 -10.21
C THR B 112 -28.77 41.75 -8.90
N SER B 113 -29.07 42.63 -7.95
CA SER B 113 -29.70 42.26 -6.68
C SER B 113 -31.09 42.93 -6.70
N GLY B 114 -31.75 43.01 -5.54
CA GLY B 114 -33.07 43.61 -5.42
C GLY B 114 -33.06 45.10 -5.62
N GLU B 115 -32.00 45.77 -5.14
CA GLU B 115 -31.91 47.23 -5.23
C GLU B 115 -30.68 47.75 -5.96
N HIS B 116 -29.87 46.87 -6.58
CA HIS B 116 -28.64 47.30 -7.24
C HIS B 116 -28.31 46.48 -8.44
N THR B 117 -27.62 47.11 -9.40
CA THR B 117 -27.02 46.46 -10.57
C THR B 117 -25.58 46.97 -10.60
N ASN B 118 -24.65 46.07 -10.29
CA ASN B 118 -23.23 46.34 -10.14
C ASN B 118 -22.41 45.73 -11.27
N TYR B 119 -21.72 46.59 -12.03
CA TYR B 119 -20.87 46.27 -13.19
C TYR B 119 -19.43 46.55 -12.79
N TYR B 120 -18.50 45.64 -13.15
CA TYR B 120 -17.09 45.75 -12.78
C TYR B 120 -16.11 45.01 -13.69
N PHE B 121 -14.87 45.51 -13.74
CA PHE B 121 -13.79 44.92 -14.51
C PHE B 121 -12.47 45.08 -13.81
N ASP B 122 -11.49 44.28 -14.23
CA ASP B 122 -10.09 44.43 -13.87
C ASP B 122 -9.30 44.35 -15.16
N VAL B 123 -8.16 45.03 -15.22
CA VAL B 123 -7.31 45.07 -16.41
C VAL B 123 -5.86 45.28 -15.95
N SER B 124 -4.87 44.98 -16.82
CA SER B 124 -3.46 45.24 -16.56
C SER B 124 -3.32 46.74 -16.27
N HIS B 125 -2.49 47.13 -15.28
CA HIS B 125 -2.31 48.52 -14.83
C HIS B 125 -1.99 49.55 -15.92
N GLU B 126 -1.41 49.11 -17.04
CA GLU B 126 -1.03 49.97 -18.18
C GLU B 126 -2.21 50.30 -19.12
N HIS B 127 -3.36 49.58 -18.98
CA HIS B 127 -4.52 49.73 -19.86
C HIS B 127 -5.84 50.17 -19.20
N LEU B 128 -5.76 50.91 -18.07
CA LEU B 128 -6.94 51.42 -17.35
C LEU B 128 -7.80 52.36 -18.19
N GLU B 129 -7.18 53.36 -18.86
CA GLU B 129 -7.88 54.35 -19.69
C GLU B 129 -8.70 53.74 -20.83
N GLY B 130 -8.12 52.77 -21.54
CA GLY B 130 -8.75 52.07 -22.65
C GLY B 130 -9.90 51.18 -22.23
N ALA B 131 -9.74 50.51 -21.08
CA ALA B 131 -10.77 49.65 -20.48
C ALA B 131 -11.93 50.50 -19.94
N LEU B 132 -11.59 51.57 -19.17
CA LEU B 132 -12.57 52.49 -18.60
C LEU B 132 -13.38 53.25 -19.65
N ASP B 133 -12.74 53.64 -20.78
CA ASP B 133 -13.41 54.36 -21.87
C ASP B 133 -14.48 53.49 -22.51
N ARG B 134 -14.17 52.20 -22.78
CA ARG B 134 -15.11 51.21 -23.31
C ARG B 134 -16.26 50.95 -22.31
N PHE B 135 -15.94 50.88 -20.99
CA PHE B 135 -16.90 50.69 -19.89
C PHE B 135 -17.90 51.87 -19.81
N ALA B 136 -17.38 53.11 -19.74
CA ALA B 136 -18.17 54.36 -19.66
C ALA B 136 -19.17 54.55 -20.81
N GLN B 137 -18.83 54.06 -22.04
CA GLN B 137 -19.72 54.18 -23.20
C GLN B 137 -21.09 53.52 -23.00
N PHE B 138 -21.14 52.43 -22.19
CA PHE B 138 -22.39 51.71 -21.89
C PHE B 138 -23.38 52.53 -21.08
N PHE B 139 -22.88 53.59 -20.43
CA PHE B 139 -23.66 54.51 -19.61
C PHE B 139 -23.87 55.85 -20.35
N LEU B 140 -23.38 55.93 -21.59
CA LEU B 140 -23.51 57.11 -22.44
C LEU B 140 -24.37 56.81 -23.69
N SER B 141 -23.98 55.81 -24.49
CA SER B 141 -24.69 55.44 -25.72
C SER B 141 -24.81 53.90 -25.96
N PRO B 142 -25.56 53.15 -25.11
CA PRO B 142 -25.69 51.69 -25.36
C PRO B 142 -26.61 51.33 -26.53
N LEU B 143 -26.36 50.20 -27.23
CA LEU B 143 -27.13 49.77 -28.40
C LEU B 143 -28.15 48.66 -28.14
N PHE B 144 -27.77 47.64 -27.32
CA PHE B 144 -28.58 46.46 -26.98
C PHE B 144 -28.87 45.67 -28.29
N ASP B 145 -27.79 45.17 -28.93
CA ASP B 145 -27.80 44.42 -30.19
C ASP B 145 -28.88 43.36 -30.24
N GLU B 146 -29.89 43.58 -31.11
CA GLU B 146 -31.05 42.68 -31.33
C GLU B 146 -30.66 41.22 -31.62
N SER B 147 -29.43 41.01 -32.11
CA SER B 147 -28.82 39.72 -32.47
C SER B 147 -28.45 38.89 -31.24
N ALA B 148 -28.09 39.56 -30.13
CA ALA B 148 -27.71 38.91 -28.88
C ALA B 148 -28.86 38.67 -27.89
N LYS B 149 -30.11 38.96 -28.31
CA LYS B 149 -31.35 38.78 -27.55
C LYS B 149 -31.54 37.33 -27.06
N ASP B 150 -31.71 36.37 -28.00
CA ASP B 150 -31.93 34.95 -27.67
C ASP B 150 -30.80 34.33 -26.85
N ARG B 151 -29.53 34.68 -27.19
CA ARG B 151 -28.35 34.17 -26.49
C ARG B 151 -28.24 34.66 -25.04
N GLU B 152 -28.83 35.85 -24.72
CA GLU B 152 -28.88 36.41 -23.37
C GLU B 152 -30.01 35.76 -22.55
N VAL B 153 -31.17 35.50 -23.21
CA VAL B 153 -32.34 34.82 -22.64
C VAL B 153 -31.87 33.43 -22.19
N ASN B 154 -31.16 32.69 -23.08
CA ASN B 154 -30.61 31.35 -22.80
C ASN B 154 -29.57 31.38 -21.70
N ALA B 155 -28.86 32.54 -21.53
CA ALA B 155 -27.87 32.75 -20.49
C ALA B 155 -28.59 32.97 -19.13
N VAL B 156 -29.67 33.77 -19.12
CA VAL B 156 -30.49 34.02 -17.93
C VAL B 156 -31.23 32.70 -17.57
N ASP B 157 -31.71 31.94 -18.60
CA ASP B 157 -32.39 30.66 -18.37
C ASP B 157 -31.44 29.63 -17.78
N SER B 158 -30.14 29.66 -18.18
CA SER B 158 -29.09 28.78 -17.68
C SER B 158 -28.82 29.03 -16.20
N GLU B 159 -28.69 30.33 -15.81
CA GLU B 159 -28.45 30.83 -14.45
C GLU B 159 -29.54 30.37 -13.51
N HIS B 160 -30.82 30.58 -13.91
CA HIS B 160 -31.97 30.17 -13.12
C HIS B 160 -32.02 28.65 -13.02
N GLU B 161 -31.90 27.93 -14.16
CA GLU B 161 -31.93 26.47 -14.22
C GLU B 161 -30.90 25.81 -13.28
N LYS B 162 -29.76 26.49 -13.07
CA LYS B 162 -28.68 26.10 -12.17
C LYS B 162 -29.16 26.29 -10.71
N ASN B 163 -29.82 27.44 -10.44
CA ASN B 163 -30.34 27.80 -9.12
C ASN B 163 -31.50 26.89 -8.68
N VAL B 164 -32.24 26.32 -9.68
CA VAL B 164 -33.37 25.38 -9.50
C VAL B 164 -32.96 24.16 -8.64
N MET B 165 -31.74 23.61 -8.85
CA MET B 165 -31.28 22.43 -8.07
C MET B 165 -30.56 22.78 -6.76
N ASN B 166 -30.42 24.09 -6.44
CA ASN B 166 -29.77 24.59 -5.23
C ASN B 166 -30.80 24.85 -4.13
N ASP B 167 -30.68 24.14 -3.00
CA ASP B 167 -31.57 24.28 -1.84
C ASP B 167 -31.65 25.68 -1.22
N ALA B 168 -30.57 26.48 -1.32
CA ALA B 168 -30.59 27.82 -0.74
C ALA B 168 -31.40 28.83 -1.56
N TRP B 169 -31.39 28.69 -2.90
CA TRP B 169 -32.14 29.55 -3.83
C TRP B 169 -33.64 29.26 -3.78
N ARG B 170 -33.98 27.98 -3.53
CA ARG B 170 -35.33 27.47 -3.34
C ARG B 170 -35.92 28.12 -2.09
N LEU B 171 -35.16 28.08 -0.97
CA LEU B 171 -35.56 28.64 0.32
C LEU B 171 -35.78 30.15 0.26
N PHE B 172 -34.86 30.87 -0.39
CA PHE B 172 -34.86 32.31 -0.59
C PHE B 172 -36.12 32.78 -1.31
N GLN B 173 -36.50 32.06 -2.39
CA GLN B 173 -37.71 32.35 -3.16
C GLN B 173 -38.96 31.91 -2.42
N LEU B 174 -38.92 30.76 -1.72
CA LEU B 174 -40.07 30.28 -0.94
C LEU B 174 -40.41 31.26 0.19
N GLU B 175 -39.38 31.95 0.74
CA GLU B 175 -39.50 32.99 1.76
C GLU B 175 -40.22 34.23 1.16
N LYS B 176 -39.88 34.58 -0.10
CA LYS B 176 -40.45 35.71 -0.86
C LYS B 176 -41.94 35.48 -1.21
N ALA B 177 -42.28 34.22 -1.54
CA ALA B 177 -43.62 33.73 -1.89
C ALA B 177 -44.59 33.52 -0.69
N THR B 178 -44.11 33.55 0.55
CA THR B 178 -44.96 33.34 1.72
C THR B 178 -45.15 34.63 2.54
N GLY B 179 -44.81 35.75 1.91
CA GLY B 179 -45.00 37.08 2.47
C GLY B 179 -46.14 37.73 1.75
N ASN B 180 -46.28 39.05 1.88
CA ASN B 180 -47.34 39.77 1.21
C ASN B 180 -47.10 39.67 -0.31
N PRO B 181 -48.00 39.00 -1.08
CA PRO B 181 -47.82 38.87 -2.54
C PRO B 181 -47.87 40.21 -3.26
N LYS B 182 -48.52 41.19 -2.64
CA LYS B 182 -48.65 42.53 -3.19
C LYS B 182 -47.37 43.34 -3.06
N HIS B 183 -46.47 42.94 -2.13
CA HIS B 183 -45.19 43.60 -1.86
C HIS B 183 -44.12 43.29 -2.94
N PRO B 184 -43.36 44.32 -3.42
CA PRO B 184 -42.30 44.03 -4.43
C PRO B 184 -41.30 42.93 -4.03
N PHE B 185 -41.15 42.64 -2.71
CA PHE B 185 -40.27 41.58 -2.19
C PHE B 185 -40.68 40.20 -2.66
N SER B 186 -41.94 40.00 -3.07
CA SER B 186 -42.44 38.71 -3.56
C SER B 186 -42.01 38.42 -5.00
N LYS B 187 -41.47 39.42 -5.71
CA LYS B 187 -41.05 39.28 -7.12
C LYS B 187 -39.95 38.25 -7.37
N PHE B 188 -39.98 37.61 -8.56
CA PHE B 188 -38.96 36.66 -9.03
C PHE B 188 -37.97 37.51 -9.81
N GLY B 189 -36.81 37.71 -9.20
CA GLY B 189 -35.79 38.61 -9.71
C GLY B 189 -34.95 38.11 -10.86
N THR B 190 -34.72 36.81 -10.93
CA THR B 190 -33.86 36.21 -11.94
C THR B 190 -34.38 36.33 -13.36
N GLY B 191 -35.56 35.77 -13.57
CA GLY B 191 -36.12 35.63 -14.91
C GLY B 191 -35.68 34.29 -15.44
N ASN B 192 -36.27 33.86 -16.57
CA ASN B 192 -35.97 32.58 -17.25
C ASN B 192 -36.48 32.64 -18.70
N LYS B 193 -36.51 31.50 -19.42
CA LYS B 193 -36.99 31.48 -20.80
C LYS B 193 -38.45 31.93 -20.87
N TYR B 194 -39.31 31.37 -19.99
CA TYR B 194 -40.74 31.70 -19.90
C TYR B 194 -41.02 33.20 -19.73
N THR B 195 -40.35 33.86 -18.74
CA THR B 195 -40.59 35.28 -18.47
C THR B 195 -39.96 36.22 -19.50
N LEU B 196 -38.96 35.71 -20.24
CA LEU B 196 -38.26 36.49 -21.26
C LEU B 196 -38.63 36.17 -22.72
N GLU B 197 -39.17 34.96 -23.01
CA GLU B 197 -39.57 34.54 -24.36
C GLU B 197 -41.01 33.98 -24.43
N THR B 198 -41.26 32.80 -23.79
CA THR B 198 -42.56 32.11 -23.78
C THR B 198 -43.74 33.05 -23.52
N ARG B 199 -43.80 33.68 -22.32
CA ARG B 199 -44.87 34.61 -21.94
C ARG B 199 -45.00 35.86 -22.82
N PRO B 200 -43.94 36.70 -23.05
CA PRO B 200 -44.14 37.89 -23.89
C PRO B 200 -44.66 37.64 -25.31
N ASN B 201 -44.33 36.47 -25.90
CA ASN B 201 -44.78 36.08 -27.24
C ASN B 201 -46.30 35.81 -27.27
N GLN B 202 -46.80 35.10 -26.24
CA GLN B 202 -48.23 34.75 -26.10
C GLN B 202 -49.12 35.98 -25.86
N GLU B 203 -48.55 37.05 -25.29
CA GLU B 203 -49.25 38.28 -24.92
C GLU B 203 -48.97 39.46 -25.85
N GLY B 204 -48.17 39.22 -26.90
CA GLY B 204 -47.77 40.23 -27.87
C GLY B 204 -46.89 41.31 -27.29
N ILE B 205 -46.06 40.94 -26.29
CA ILE B 205 -45.19 41.86 -25.58
C ILE B 205 -43.84 42.01 -26.23
N ASP B 206 -43.48 43.27 -26.43
CA ASP B 206 -42.27 43.84 -27.01
C ASP B 206 -41.14 43.87 -25.96
N VAL B 207 -40.37 42.75 -25.83
CA VAL B 207 -39.28 42.60 -24.85
C VAL B 207 -38.21 43.69 -24.97
N ARG B 208 -37.79 44.01 -26.21
CA ARG B 208 -36.81 45.06 -26.54
C ARG B 208 -37.35 46.43 -26.17
N GLN B 209 -38.63 46.72 -26.52
CA GLN B 209 -39.27 48.01 -26.23
C GLN B 209 -39.49 48.20 -24.72
N GLU B 210 -39.82 47.10 -23.99
CA GLU B 210 -40.00 47.13 -22.52
C GLU B 210 -38.64 47.28 -21.83
N LEU B 211 -37.57 46.68 -22.42
CA LEU B 211 -36.18 46.75 -21.96
C LEU B 211 -35.68 48.21 -22.04
N LEU B 212 -35.99 48.90 -23.16
CA LEU B 212 -35.60 50.30 -23.39
C LEU B 212 -36.40 51.27 -22.52
N LYS B 213 -37.69 50.95 -22.25
CA LYS B 213 -38.61 51.71 -21.42
C LYS B 213 -38.02 51.81 -19.99
N PHE B 214 -37.60 50.65 -19.44
CA PHE B 214 -37.02 50.47 -18.11
C PHE B 214 -35.69 51.23 -17.96
N HIS B 215 -34.79 51.05 -18.95
CA HIS B 215 -33.46 51.69 -18.99
C HIS B 215 -33.59 53.21 -18.99
N SER B 216 -34.44 53.73 -19.88
CA SER B 216 -34.71 55.16 -20.02
C SER B 216 -35.41 55.74 -18.79
N ALA B 217 -36.18 54.92 -18.06
CA ALA B 217 -36.88 55.41 -16.88
C ALA B 217 -36.06 55.32 -15.60
N TYR B 218 -35.24 54.24 -15.42
CA TYR B 218 -34.45 54.05 -14.20
C TYR B 218 -32.95 54.38 -14.22
N TYR B 219 -32.24 54.13 -15.34
CA TYR B 219 -30.78 54.37 -15.40
C TYR B 219 -30.43 55.84 -15.46
N SER B 220 -30.33 56.46 -14.27
CA SER B 220 -30.01 57.87 -14.08
C SER B 220 -28.75 58.02 -13.24
N SER B 221 -27.89 58.98 -13.63
CA SER B 221 -26.64 59.33 -12.98
C SER B 221 -26.80 59.60 -11.47
N ASN B 222 -27.95 60.17 -11.06
CA ASN B 222 -28.23 60.48 -9.65
C ASN B 222 -28.34 59.23 -8.73
N LEU B 223 -28.47 58.03 -9.34
CA LEU B 223 -28.57 56.72 -8.66
C LEU B 223 -27.32 55.86 -8.95
N MET B 224 -26.28 56.47 -9.50
CA MET B 224 -25.05 55.75 -9.85
C MET B 224 -23.88 56.13 -8.97
N ALA B 225 -22.99 55.15 -8.75
CA ALA B 225 -21.78 55.31 -7.95
C ALA B 225 -20.66 54.63 -8.67
N VAL B 226 -19.54 55.34 -8.83
CA VAL B 226 -18.38 54.83 -9.56
C VAL B 226 -17.15 54.74 -8.65
N VAL B 227 -16.41 53.64 -8.72
CA VAL B 227 -15.13 53.43 -8.03
C VAL B 227 -14.08 53.09 -9.09
N VAL B 228 -12.92 53.77 -9.07
CA VAL B 228 -11.80 53.56 -10.00
C VAL B 228 -10.49 53.40 -9.20
N LEU B 229 -9.79 52.27 -9.41
CA LEU B 229 -8.50 51.94 -8.79
C LEU B 229 -7.41 51.79 -9.88
N GLY B 230 -6.32 52.53 -9.74
CA GLY B 230 -5.21 52.49 -10.69
C GLY B 230 -3.88 52.96 -10.15
N ARG B 231 -2.79 52.78 -10.93
CA ARG B 231 -1.45 53.24 -10.54
C ARG B 231 -1.34 54.76 -10.64
N GLU B 232 -2.19 55.39 -11.49
CA GLU B 232 -2.27 56.85 -11.70
C GLU B 232 -2.57 57.58 -10.38
N SER B 233 -2.10 58.83 -10.27
CA SER B 233 -2.30 59.68 -9.09
C SER B 233 -3.78 60.04 -8.91
N LEU B 234 -4.15 60.57 -7.74
CA LEU B 234 -5.52 61.00 -7.45
C LEU B 234 -6.00 62.05 -8.48
N ASP B 235 -5.12 63.03 -8.82
CA ASP B 235 -5.41 64.10 -9.79
C ASP B 235 -5.65 63.56 -11.21
N ASP B 236 -4.80 62.61 -11.68
CA ASP B 236 -4.95 62.00 -13.02
C ASP B 236 -6.24 61.20 -13.09
N LEU B 237 -6.57 60.48 -11.99
CA LEU B 237 -7.79 59.67 -11.88
C LEU B 237 -9.03 60.57 -11.87
N THR B 238 -8.95 61.72 -11.16
CA THR B 238 -10.03 62.72 -11.08
C THR B 238 -10.42 63.15 -12.48
N ASN B 239 -9.44 63.67 -13.27
CA ASN B 239 -9.61 64.13 -14.65
C ASN B 239 -10.27 63.08 -15.53
N LEU B 240 -9.76 61.83 -15.48
CA LEU B 240 -10.23 60.70 -16.28
C LEU B 240 -11.70 60.35 -16.01
N VAL B 241 -12.10 60.33 -14.71
CA VAL B 241 -13.46 60.04 -14.28
C VAL B 241 -14.41 61.17 -14.66
N VAL B 242 -13.98 62.44 -14.47
CA VAL B 242 -14.76 63.61 -14.88
C VAL B 242 -14.96 63.55 -16.41
N LYS B 243 -13.86 63.31 -17.17
CA LYS B 243 -13.90 63.18 -18.63
C LYS B 243 -14.96 62.17 -19.10
N LEU B 244 -14.89 60.93 -18.56
CA LEU B 244 -15.75 59.82 -18.95
C LEU B 244 -17.15 59.72 -18.32
N PHE B 245 -17.37 60.30 -17.12
CA PHE B 245 -18.65 60.12 -16.44
C PHE B 245 -19.57 61.35 -16.24
N SER B 246 -19.06 62.57 -16.49
CA SER B 246 -19.85 63.81 -16.34
C SER B 246 -20.99 63.93 -17.37
N GLU B 247 -20.88 63.24 -18.53
CA GLU B 247 -21.90 63.26 -19.58
C GLU B 247 -23.07 62.31 -19.34
N VAL B 248 -23.00 61.47 -18.29
CA VAL B 248 -24.10 60.55 -17.97
C VAL B 248 -25.34 61.37 -17.57
N GLU B 249 -26.44 61.13 -18.31
CA GLU B 249 -27.73 61.80 -18.18
C GLU B 249 -28.36 61.68 -16.78
N ASN B 250 -28.74 62.83 -16.19
CA ASN B 250 -29.42 62.92 -14.89
C ASN B 250 -30.91 63.05 -15.16
N LYS B 251 -31.70 62.13 -14.64
CA LYS B 251 -33.14 62.15 -14.86
C LYS B 251 -33.89 62.37 -13.54
N ASN B 252 -33.13 62.64 -12.45
CA ASN B 252 -33.63 62.90 -11.10
C ASN B 252 -34.64 61.86 -10.59
N VAL B 253 -34.35 60.58 -10.90
CA VAL B 253 -35.15 59.43 -10.51
C VAL B 253 -35.14 59.31 -8.98
N PRO B 254 -36.33 59.32 -8.32
CA PRO B 254 -36.34 59.17 -6.85
C PRO B 254 -35.92 57.76 -6.46
N LEU B 255 -35.17 57.64 -5.37
CA LEU B 255 -34.69 56.36 -4.88
C LEU B 255 -35.85 55.54 -4.31
N PRO B 256 -36.12 54.33 -4.87
CA PRO B 256 -37.22 53.50 -4.34
C PRO B 256 -37.01 53.09 -2.88
N GLU B 257 -38.06 53.17 -2.07
CA GLU B 257 -38.09 52.79 -0.65
C GLU B 257 -39.21 51.76 -0.44
N PHE B 258 -39.05 50.89 0.56
CA PHE B 258 -40.02 49.80 0.85
C PHE B 258 -40.27 49.81 2.37
N PRO B 259 -40.97 50.85 2.89
CA PRO B 259 -41.12 50.98 4.35
C PRO B 259 -42.11 50.03 5.00
N GLU B 260 -43.03 49.49 4.20
CA GLU B 260 -43.96 48.52 4.73
C GLU B 260 -43.28 47.15 4.66
N HIS B 261 -43.21 46.45 5.81
CA HIS B 261 -42.62 45.12 5.89
C HIS B 261 -43.42 44.12 5.04
N PRO B 262 -42.79 43.28 4.19
CA PRO B 262 -43.55 42.29 3.41
C PRO B 262 -44.21 41.24 4.30
N PHE B 263 -43.81 41.21 5.58
CA PHE B 263 -44.39 40.30 6.55
C PHE B 263 -45.34 41.06 7.42
N GLN B 264 -46.63 40.93 7.10
CA GLN B 264 -47.72 41.57 7.84
C GLN B 264 -48.29 40.56 8.84
N GLU B 265 -49.22 40.99 9.71
CA GLU B 265 -49.80 40.15 10.76
C GLU B 265 -50.21 38.72 10.32
N GLU B 266 -50.82 38.57 9.13
CA GLU B 266 -51.27 37.30 8.58
C GLU B 266 -50.12 36.39 8.14
N HIS B 267 -48.90 36.95 7.98
CA HIS B 267 -47.68 36.23 7.58
C HIS B 267 -46.87 35.84 8.81
N LEU B 268 -47.34 36.24 10.00
CA LEU B 268 -46.70 35.93 11.28
C LEU B 268 -47.39 34.76 12.00
N LYS B 269 -46.65 34.06 12.89
CA LYS B 269 -47.11 32.88 13.63
C LYS B 269 -47.48 31.76 12.63
N GLN B 270 -46.67 31.67 11.56
CA GLN B 270 -46.83 30.69 10.48
C GLN B 270 -45.72 29.64 10.51
N LEU B 271 -46.08 28.41 10.11
CA LEU B 271 -45.17 27.28 10.07
C LEU B 271 -45.11 26.67 8.68
N TYR B 272 -43.90 26.44 8.18
CA TYR B 272 -43.67 25.88 6.86
C TYR B 272 -42.94 24.57 6.96
N LYS B 273 -43.41 23.56 6.23
CA LYS B 273 -42.80 22.22 6.20
C LYS B 273 -42.40 22.00 4.74
N ILE B 274 -41.08 21.96 4.49
CA ILE B 274 -40.45 21.97 3.16
C ILE B 274 -39.68 20.70 2.84
N VAL B 275 -39.82 20.23 1.59
CA VAL B 275 -39.10 19.07 1.07
C VAL B 275 -37.80 19.56 0.39
N PRO B 276 -36.60 19.12 0.89
CA PRO B 276 -35.34 19.52 0.23
C PRO B 276 -34.90 18.53 -0.86
N ILE B 277 -33.85 18.89 -1.62
CA ILE B 277 -33.20 18.02 -2.62
C ILE B 277 -32.22 17.07 -1.91
N LYS B 278 -31.27 17.63 -1.11
CA LYS B 278 -30.33 16.81 -0.36
C LYS B 278 -31.03 16.30 0.88
N ASP B 279 -30.50 15.23 1.50
CA ASP B 279 -31.07 14.70 2.75
C ASP B 279 -30.49 15.52 3.92
N ILE B 280 -31.10 16.69 4.12
CA ILE B 280 -30.75 17.68 5.15
C ILE B 280 -31.93 17.94 6.05
N ARG B 281 -31.64 18.24 7.33
CA ARG B 281 -32.66 18.54 8.34
C ARG B 281 -32.29 19.90 8.92
N ASN B 282 -33.09 20.93 8.61
CA ASN B 282 -32.81 22.28 9.08
C ASN B 282 -34.03 22.99 9.61
N LEU B 283 -33.82 23.81 10.64
CA LEU B 283 -34.86 24.65 11.21
C LEU B 283 -34.45 26.13 11.02
N TYR B 284 -35.37 26.94 10.46
CA TYR B 284 -35.18 28.37 10.18
C TYR B 284 -36.21 29.17 10.96
N VAL B 285 -35.73 30.02 11.87
CA VAL B 285 -36.57 30.89 12.70
C VAL B 285 -36.35 32.35 12.25
N THR B 286 -37.42 33.02 11.82
CA THR B 286 -37.34 34.40 11.30
C THR B 286 -38.28 35.36 12.00
N PHE B 287 -37.77 36.59 12.29
CA PHE B 287 -38.55 37.68 12.85
C PHE B 287 -38.44 38.91 11.96
N PRO B 288 -39.56 39.52 11.53
CA PRO B 288 -39.50 40.79 10.80
C PRO B 288 -38.98 41.92 11.71
N ILE B 289 -38.10 42.77 11.20
CA ILE B 289 -37.58 43.89 11.97
C ILE B 289 -37.54 45.15 11.09
N PRO B 290 -37.52 46.36 11.71
CA PRO B 290 -37.36 47.58 10.91
C PRO B 290 -35.95 47.64 10.36
N ASP B 291 -35.74 48.51 9.36
CA ASP B 291 -34.45 48.70 8.73
C ASP B 291 -33.50 49.35 9.75
N LEU B 292 -32.39 48.65 10.09
CA LEU B 292 -31.42 49.10 11.09
C LEU B 292 -30.20 49.78 10.49
N GLN B 293 -30.12 49.84 9.15
CA GLN B 293 -28.99 50.45 8.44
C GLN B 293 -28.56 51.79 9.05
N LYS B 294 -29.50 52.72 9.23
CA LYS B 294 -29.26 54.07 9.77
C LYS B 294 -28.53 54.09 11.13
N TYR B 295 -28.66 52.99 11.92
CA TYR B 295 -28.05 52.82 13.23
C TYR B 295 -26.66 52.17 13.17
N TYR B 296 -26.01 52.18 12.00
CA TYR B 296 -24.72 51.55 11.76
C TYR B 296 -23.58 51.93 12.73
N LYS B 297 -23.62 53.14 13.32
CA LYS B 297 -22.56 53.57 14.25
C LYS B 297 -22.62 52.82 15.61
N SER B 298 -23.77 52.22 15.91
CA SER B 298 -23.97 51.45 17.14
C SER B 298 -24.21 49.99 16.78
N ASN B 299 -24.80 49.74 15.59
CA ASN B 299 -25.13 48.43 15.04
C ASN B 299 -25.74 47.46 16.10
N PRO B 300 -27.00 47.67 16.53
CA PRO B 300 -27.59 46.77 17.55
C PRO B 300 -27.81 45.34 17.09
N GLY B 301 -27.96 45.15 15.80
CA GLY B 301 -28.14 43.81 15.22
C GLY B 301 -26.87 43.00 15.32
N HIS B 302 -25.69 43.66 15.18
CA HIS B 302 -24.38 43.04 15.30
C HIS B 302 -24.19 42.56 16.74
N TYR B 303 -24.52 43.42 17.72
CA TYR B 303 -24.45 43.13 19.15
C TYR B 303 -25.32 41.90 19.45
N LEU B 304 -26.58 41.92 19.01
CA LEU B 304 -27.51 40.82 19.24
C LEU B 304 -27.14 39.54 18.50
N GLY B 305 -26.63 39.66 17.28
CA GLY B 305 -26.17 38.51 16.50
C GLY B 305 -24.97 37.83 17.16
N HIS B 306 -24.07 38.64 17.74
CA HIS B 306 -22.90 38.17 18.47
C HIS B 306 -23.31 37.32 19.69
N LEU B 307 -24.33 37.76 20.45
CA LEU B 307 -24.79 37.01 21.62
C LEU B 307 -25.66 35.82 21.30
N ILE B 308 -26.67 36.00 20.45
CA ILE B 308 -27.55 34.89 20.05
C ILE B 308 -26.78 33.82 19.23
N GLY B 309 -25.88 34.28 18.36
CA GLY B 309 -25.03 33.42 17.55
C GLY B 309 -23.77 32.93 18.24
N HIS B 310 -23.57 33.23 19.56
CA HIS B 310 -22.38 32.83 20.32
C HIS B 310 -22.26 31.31 20.46
N GLU B 311 -21.02 30.80 20.43
CA GLU B 311 -20.77 29.35 20.52
C GLU B 311 -19.92 28.94 21.74
N GLY B 312 -19.58 29.91 22.60
CA GLY B 312 -18.78 29.70 23.80
C GLY B 312 -19.58 29.06 24.90
N PRO B 313 -19.03 28.90 26.11
CA PRO B 313 -19.82 28.29 27.21
C PRO B 313 -21.02 29.16 27.62
N GLY B 314 -22.12 28.50 27.98
CA GLY B 314 -23.36 29.18 28.36
C GLY B 314 -24.18 29.71 27.18
N SER B 315 -23.76 29.38 25.97
CA SER B 315 -24.46 29.81 24.75
C SER B 315 -25.73 29.03 24.48
N LEU B 316 -26.60 29.58 23.62
CA LEU B 316 -27.81 28.93 23.15
C LEU B 316 -27.38 27.60 22.45
N LEU B 317 -26.40 27.67 21.52
CA LEU B 317 -25.89 26.51 20.79
C LEU B 317 -25.43 25.40 21.75
N SER B 318 -24.64 25.74 22.77
CA SER B 318 -24.12 24.78 23.73
C SER B 318 -25.19 23.92 24.37
N GLU B 319 -26.29 24.53 24.76
CA GLU B 319 -27.40 23.83 25.39
C GLU B 319 -28.16 22.98 24.38
N LEU B 320 -28.33 23.47 23.15
CA LEU B 320 -29.03 22.73 22.11
C LEU B 320 -28.22 21.50 21.68
N LYS B 321 -26.89 21.62 21.76
CA LYS B 321 -25.95 20.54 21.46
C LYS B 321 -26.01 19.51 22.59
N SER B 322 -25.86 19.96 23.86
CA SER B 322 -25.91 19.10 25.07
C SER B 322 -27.16 18.26 25.09
N LYS B 323 -28.31 18.86 24.70
CA LYS B 323 -29.63 18.22 24.59
C LYS B 323 -29.69 17.22 23.41
N GLY B 324 -28.72 17.29 22.50
CA GLY B 324 -28.62 16.41 21.33
C GLY B 324 -29.59 16.77 20.23
N TRP B 325 -29.92 18.06 20.10
CA TRP B 325 -30.88 18.49 19.09
C TRP B 325 -30.31 19.10 17.84
N VAL B 326 -29.22 19.86 17.98
CA VAL B 326 -28.61 20.59 16.88
C VAL B 326 -27.09 20.41 16.92
N ASN B 327 -26.44 20.62 15.77
CA ASN B 327 -25.00 20.57 15.68
C ASN B 327 -24.45 21.96 15.48
N THR B 328 -25.11 22.78 14.63
CA THR B 328 -24.68 24.13 14.29
C THR B 328 -25.80 25.16 14.41
N LEU B 329 -25.43 26.43 14.61
CA LEU B 329 -26.36 27.55 14.72
C LEU B 329 -25.81 28.81 14.04
N VAL B 330 -26.71 29.54 13.36
CA VAL B 330 -26.45 30.85 12.74
C VAL B 330 -27.52 31.81 13.30
N GLY B 331 -27.06 32.92 13.85
CA GLY B 331 -27.95 33.92 14.41
C GLY B 331 -27.55 35.33 14.04
N GLY B 332 -28.54 36.17 13.79
CA GLY B 332 -28.26 37.57 13.47
C GLY B 332 -29.22 38.25 12.53
N GLN B 333 -28.85 39.47 12.13
CA GLN B 333 -29.60 40.31 11.22
C GLN B 333 -29.32 39.94 9.75
N LYS B 334 -30.34 40.07 8.95
CA LYS B 334 -30.29 39.75 7.55
C LYS B 334 -30.94 40.90 6.80
N GLU B 335 -30.31 41.32 5.70
CA GLU B 335 -30.79 42.38 4.82
C GLU B 335 -32.14 42.04 4.18
N GLY B 336 -32.92 43.08 3.88
CA GLY B 336 -34.21 42.98 3.20
C GLY B 336 -34.11 43.88 2.00
N ALA B 337 -34.49 45.14 2.19
CA ALA B 337 -34.38 46.26 1.26
C ALA B 337 -34.46 47.54 2.08
N ARG B 338 -34.37 48.74 1.47
CA ARG B 338 -34.51 50.00 2.20
C ARG B 338 -35.93 50.04 2.81
N GLY B 339 -36.01 49.96 4.14
CA GLY B 339 -37.27 50.00 4.88
C GLY B 339 -37.67 48.77 5.67
N PHE B 340 -37.03 47.61 5.41
CA PHE B 340 -37.32 46.36 6.13
C PHE B 340 -36.11 45.43 6.22
N MET B 341 -36.04 44.65 7.30
CA MET B 341 -34.96 43.68 7.55
C MET B 341 -35.52 42.44 8.27
N PHE B 342 -34.66 41.46 8.55
CA PHE B 342 -35.02 40.24 9.25
C PHE B 342 -34.02 39.91 10.33
N PHE B 343 -34.48 39.21 11.37
CA PHE B 343 -33.61 38.67 12.39
C PHE B 343 -33.85 37.17 12.33
N ILE B 344 -32.77 36.41 12.12
CA ILE B 344 -32.81 34.95 11.98
C ILE B 344 -32.09 34.15 13.06
N ILE B 345 -32.56 32.92 13.31
CA ILE B 345 -31.92 31.91 14.18
C ILE B 345 -32.08 30.59 13.45
N ASN B 346 -31.02 30.15 12.76
CA ASN B 346 -31.03 28.94 11.93
C ASN B 346 -30.17 27.84 12.54
N VAL B 347 -30.71 26.64 12.61
CA VAL B 347 -30.02 25.47 13.18
C VAL B 347 -30.18 24.28 12.25
N ASP B 348 -29.24 23.33 12.33
CA ASP B 348 -29.39 22.07 11.62
C ASP B 348 -30.04 21.12 12.67
N LEU B 349 -30.52 19.97 12.25
CA LEU B 349 -31.18 19.12 13.22
C LEU B 349 -30.67 17.72 13.21
N THR B 350 -30.55 17.14 14.41
CA THR B 350 -30.25 15.71 14.55
C THR B 350 -31.60 14.98 14.33
N GLU B 351 -31.64 13.65 14.48
CA GLU B 351 -32.87 12.87 14.34
C GLU B 351 -33.86 13.25 15.44
N GLU B 352 -33.33 13.45 16.67
CA GLU B 352 -34.08 13.85 17.87
C GLU B 352 -34.56 15.28 17.79
N GLY B 353 -33.71 16.17 17.26
CA GLY B 353 -34.03 17.59 17.09
C GLY B 353 -35.26 17.78 16.23
N LEU B 354 -35.39 16.97 15.16
CA LEU B 354 -36.53 16.97 14.23
C LEU B 354 -37.85 16.68 14.96
N LEU B 355 -37.78 15.91 16.07
CA LEU B 355 -38.92 15.55 16.91
C LEU B 355 -39.12 16.52 18.07
N HIS B 356 -38.19 17.50 18.25
CA HIS B 356 -38.24 18.48 19.35
C HIS B 356 -38.11 19.94 18.90
N VAL B 357 -38.68 20.26 17.73
CA VAL B 357 -38.71 21.61 17.13
C VAL B 357 -39.30 22.64 18.13
N GLU B 358 -40.41 22.27 18.80
CA GLU B 358 -41.11 23.08 19.79
C GLU B 358 -40.23 23.42 20.99
N ASP B 359 -39.42 22.44 21.44
CA ASP B 359 -38.50 22.57 22.59
C ASP B 359 -37.29 23.41 22.23
N ILE B 360 -36.82 23.30 20.96
CA ILE B 360 -35.69 24.08 20.46
C ILE B 360 -36.06 25.56 20.52
N ILE B 361 -37.25 25.89 19.97
CA ILE B 361 -37.76 27.26 19.90
C ILE B 361 -37.95 27.88 21.28
N LEU B 362 -38.53 27.10 22.23
CA LEU B 362 -38.68 27.50 23.64
C LEU B 362 -37.32 27.89 24.22
N HIS B 363 -36.28 27.07 23.95
CA HIS B 363 -34.90 27.31 24.36
C HIS B 363 -34.35 28.60 23.74
N MET B 364 -34.67 28.85 22.45
CA MET B 364 -34.27 30.10 21.76
C MET B 364 -34.90 31.31 22.49
N PHE B 365 -36.21 31.23 22.83
CA PHE B 365 -36.92 32.27 23.57
C PHE B 365 -36.42 32.46 25.00
N GLN B 366 -36.01 31.35 25.68
CA GLN B 366 -35.44 31.41 27.04
C GLN B 366 -34.15 32.20 27.01
N TYR B 367 -33.32 32.01 25.96
CA TYR B 367 -32.05 32.73 25.80
C TYR B 367 -32.32 34.21 25.50
N ILE B 368 -33.32 34.50 24.66
CA ILE B 368 -33.74 35.86 24.30
C ILE B 368 -34.21 36.60 25.58
N GLN B 369 -35.02 35.94 26.41
CA GLN B 369 -35.54 36.48 27.67
C GLN B 369 -34.42 36.74 28.68
N LYS B 370 -33.38 35.89 28.68
CA LYS B 370 -32.19 36.06 29.52
C LYS B 370 -31.46 37.36 29.13
N LEU B 371 -31.45 37.71 27.82
CA LEU B 371 -30.82 38.96 27.33
C LEU B 371 -31.64 40.18 27.78
N ARG B 372 -32.97 40.02 27.88
CA ARG B 372 -33.86 41.08 28.36
C ARG B 372 -33.66 41.29 29.84
N ALA B 373 -33.62 40.18 30.62
CA ALA B 373 -33.41 40.21 32.07
C ALA B 373 -32.07 40.85 32.45
N GLU B 374 -30.97 40.46 31.80
CA GLU B 374 -29.63 40.97 32.06
C GLU B 374 -29.40 42.39 31.54
N GLY B 375 -30.11 42.75 30.48
CA GLY B 375 -30.00 44.05 29.82
C GLY B 375 -28.72 44.24 29.03
N PRO B 376 -28.63 45.29 28.19
CA PRO B 376 -27.41 45.50 27.38
C PRO B 376 -26.12 45.61 28.19
N GLN B 377 -25.02 45.13 27.60
CA GLN B 377 -23.71 45.08 28.26
C GLN B 377 -22.73 45.94 27.52
N GLU B 378 -22.22 46.99 28.20
CA GLU B 378 -21.26 47.94 27.62
C GLU B 378 -19.93 47.25 27.34
N TRP B 379 -19.53 46.34 28.23
CA TRP B 379 -18.28 45.59 28.09
C TRP B 379 -18.28 44.70 26.83
N VAL B 380 -19.45 44.12 26.46
CA VAL B 380 -19.64 43.29 25.26
C VAL B 380 -19.45 44.19 24.03
N PHE B 381 -20.10 45.37 24.04
CA PHE B 381 -20.01 46.36 22.98
C PHE B 381 -18.57 46.82 22.77
N GLN B 382 -17.85 47.08 23.88
CA GLN B 382 -16.45 47.53 23.86
C GLN B 382 -15.54 46.51 23.21
N GLU B 383 -15.76 45.22 23.53
CA GLU B 383 -15.00 44.10 22.95
C GLU B 383 -15.17 44.05 21.44
N LEU B 384 -16.44 44.15 20.96
CA LEU B 384 -16.78 44.16 19.53
C LEU B 384 -16.13 45.35 18.81
N LYS B 385 -16.13 46.53 19.46
CA LYS B 385 -15.53 47.75 18.94
C LYS B 385 -14.02 47.60 18.86
N ASP B 386 -13.41 47.05 19.92
CA ASP B 386 -11.97 46.83 20.00
C ASP B 386 -11.49 45.84 18.95
N LEU B 387 -12.19 44.67 18.79
CA LEU B 387 -11.88 43.67 17.76
C LEU B 387 -11.99 44.23 16.35
N ASN B 388 -13.05 45.02 16.07
CA ASN B 388 -13.27 45.67 14.77
C ASN B 388 -12.19 46.68 14.44
N ALA B 389 -11.66 47.38 15.47
CA ALA B 389 -10.56 48.34 15.28
C ALA B 389 -9.29 47.60 14.89
N VAL B 390 -9.01 46.46 15.56
CA VAL B 390 -7.85 45.61 15.26
C VAL B 390 -8.01 45.06 13.81
N ALA B 391 -9.20 44.52 13.49
CA ALA B 391 -9.55 43.94 12.18
C ALA B 391 -9.37 44.96 11.05
N PHE B 392 -9.83 46.22 11.26
CA PHE B 392 -9.70 47.28 10.28
C PHE B 392 -8.23 47.66 10.08
N ARG B 393 -7.51 47.88 11.21
CA ARG B 393 -6.10 48.28 11.15
C ARG B 393 -5.22 47.25 10.42
N PHE B 394 -5.27 45.96 10.81
CA PHE B 394 -4.42 44.93 10.22
C PHE B 394 -5.04 44.08 9.09
N LYS B 395 -6.04 44.63 8.38
CA LYS B 395 -6.74 43.97 7.28
C LYS B 395 -5.78 43.64 6.13
N ASP B 396 -5.91 42.45 5.51
CA ASP B 396 -5.11 42.10 4.35
C ASP B 396 -5.52 42.99 3.15
N LYS B 397 -4.58 43.23 2.23
CA LYS B 397 -4.87 44.00 1.02
C LYS B 397 -5.83 43.16 0.14
N GLU B 398 -6.94 43.78 -0.28
CA GLU B 398 -7.99 43.15 -1.10
C GLU B 398 -7.64 43.13 -2.57
N ARG B 399 -8.19 42.15 -3.30
CA ARG B 399 -8.07 42.03 -4.76
C ARG B 399 -8.72 43.29 -5.36
N PRO B 400 -8.11 44.02 -6.33
CA PRO B 400 -8.76 45.26 -6.83
C PRO B 400 -10.19 45.14 -7.36
N ARG B 401 -10.51 44.08 -8.16
CA ARG B 401 -11.82 43.86 -8.76
C ARG B 401 -12.96 43.79 -7.73
N GLY B 402 -12.78 42.99 -6.69
CA GLY B 402 -13.77 42.85 -5.62
C GLY B 402 -13.88 44.08 -4.73
N TYR B 403 -12.76 44.79 -4.56
CA TYR B 403 -12.66 46.01 -3.73
C TYR B 403 -13.44 47.16 -4.37
N THR B 404 -13.37 47.34 -5.71
CA THR B 404 -14.11 48.42 -6.38
C THR B 404 -15.63 48.15 -6.41
N SER B 405 -16.01 46.90 -6.72
CA SER B 405 -17.42 46.44 -6.74
C SER B 405 -18.10 46.70 -5.40
N LYS B 406 -17.46 46.26 -4.30
CA LYS B 406 -17.95 46.42 -2.93
C LYS B 406 -18.17 47.89 -2.55
N ILE B 407 -17.16 48.77 -2.82
CA ILE B 407 -17.23 50.20 -2.47
C ILE B 407 -18.33 50.93 -3.26
N ALA B 408 -18.49 50.59 -4.57
CA ALA B 408 -19.51 51.16 -5.45
C ALA B 408 -20.92 50.99 -4.81
N GLY B 409 -21.15 49.84 -4.18
CA GLY B 409 -22.36 49.56 -3.42
C GLY B 409 -22.42 50.38 -2.15
N ILE B 410 -21.33 50.35 -1.36
CA ILE B 410 -21.16 51.06 -0.08
C ILE B 410 -21.37 52.60 -0.18
N LEU B 411 -20.94 53.21 -1.32
CA LEU B 411 -21.12 54.65 -1.59
C LEU B 411 -22.57 55.14 -1.50
N HIS B 412 -23.57 54.27 -1.80
CA HIS B 412 -25.00 54.62 -1.70
C HIS B 412 -25.54 54.70 -0.26
N TYR B 413 -24.81 54.16 0.74
CA TYR B 413 -25.27 54.07 2.12
C TYR B 413 -24.51 54.89 3.16
N TYR B 414 -23.26 55.28 2.85
CA TYR B 414 -22.43 55.99 3.83
C TYR B 414 -21.84 57.25 3.21
N PRO B 415 -21.48 58.27 4.05
CA PRO B 415 -20.78 59.48 3.51
C PRO B 415 -19.43 59.07 2.91
N LEU B 416 -18.92 59.81 1.90
CA LEU B 416 -17.65 59.54 1.20
C LEU B 416 -16.50 59.21 2.15
N GLU B 417 -16.38 59.99 3.24
CA GLU B 417 -15.35 59.86 4.27
C GLU B 417 -15.40 58.54 5.07
N GLU B 418 -16.55 57.84 5.10
CA GLU B 418 -16.71 56.61 5.88
C GLU B 418 -16.77 55.32 5.03
N VAL B 419 -16.59 55.41 3.70
CA VAL B 419 -16.70 54.23 2.83
C VAL B 419 -15.79 53.04 3.17
N LEU B 420 -14.62 53.30 3.75
CA LEU B 420 -13.67 52.25 4.13
C LEU B 420 -13.92 51.73 5.55
N THR B 421 -14.32 52.61 6.47
CA THR B 421 -14.57 52.28 7.90
C THR B 421 -15.96 51.69 8.12
N ALA B 422 -16.88 51.96 7.15
CA ALA B 422 -18.27 51.52 7.04
C ALA B 422 -18.66 50.26 7.81
N GLU B 423 -18.12 49.11 7.38
CA GLU B 423 -18.42 47.78 7.92
C GLU B 423 -17.48 47.36 9.05
N TYR B 424 -16.69 48.31 9.58
CA TYR B 424 -15.76 48.05 10.65
C TYR B 424 -16.03 48.79 11.93
N LEU B 425 -15.93 50.11 11.88
CA LEU B 425 -15.99 50.91 13.08
C LEU B 425 -17.34 51.18 13.71
N LEU B 426 -17.41 50.83 15.01
CA LEU B 426 -18.53 51.03 15.91
C LEU B 426 -18.11 52.22 16.77
N GLU B 427 -19.04 53.12 17.09
CA GLU B 427 -18.72 54.31 17.86
C GLU B 427 -19.41 54.38 19.21
N GLU B 428 -20.73 54.65 19.22
CA GLU B 428 -21.51 54.85 20.43
C GLU B 428 -22.29 53.63 20.86
N PHE B 429 -22.33 53.37 22.17
CA PHE B 429 -23.12 52.30 22.76
C PHE B 429 -24.53 52.87 22.92
N ARG B 430 -25.48 52.27 22.21
CA ARG B 430 -26.87 52.69 22.25
C ARG B 430 -27.72 51.57 22.84
N PRO B 431 -27.76 51.46 24.20
CA PRO B 431 -28.52 50.36 24.82
C PRO B 431 -30.01 50.37 24.52
N ASP B 432 -30.56 51.56 24.26
CA ASP B 432 -31.96 51.77 23.89
C ASP B 432 -32.29 51.04 22.57
N LEU B 433 -31.38 51.12 21.58
CA LEU B 433 -31.51 50.49 20.27
C LEU B 433 -31.46 48.96 20.34
N ILE B 434 -30.61 48.42 21.22
CA ILE B 434 -30.48 46.97 21.46
C ILE B 434 -31.82 46.47 22.01
N GLU B 435 -32.39 47.21 22.97
CA GLU B 435 -33.66 46.94 23.65
C GLU B 435 -34.82 46.97 22.65
N MET B 436 -34.76 47.93 21.71
CA MET B 436 -35.76 48.14 20.66
C MET B 436 -35.82 46.91 19.74
N VAL B 437 -34.65 46.44 19.27
CA VAL B 437 -34.53 45.25 18.39
C VAL B 437 -34.97 43.99 19.14
N LEU B 438 -34.54 43.84 20.40
CA LEU B 438 -34.84 42.69 21.26
C LEU B 438 -36.34 42.56 21.55
N ASP B 439 -37.08 43.68 21.52
CA ASP B 439 -38.53 43.73 21.70
C ASP B 439 -39.28 43.08 20.52
N LYS B 440 -38.64 42.99 19.33
CA LYS B 440 -39.24 42.37 18.14
C LYS B 440 -39.06 40.86 18.13
N LEU B 441 -38.09 40.35 18.89
CA LEU B 441 -37.79 38.91 18.95
C LEU B 441 -38.74 38.22 19.93
N ARG B 442 -40.03 38.15 19.54
CA ARG B 442 -41.12 37.60 20.36
C ARG B 442 -41.94 36.54 19.63
N PRO B 443 -42.57 35.57 20.37
CA PRO B 443 -43.37 34.51 19.68
C PRO B 443 -44.48 35.01 18.78
N GLU B 444 -45.11 36.12 19.13
CA GLU B 444 -46.20 36.69 18.32
C GLU B 444 -45.73 37.21 16.94
N ASN B 445 -44.41 37.34 16.74
CA ASN B 445 -43.84 37.84 15.50
C ASN B 445 -43.02 36.79 14.74
N VAL B 446 -43.09 35.52 15.17
CA VAL B 446 -42.26 34.45 14.63
C VAL B 446 -42.77 33.77 13.35
N ARG B 447 -41.82 33.37 12.50
CA ARG B 447 -42.01 32.59 11.29
C ARG B 447 -41.07 31.42 11.39
N VAL B 448 -41.61 30.20 11.27
CA VAL B 448 -40.85 28.97 11.45
C VAL B 448 -40.91 28.12 10.18
N ALA B 449 -39.74 27.62 9.76
CA ALA B 449 -39.66 26.73 8.60
C ALA B 449 -38.84 25.48 8.95
N ILE B 450 -39.42 24.29 8.69
CA ILE B 450 -38.71 23.02 8.91
C ILE B 450 -38.44 22.42 7.54
N VAL B 451 -37.17 22.10 7.28
CA VAL B 451 -36.72 21.46 6.04
C VAL B 451 -36.37 20.01 6.40
N SER B 452 -37.07 19.03 5.78
CA SER B 452 -36.88 17.59 6.03
C SER B 452 -37.47 16.74 4.90
N LYS B 453 -36.82 15.61 4.59
CA LYS B 453 -37.32 14.66 3.59
C LYS B 453 -38.52 13.92 4.15
N SER B 454 -38.71 13.94 5.49
CA SER B 454 -39.84 13.31 6.18
C SER B 454 -41.17 13.92 5.73
N PHE B 455 -41.14 15.04 5.00
CA PHE B 455 -42.34 15.71 4.50
C PHE B 455 -42.72 15.29 3.06
N GLU B 456 -41.89 14.44 2.41
CA GLU B 456 -42.10 13.97 1.03
C GLU B 456 -43.46 13.27 0.83
N GLY B 457 -44.31 13.89 0.03
CA GLY B 457 -45.65 13.38 -0.27
C GLY B 457 -46.72 13.81 0.73
N LYS B 458 -46.35 14.59 1.78
CA LYS B 458 -47.22 15.06 2.87
C LYS B 458 -47.41 16.59 2.79
N THR B 459 -47.22 17.13 1.57
CA THR B 459 -47.35 18.55 1.30
C THR B 459 -48.45 18.78 0.27
N ASP B 460 -49.08 19.98 0.30
CA ASP B 460 -50.16 20.35 -0.63
C ASP B 460 -49.83 21.54 -1.53
N ARG B 461 -48.74 22.27 -1.26
CA ARG B 461 -48.39 23.44 -2.10
C ARG B 461 -47.09 23.28 -2.90
N THR B 462 -46.95 24.09 -3.95
CA THR B 462 -45.79 24.11 -4.83
C THR B 462 -45.40 25.55 -5.15
N GLU B 463 -44.13 25.91 -4.91
CA GLU B 463 -43.62 27.24 -5.26
C GLU B 463 -43.26 27.10 -6.75
N GLU B 464 -44.10 27.67 -7.61
CA GLU B 464 -44.03 27.56 -9.06
C GLU B 464 -42.79 28.05 -9.77
N TRP B 465 -42.03 28.96 -9.15
CA TRP B 465 -40.79 29.43 -9.79
C TRP B 465 -39.68 28.41 -9.73
N TYR B 466 -39.61 27.61 -8.64
CA TYR B 466 -38.57 26.60 -8.41
C TYR B 466 -39.04 25.14 -8.38
N GLY B 467 -40.34 24.93 -8.17
CA GLY B 467 -40.93 23.59 -8.08
C GLY B 467 -40.94 23.05 -6.66
N THR B 468 -40.44 23.84 -5.68
CA THR B 468 -40.36 23.46 -4.27
C THR B 468 -41.71 23.04 -3.69
N GLN B 469 -41.72 21.89 -3.01
CA GLN B 469 -42.94 21.33 -2.40
C GLN B 469 -42.94 21.65 -0.94
N TYR B 470 -44.08 22.17 -0.45
CA TYR B 470 -44.22 22.59 0.95
C TYR B 470 -45.68 22.61 1.43
N LYS B 471 -45.83 22.75 2.75
CA LYS B 471 -47.08 22.83 3.47
C LYS B 471 -47.00 24.03 4.45
N GLN B 472 -48.11 24.80 4.55
CA GLN B 472 -48.24 25.91 5.47
C GLN B 472 -49.31 25.62 6.51
N GLU B 473 -49.00 25.87 7.79
CA GLU B 473 -49.88 25.72 8.95
C GLU B 473 -49.71 26.93 9.86
N ALA B 474 -50.79 27.35 10.51
CA ALA B 474 -50.71 28.44 11.48
C ALA B 474 -50.18 27.80 12.77
N ILE B 475 -49.30 28.49 13.51
CA ILE B 475 -48.78 27.91 14.76
C ILE B 475 -49.92 28.03 15.82
N PRO B 476 -50.29 26.94 16.54
CA PRO B 476 -51.34 27.05 17.58
C PRO B 476 -51.04 28.13 18.64
N ASP B 477 -52.09 28.85 19.08
CA ASP B 477 -52.03 29.91 20.10
C ASP B 477 -51.45 29.39 21.41
N GLU B 478 -51.74 28.13 21.72
CA GLU B 478 -51.26 27.36 22.86
C GLU B 478 -49.72 27.19 22.79
N VAL B 479 -49.17 26.99 21.57
CA VAL B 479 -47.72 26.86 21.34
C VAL B 479 -47.07 28.24 21.53
N ILE B 480 -47.72 29.30 21.02
CA ILE B 480 -47.26 30.69 21.14
C ILE B 480 -47.21 31.12 22.61
N LYS B 481 -48.26 30.75 23.39
CA LYS B 481 -48.41 31.01 24.82
C LYS B 481 -47.30 30.35 25.63
N LYS B 482 -47.00 29.07 25.33
CA LYS B 482 -45.92 28.29 25.95
C LYS B 482 -44.60 28.99 25.71
N TRP B 483 -44.34 29.47 24.47
CA TRP B 483 -43.12 30.18 24.09
C TRP B 483 -43.01 31.53 24.81
N GLN B 484 -44.15 32.24 24.97
CA GLN B 484 -44.23 33.53 25.67
C GLN B 484 -43.98 33.37 27.16
N ASN B 485 -44.43 32.24 27.76
CA ASN B 485 -44.31 31.95 29.19
C ASN B 485 -43.10 31.09 29.56
N ALA B 486 -42.07 31.07 28.68
CA ALA B 486 -40.84 30.31 28.88
C ALA B 486 -40.18 30.58 30.23
N ASP B 487 -40.05 29.51 31.06
CA ASP B 487 -39.41 29.55 32.38
C ASP B 487 -37.93 29.85 32.16
N LEU B 488 -37.32 30.66 33.05
CA LEU B 488 -35.90 31.02 32.94
C LEU B 488 -35.04 29.77 33.03
N ASN B 489 -34.05 29.65 32.12
CA ASN B 489 -33.15 28.51 32.05
C ASN B 489 -31.76 28.96 32.49
N GLY B 490 -31.25 28.33 33.54
CA GLY B 490 -29.95 28.64 34.14
C GLY B 490 -28.76 28.27 33.30
N LYS B 491 -28.94 27.33 32.34
CA LYS B 491 -27.89 26.89 31.43
C LYS B 491 -27.41 28.05 30.55
N PHE B 492 -28.26 29.08 30.36
CA PHE B 492 -27.93 30.25 29.56
C PHE B 492 -27.28 31.33 30.37
N LYS B 493 -26.04 31.64 30.01
CA LYS B 493 -25.21 32.66 30.64
C LYS B 493 -24.61 33.52 29.53
N LEU B 494 -24.29 34.77 29.85
CA LEU B 494 -23.63 35.68 28.93
C LEU B 494 -22.19 35.19 28.78
N PRO B 495 -21.49 35.46 27.65
CA PRO B 495 -20.07 35.04 27.56
C PRO B 495 -19.22 35.80 28.59
N THR B 496 -18.05 35.26 28.91
CA THR B 496 -17.10 35.90 29.81
C THR B 496 -16.12 36.69 28.96
N LYS B 497 -15.22 37.48 29.58
CA LYS B 497 -14.19 38.27 28.90
C LYS B 497 -13.43 37.37 27.92
N ASN B 498 -13.31 37.80 26.65
CA ASN B 498 -12.61 37.02 25.66
C ASN B 498 -11.10 37.19 25.88
N GLU B 499 -10.47 36.16 26.44
CA GLU B 499 -9.04 36.18 26.74
C GLU B 499 -8.16 35.99 25.51
N PHE B 500 -8.75 35.80 24.30
CA PHE B 500 -7.99 35.63 23.08
C PHE B 500 -7.80 36.96 22.35
N ILE B 501 -8.36 38.05 22.86
CA ILE B 501 -8.20 39.35 22.23
C ILE B 501 -6.71 39.69 22.13
N PRO B 502 -6.16 39.85 20.91
CA PRO B 502 -4.72 40.15 20.78
C PRO B 502 -4.40 41.55 21.26
N THR B 503 -3.20 41.71 21.83
CA THR B 503 -2.69 42.98 22.38
C THR B 503 -1.29 43.26 21.87
N ASN B 504 -0.50 42.21 21.62
CA ASN B 504 0.87 42.34 21.13
C ASN B 504 0.93 42.33 19.58
N PHE B 505 1.14 43.51 19.00
CA PHE B 505 1.20 43.70 17.54
C PHE B 505 2.58 44.03 17.06
N GLU B 506 3.59 43.78 17.90
CA GLU B 506 4.99 44.03 17.55
C GLU B 506 5.41 43.21 16.35
N ILE B 507 5.98 43.91 15.38
CA ILE B 507 6.55 43.31 14.20
C ILE B 507 8.01 43.10 14.56
N LEU B 508 8.40 41.83 14.69
CA LEU B 508 9.77 41.45 15.05
C LEU B 508 10.74 41.86 13.95
N PRO B 509 11.90 42.46 14.31
CA PRO B 509 12.85 42.89 13.27
C PRO B 509 13.27 41.72 12.39
N LEU B 510 13.45 41.99 11.09
CA LEU B 510 13.87 40.98 10.14
C LEU B 510 15.28 40.50 10.54
N GLU B 511 15.42 39.21 10.84
CA GLU B 511 16.69 38.61 11.31
C GLU B 511 17.80 38.77 10.28
N LYS B 512 19.07 38.81 10.75
CA LYS B 512 20.25 38.93 9.87
C LYS B 512 20.26 37.80 8.83
N GLU B 513 20.00 36.56 9.28
CA GLU B 513 19.97 35.40 8.40
C GLU B 513 18.54 35.03 7.96
N ALA B 514 17.72 36.06 7.62
CA ALA B 514 16.36 35.85 7.10
C ALA B 514 16.52 35.47 5.61
N THR B 515 15.65 34.60 5.10
CA THR B 515 15.73 34.05 3.73
C THR B 515 14.56 34.50 2.82
N PRO B 516 14.77 34.62 1.48
CA PRO B 516 13.64 35.00 0.58
C PRO B 516 12.56 33.91 0.43
N TYR B 517 12.95 32.65 0.63
CA TYR B 517 12.02 31.51 0.53
C TYR B 517 12.11 30.69 1.82
N PRO B 518 11.16 29.75 2.10
CA PRO B 518 11.27 28.93 3.32
C PRO B 518 12.55 28.09 3.33
N ALA B 519 13.18 27.98 4.50
CA ALA B 519 14.39 27.19 4.66
C ALA B 519 14.13 26.02 5.59
N LEU B 520 14.77 24.88 5.32
CA LEU B 520 14.65 23.70 6.17
C LEU B 520 15.52 23.93 7.42
N ILE B 521 14.86 24.21 8.56
CA ILE B 521 15.56 24.52 9.82
C ILE B 521 15.62 23.35 10.80
N LYS B 522 14.91 22.28 10.50
CA LYS B 522 14.90 21.07 11.31
C LYS B 522 14.62 19.88 10.40
N ASP B 523 15.52 18.87 10.45
CA ASP B 523 15.44 17.66 9.65
C ASP B 523 15.79 16.47 10.53
N THR B 524 14.77 15.93 11.21
CA THR B 524 14.88 14.82 12.13
C THR B 524 13.99 13.69 11.65
N ALA B 525 14.07 12.52 12.31
CA ALA B 525 13.24 11.37 11.97
C ALA B 525 11.75 11.68 12.18
N MET B 526 11.44 12.50 13.18
CA MET B 526 10.08 12.86 13.49
C MET B 526 9.55 14.08 12.73
N SER B 527 10.41 15.06 12.41
CA SER B 527 9.93 16.26 11.74
C SER B 527 10.83 17.00 10.77
N LYS B 528 10.21 17.51 9.68
CA LYS B 528 10.82 18.39 8.70
C LYS B 528 10.16 19.75 8.95
N LEU B 529 10.97 20.78 9.24
CA LEU B 529 10.44 22.12 9.53
C LEU B 529 10.93 23.17 8.54
N TRP B 530 9.99 23.73 7.78
CA TRP B 530 10.24 24.77 6.79
C TRP B 530 9.82 26.08 7.41
N PHE B 531 10.71 27.08 7.37
CA PHE B 531 10.45 28.37 8.01
C PHE B 531 10.85 29.54 7.16
N LYS B 532 10.04 30.60 7.22
CA LYS B 532 10.30 31.88 6.59
C LYS B 532 9.68 32.99 7.42
N GLN B 533 10.51 33.95 7.82
CA GLN B 533 10.02 35.13 8.51
C GLN B 533 9.51 36.04 7.38
N ASP B 534 8.32 36.62 7.55
CA ASP B 534 7.72 37.49 6.54
C ASP B 534 8.59 38.76 6.30
N ASP B 535 8.92 38.99 5.02
CA ASP B 535 9.72 40.15 4.59
C ASP B 535 8.93 41.01 3.60
N LYS B 536 7.59 40.91 3.58
CA LYS B 536 6.77 41.63 2.60
C LYS B 536 5.57 42.39 3.12
N PHE B 537 4.76 41.75 3.99
CA PHE B 537 3.49 42.30 4.44
C PHE B 537 3.54 43.08 5.72
N PHE B 538 4.38 42.63 6.66
CA PHE B 538 4.62 43.27 7.94
C PHE B 538 3.38 43.49 8.78
N LEU B 539 2.48 42.50 8.77
CA LEU B 539 1.26 42.50 9.57
C LEU B 539 1.48 41.53 10.74
N PRO B 540 0.87 41.73 11.94
CA PRO B 540 1.22 40.87 13.08
C PRO B 540 0.48 39.52 13.02
N LYS B 541 0.84 38.75 12.00
CA LYS B 541 0.18 37.47 11.75
C LYS B 541 1.18 36.42 11.35
N ALA B 542 0.78 35.16 11.46
CA ALA B 542 1.60 34.01 11.06
C ALA B 542 0.69 32.84 10.67
N ASN B 543 1.16 32.02 9.72
CA ASN B 543 0.45 30.83 9.24
C ASN B 543 1.28 29.64 9.65
N LEU B 544 0.67 28.71 10.38
CA LEU B 544 1.37 27.52 10.89
C LEU B 544 0.70 26.27 10.32
N ASN B 545 1.33 25.64 9.32
CA ASN B 545 0.82 24.45 8.63
C ASN B 545 1.55 23.19 9.08
N PHE B 546 0.80 22.15 9.47
CA PHE B 546 1.35 20.86 9.89
C PHE B 546 0.69 19.72 9.16
N GLU B 547 1.52 18.88 8.53
CA GLU B 547 1.04 17.67 7.89
C GLU B 547 1.57 16.50 8.76
N PHE B 548 0.65 15.73 9.38
CA PHE B 548 0.97 14.58 10.23
C PHE B 548 0.79 13.35 9.38
N PHE B 549 1.87 12.55 9.22
CA PHE B 549 1.84 11.33 8.41
C PHE B 549 1.71 10.13 9.27
N SER B 550 0.80 9.23 8.86
CA SER B 550 0.56 7.93 9.49
C SER B 550 0.06 6.95 8.44
N PRO B 551 0.63 5.72 8.35
CA PRO B 551 0.08 4.72 7.40
C PRO B 551 -1.29 4.20 7.82
N PHE B 552 -1.71 4.49 9.06
CA PHE B 552 -2.99 4.04 9.62
C PHE B 552 -4.19 4.93 9.36
N ALA B 553 -3.98 6.06 8.64
CA ALA B 553 -5.06 7.02 8.37
C ALA B 553 -5.89 6.67 7.15
N TYR B 554 -5.32 5.87 6.24
CA TYR B 554 -5.95 5.50 4.97
C TYR B 554 -5.70 4.06 4.56
N VAL B 555 -5.20 3.22 5.50
CA VAL B 555 -4.88 1.79 5.22
C VAL B 555 -6.09 0.99 4.62
N ASP B 556 -7.30 1.27 5.10
CA ASP B 556 -8.51 0.65 4.61
C ASP B 556 -9.70 1.62 4.82
N PRO B 557 -10.92 1.34 4.28
CA PRO B 557 -12.04 2.28 4.47
C PRO B 557 -12.40 2.56 5.93
N LEU B 558 -12.42 1.54 6.78
CA LEU B 558 -12.70 1.66 8.22
C LEU B 558 -11.79 2.67 8.92
N HIS B 559 -10.50 2.58 8.69
CA HIS B 559 -9.50 3.49 9.27
C HIS B 559 -9.68 4.90 8.76
N SER B 560 -10.02 5.05 7.45
CA SER B 560 -10.28 6.36 6.82
C SER B 560 -11.51 7.02 7.48
N ASN B 561 -12.58 6.23 7.74
CA ASN B 561 -13.78 6.63 8.47
C ASN B 561 -13.40 7.05 9.88
N MET B 562 -12.59 6.22 10.56
CA MET B 562 -12.15 6.49 11.93
C MET B 562 -11.29 7.73 12.07
N ALA B 563 -10.44 8.00 11.06
CA ALA B 563 -9.63 9.22 10.99
C ALA B 563 -10.55 10.45 10.88
N TYR B 564 -11.62 10.34 10.07
CA TYR B 564 -12.59 11.41 9.87
C TYR B 564 -13.36 11.71 11.15
N LEU B 565 -13.94 10.66 11.80
CA LEU B 565 -14.72 10.77 13.02
C LEU B 565 -13.93 11.31 14.18
N TYR B 566 -12.69 10.84 14.32
CA TYR B 566 -11.77 11.32 15.35
C TYR B 566 -11.64 12.86 15.28
N LEU B 567 -11.29 13.39 14.11
CA LEU B 567 -11.09 14.83 13.89
C LEU B 567 -12.35 15.68 14.00
N GLU B 568 -13.51 15.13 13.59
CA GLU B 568 -14.80 15.78 13.73
C GLU B 568 -15.18 15.87 15.19
N LEU B 569 -14.93 14.81 15.96
CA LEU B 569 -15.24 14.80 17.40
C LEU B 569 -14.32 15.70 18.16
N LEU B 570 -13.09 15.81 17.70
CA LEU B 570 -12.07 16.65 18.30
C LEU B 570 -12.42 18.13 18.07
N LYS B 571 -12.82 18.50 16.84
CA LYS B 571 -13.25 19.87 16.53
C LYS B 571 -14.53 20.25 17.29
N ASP B 572 -15.45 19.29 17.45
CA ASP B 572 -16.69 19.45 18.19
C ASP B 572 -16.41 19.72 19.71
N SER B 573 -15.44 19.01 20.29
CA SER B 573 -15.04 19.09 21.67
C SER B 573 -14.30 20.40 22.02
N LEU B 574 -13.55 20.91 21.05
CA LEU B 574 -12.73 22.11 21.16
C LEU B 574 -13.50 23.37 20.69
N ASN B 575 -14.71 23.20 20.10
CA ASN B 575 -15.53 24.28 19.56
C ASN B 575 -15.77 25.46 20.51
N GLU B 576 -16.30 25.21 21.72
CA GLU B 576 -16.58 26.24 22.72
C GLU B 576 -15.36 27.13 22.98
N TYR B 577 -14.18 26.51 23.12
CA TYR B 577 -12.91 27.17 23.40
C TYR B 577 -12.37 27.89 22.16
N ALA B 578 -12.41 27.22 20.99
CA ALA B 578 -11.87 27.79 19.76
C ALA B 578 -12.69 28.96 19.22
N TYR B 579 -14.00 28.99 19.48
CA TYR B 579 -14.88 30.07 19.02
C TYR B 579 -14.40 31.49 19.45
N ALA B 580 -14.00 31.66 20.73
CA ALA B 580 -13.47 32.91 21.27
C ALA B 580 -12.19 33.32 20.51
N ALA B 581 -11.35 32.33 20.16
CA ALA B 581 -10.13 32.57 19.41
C ALA B 581 -10.48 33.01 17.97
N GLU B 582 -11.50 32.37 17.36
CA GLU B 582 -12.00 32.66 16.01
C GLU B 582 -12.53 34.10 15.95
N LEU B 583 -13.26 34.54 16.99
CA LEU B 583 -13.76 35.91 17.11
C LEU B 583 -12.60 36.88 17.21
N ALA B 584 -11.50 36.46 17.84
CA ALA B 584 -10.30 37.28 18.03
C ALA B 584 -9.25 37.20 16.90
N GLY B 585 -9.68 36.77 15.71
CA GLY B 585 -8.82 36.68 14.53
C GLY B 585 -7.79 35.57 14.57
N LEU B 586 -8.07 34.49 15.33
CA LEU B 586 -7.19 33.34 15.42
C LEU B 586 -7.97 32.09 15.00
N SER B 587 -7.74 31.61 13.79
CA SER B 587 -8.50 30.45 13.36
C SER B 587 -7.65 29.19 13.08
N TYR B 588 -8.33 28.03 13.05
CA TYR B 588 -7.66 26.78 12.75
C TYR B 588 -8.52 25.87 11.88
N ASP B 589 -7.85 24.97 11.21
CA ASP B 589 -8.47 23.97 10.38
C ASP B 589 -7.79 22.62 10.69
N LEU B 590 -8.61 21.58 10.87
CA LEU B 590 -8.10 20.25 11.16
C LEU B 590 -8.84 19.24 10.29
N GLN B 591 -8.11 18.61 9.36
CA GLN B 591 -8.74 17.64 8.45
C GLN B 591 -7.91 16.43 8.15
N ASN B 592 -8.57 15.28 7.94
CA ASN B 592 -7.87 14.05 7.60
C ASN B 592 -7.53 14.08 6.10
N THR B 593 -6.43 13.42 5.74
CA THR B 593 -5.96 13.33 4.37
C THR B 593 -5.76 11.85 4.03
N ILE B 594 -5.34 11.57 2.79
CA ILE B 594 -5.03 10.21 2.36
C ILE B 594 -3.70 9.71 2.95
N TYR B 595 -2.95 10.60 3.63
CA TYR B 595 -1.65 10.29 4.25
C TYR B 595 -1.61 10.46 5.77
N GLY B 596 -2.65 11.04 6.35
CA GLY B 596 -2.72 11.30 7.78
C GLY B 596 -3.67 12.44 8.12
N MET B 597 -3.16 13.50 8.76
CA MET B 597 -3.92 14.67 9.23
C MET B 597 -3.26 15.96 8.79
N TYR B 598 -4.06 17.00 8.65
CA TYR B 598 -3.61 18.32 8.28
C TYR B 598 -4.16 19.32 9.28
N LEU B 599 -3.27 20.13 9.86
CA LEU B 599 -3.60 21.17 10.83
C LEU B 599 -3.02 22.51 10.38
N SER B 600 -3.88 23.52 10.32
CA SER B 600 -3.43 24.87 9.99
C SER B 600 -3.93 25.86 11.01
N VAL B 601 -3.03 26.70 11.52
CA VAL B 601 -3.39 27.74 12.49
C VAL B 601 -3.01 29.06 11.84
N LYS B 602 -3.99 29.95 11.68
CA LYS B 602 -3.80 31.24 11.02
C LYS B 602 -4.33 32.40 11.86
N GLY B 603 -3.78 33.59 11.62
CA GLY B 603 -4.21 34.82 12.27
C GLY B 603 -3.15 35.51 13.10
N TYR B 604 -3.59 36.33 14.08
CA TYR B 604 -2.68 37.07 14.97
C TYR B 604 -1.79 36.13 15.72
N ASN B 605 -0.47 36.34 15.59
CA ASN B 605 0.56 35.51 16.20
C ASN B 605 0.57 35.48 17.73
N ASP B 606 0.07 36.55 18.37
CA ASP B 606 0.07 36.77 19.81
C ASP B 606 -0.33 35.53 20.68
N LYS B 607 -1.59 35.12 20.64
CA LYS B 607 -2.08 33.98 21.43
C LYS B 607 -2.03 32.67 20.64
N GLN B 608 -1.36 32.69 19.46
CA GLN B 608 -1.21 31.54 18.56
C GLN B 608 -0.62 30.28 19.24
N PRO B 609 0.50 30.38 20.02
CA PRO B 609 1.02 29.16 20.69
C PRO B 609 0.08 28.56 21.73
N ILE B 610 -0.74 29.40 22.39
CA ILE B 610 -1.73 28.95 23.39
C ILE B 610 -2.79 28.02 22.71
N LEU B 611 -3.36 28.44 21.55
CA LEU B 611 -4.36 27.67 20.83
C LEU B 611 -3.77 26.36 20.32
N LEU B 612 -2.58 26.41 19.70
CA LEU B 612 -1.87 25.26 19.15
C LEU B 612 -1.63 24.19 20.23
N LYS B 613 -1.18 24.63 21.41
CA LYS B 613 -0.92 23.75 22.55
C LYS B 613 -2.18 23.00 22.94
N LYS B 614 -3.30 23.74 23.04
CA LYS B 614 -4.60 23.15 23.40
C LYS B 614 -5.06 22.11 22.38
N ILE B 615 -4.84 22.36 21.06
CA ILE B 615 -5.22 21.41 20.00
C ILE B 615 -4.38 20.13 20.12
N ILE B 616 -3.04 20.25 20.26
CA ILE B 616 -2.15 19.10 20.36
C ILE B 616 -2.43 18.26 21.59
N GLU B 617 -2.65 18.91 22.75
CA GLU B 617 -3.00 18.24 24.01
C GLU B 617 -4.30 17.46 23.87
N LYS B 618 -5.35 18.11 23.35
CA LYS B 618 -6.67 17.52 23.13
C LYS B 618 -6.56 16.34 22.13
N MET B 619 -5.77 16.48 21.02
CA MET B 619 -5.50 15.42 20.03
C MET B 619 -5.01 14.12 20.71
N ALA B 620 -4.05 14.28 21.65
CA ALA B 620 -3.35 13.25 22.39
C ALA B 620 -4.01 12.75 23.70
N THR B 621 -4.97 13.51 24.27
CA THR B 621 -5.61 13.12 25.54
C THR B 621 -7.13 13.08 25.38
N PHE B 622 -7.58 12.88 24.14
CA PHE B 622 -8.98 12.91 23.75
C PHE B 622 -9.93 11.91 24.40
N GLU B 623 -10.95 12.43 25.09
CA GLU B 623 -12.03 11.69 25.74
C GLU B 623 -13.31 11.90 24.94
N ILE B 624 -13.78 10.84 24.30
CA ILE B 624 -14.96 10.88 23.43
C ILE B 624 -16.24 10.75 24.24
N ASP B 625 -17.21 11.64 23.98
CA ASP B 625 -18.53 11.58 24.57
C ASP B 625 -19.36 10.72 23.62
N GLU B 626 -19.86 9.58 24.13
CA GLU B 626 -20.66 8.62 23.39
C GLU B 626 -21.83 9.27 22.63
N LYS B 627 -22.57 10.21 23.27
CA LYS B 627 -23.70 10.90 22.63
C LYS B 627 -23.27 11.67 21.38
N ARG B 628 -22.15 12.40 21.45
CA ARG B 628 -21.59 13.16 20.35
C ARG B 628 -21.20 12.19 19.24
N PHE B 629 -20.45 11.09 19.61
CA PHE B 629 -19.99 10.05 18.70
C PHE B 629 -21.14 9.55 17.81
N GLU B 630 -22.27 9.16 18.42
CA GLU B 630 -23.44 8.66 17.69
C GLU B 630 -24.06 9.73 16.77
N ILE B 631 -24.11 10.97 17.24
CA ILE B 631 -24.66 12.10 16.48
C ILE B 631 -23.78 12.41 15.26
N ILE B 632 -22.46 12.53 15.49
CA ILE B 632 -21.48 12.78 14.44
C ILE B 632 -21.41 11.62 13.41
N LYS B 633 -21.51 10.37 13.89
CA LYS B 633 -21.52 9.18 13.02
C LYS B 633 -22.71 9.19 12.04
N GLU B 634 -23.90 9.56 12.54
CA GLU B 634 -25.13 9.65 11.73
C GLU B 634 -25.02 10.76 10.69
N ALA B 635 -24.51 11.94 11.09
CA ALA B 635 -24.32 13.09 10.21
C ALA B 635 -23.32 12.74 9.09
N TYR B 636 -22.25 11.94 9.42
CA TYR B 636 -21.25 11.49 8.45
C TYR B 636 -21.86 10.54 7.42
N MET B 637 -22.74 9.65 7.85
CA MET B 637 -23.49 8.73 6.99
C MET B 637 -24.32 9.52 5.96
N ARG B 638 -25.06 10.55 6.44
CA ARG B 638 -25.89 11.38 5.57
C ARG B 638 -25.01 12.18 4.59
N SER B 639 -23.89 12.74 5.08
CA SER B 639 -22.90 13.46 4.28
C SER B 639 -22.36 12.60 3.12
N LEU B 640 -22.18 11.28 3.35
CA LEU B 640 -21.70 10.32 2.35
C LEU B 640 -22.78 10.05 1.31
N ASN B 641 -24.03 9.87 1.75
CA ASN B 641 -25.16 9.65 0.85
C ASN B 641 -25.45 10.89 0.04
N ASN B 642 -25.42 12.08 0.68
CA ASN B 642 -25.61 13.39 0.04
C ASN B 642 -24.78 13.66 -1.20
N PHE B 643 -23.68 12.92 -1.40
CA PHE B 643 -22.80 13.08 -2.56
C PHE B 643 -23.54 12.76 -3.86
N ARG B 644 -24.62 11.94 -3.79
CA ARG B 644 -25.48 11.59 -4.93
C ARG B 644 -26.15 12.85 -5.52
N ALA B 645 -26.44 13.85 -4.66
CA ALA B 645 -27.07 15.11 -5.04
C ALA B 645 -26.07 16.17 -5.47
N GLU B 646 -24.79 15.82 -5.55
CA GLU B 646 -23.76 16.74 -6.02
C GLU B 646 -23.82 16.80 -7.56
N GLN B 647 -23.35 17.91 -8.16
CA GLN B 647 -23.40 18.17 -9.60
C GLN B 647 -22.67 17.12 -10.46
N PRO B 648 -23.20 16.80 -11.67
CA PRO B 648 -22.54 15.77 -12.51
C PRO B 648 -21.07 15.97 -12.86
N HIS B 649 -20.61 17.22 -13.03
CA HIS B 649 -19.21 17.52 -13.31
C HIS B 649 -18.32 17.25 -12.08
N GLN B 650 -18.87 17.45 -10.85
CA GLN B 650 -18.21 17.19 -9.57
C GLN B 650 -18.01 15.68 -9.42
N HIS B 651 -19.02 14.89 -9.85
CA HIS B 651 -18.99 13.42 -9.87
C HIS B 651 -17.89 12.95 -10.83
N ALA B 652 -17.80 13.57 -12.02
CA ALA B 652 -16.79 13.24 -13.04
C ALA B 652 -15.38 13.41 -12.51
N MET B 653 -15.14 14.52 -11.80
CA MET B 653 -13.84 14.85 -11.20
C MET B 653 -13.47 13.83 -10.11
N TYR B 654 -14.46 13.41 -9.33
CA TYR B 654 -14.35 12.44 -8.27
C TYR B 654 -13.93 11.05 -8.82
N TYR B 655 -14.66 10.54 -9.83
CA TYR B 655 -14.37 9.25 -10.45
C TYR B 655 -12.98 9.19 -11.06
N LEU B 656 -12.49 10.31 -11.66
CA LEU B 656 -11.15 10.36 -12.24
C LEU B 656 -10.04 10.23 -11.18
N ARG B 657 -10.20 10.92 -10.04
CA ARG B 657 -9.27 10.81 -8.90
C ARG B 657 -9.23 9.35 -8.39
N LEU B 658 -10.39 8.68 -8.29
CA LEU B 658 -10.45 7.27 -7.88
C LEU B 658 -9.69 6.38 -8.85
N LEU B 659 -9.85 6.64 -10.14
CA LEU B 659 -9.28 5.89 -11.26
C LEU B 659 -7.76 6.01 -11.40
N MET B 660 -7.26 7.23 -11.28
CA MET B 660 -5.86 7.58 -11.52
C MET B 660 -4.89 7.46 -10.35
N THR B 661 -5.41 7.34 -9.13
CA THR B 661 -4.56 7.25 -7.93
C THR B 661 -4.43 5.78 -7.53
N GLU B 662 -3.23 5.36 -7.12
CA GLU B 662 -2.88 4.00 -6.68
C GLU B 662 -3.91 3.40 -5.65
N VAL B 663 -4.20 4.13 -4.56
CA VAL B 663 -5.15 3.75 -3.50
C VAL B 663 -6.17 4.89 -3.35
N ALA B 664 -7.47 4.54 -3.35
CA ALA B 664 -8.61 5.46 -3.21
C ALA B 664 -9.86 4.70 -2.86
N TRP B 665 -10.45 5.04 -1.70
CA TRP B 665 -11.67 4.38 -1.21
C TRP B 665 -12.88 5.15 -1.67
N THR B 666 -13.85 4.44 -2.23
CA THR B 666 -15.06 5.07 -2.76
C THR B 666 -16.01 5.42 -1.61
N LYS B 667 -16.99 6.32 -1.89
CA LYS B 667 -18.03 6.74 -0.94
C LYS B 667 -18.84 5.54 -0.46
N ASP B 668 -19.13 4.59 -1.37
CA ASP B 668 -19.83 3.34 -1.10
C ASP B 668 -19.04 2.41 -0.18
N GLU B 669 -17.72 2.31 -0.38
CA GLU B 669 -16.87 1.48 0.48
C GLU B 669 -16.80 2.15 1.88
N LEU B 670 -16.70 3.48 1.90
CA LEU B 670 -16.69 4.24 3.17
C LEU B 670 -18.02 4.07 3.94
N LYS B 671 -19.16 4.19 3.26
CA LYS B 671 -20.44 4.01 3.97
C LYS B 671 -20.70 2.60 4.45
N GLU B 672 -20.26 1.59 3.71
CA GLU B 672 -20.37 0.18 4.09
C GLU B 672 -19.54 -0.12 5.36
N ALA B 673 -18.33 0.43 5.44
CA ALA B 673 -17.44 0.26 6.59
C ALA B 673 -17.84 1.13 7.82
N LEU B 674 -18.70 2.13 7.63
CA LEU B 674 -19.14 3.03 8.70
C LEU B 674 -19.91 2.34 9.81
N ASP B 675 -20.73 1.35 9.46
CA ASP B 675 -21.51 0.60 10.44
C ASP B 675 -20.65 -0.20 11.39
N ASP B 676 -19.41 -0.56 10.98
CA ASP B 676 -18.44 -1.27 11.82
C ASP B 676 -17.66 -0.33 12.76
N VAL B 677 -17.87 1.00 12.66
CA VAL B 677 -17.19 1.93 13.56
C VAL B 677 -17.92 1.93 14.92
N THR B 678 -17.36 1.25 15.91
CA THR B 678 -17.96 1.25 17.24
C THR B 678 -17.14 2.19 18.11
N LEU B 679 -17.67 2.60 19.27
CA LEU B 679 -16.95 3.48 20.19
C LEU B 679 -15.63 2.83 20.69
N PRO B 680 -15.62 1.53 21.15
CA PRO B 680 -14.35 0.90 21.56
C PRO B 680 -13.30 0.79 20.45
N ARG B 681 -13.74 0.59 19.21
CA ARG B 681 -12.87 0.49 18.03
C ARG B 681 -12.21 1.84 17.74
N LEU B 682 -12.96 2.93 17.84
CA LEU B 682 -12.45 4.29 17.67
C LEU B 682 -11.47 4.65 18.81
N LYS B 683 -11.77 4.24 20.07
CA LYS B 683 -10.88 4.48 21.21
C LYS B 683 -9.54 3.73 21.08
N ALA B 684 -9.51 2.57 20.39
CA ALA B 684 -8.25 1.87 20.15
C ALA B 684 -7.51 2.48 18.94
N PHE B 685 -8.27 2.99 17.95
CA PHE B 685 -7.69 3.58 16.75
C PHE B 685 -6.78 4.79 17.05
N ILE B 686 -7.25 5.72 17.92
CA ILE B 686 -6.54 6.95 18.27
C ILE B 686 -5.10 6.75 18.76
N PRO B 687 -4.84 5.93 19.81
CA PRO B 687 -3.44 5.68 20.21
C PRO B 687 -2.65 5.01 19.08
N GLN B 688 -3.30 4.09 18.32
CA GLN B 688 -2.65 3.44 17.18
C GLN B 688 -2.19 4.49 16.15
N LEU B 689 -3.10 5.40 15.76
CA LEU B 689 -2.78 6.44 14.78
C LEU B 689 -1.62 7.33 15.23
N LEU B 690 -1.67 7.77 16.49
CA LEU B 690 -0.68 8.69 17.08
C LEU B 690 0.63 8.04 17.54
N SER B 691 0.68 6.69 17.63
CA SER B 691 1.85 5.93 18.09
C SER B 691 3.13 6.22 17.30
N ARG B 692 3.00 6.35 15.96
CA ARG B 692 4.12 6.59 15.04
C ARG B 692 3.72 7.66 14.02
N LEU B 693 4.45 8.77 14.01
CA LEU B 693 4.16 9.90 13.11
C LEU B 693 5.39 10.53 12.54
N HIS B 694 5.22 11.18 11.40
CA HIS B 694 6.19 12.07 10.82
C HIS B 694 5.42 13.38 10.66
N ILE B 695 6.04 14.51 11.04
CA ILE B 695 5.42 15.83 10.95
C ILE B 695 6.19 16.69 9.95
N GLU B 696 5.49 17.23 8.96
CA GLU B 696 6.12 18.17 8.05
C GLU B 696 5.40 19.50 8.23
N ALA B 697 6.17 20.55 8.53
CA ALA B 697 5.57 21.84 8.80
C ALA B 697 6.11 23.00 8.02
N LEU B 698 5.26 24.02 7.83
CA LEU B 698 5.60 25.32 7.26
C LEU B 698 5.14 26.41 8.26
N LEU B 699 6.09 27.16 8.80
CA LEU B 699 5.76 28.25 9.72
C LEU B 699 6.24 29.53 9.05
N HIS B 700 5.27 30.33 8.64
CA HIS B 700 5.50 31.54 7.87
C HIS B 700 4.75 32.73 8.44
N GLY B 701 5.47 33.83 8.71
CA GLY B 701 4.87 35.08 9.18
C GLY B 701 5.73 35.88 10.13
N ASN B 702 5.08 36.54 11.11
CA ASN B 702 5.71 37.38 12.11
C ASN B 702 6.25 36.51 13.25
N ILE B 703 7.35 35.79 12.95
CA ILE B 703 8.03 34.85 13.86
C ILE B 703 9.49 34.77 13.53
N THR B 704 10.32 34.47 14.53
CA THR B 704 11.76 34.30 14.37
C THR B 704 12.07 32.81 14.25
N LYS B 705 13.32 32.49 13.85
CA LYS B 705 13.83 31.13 13.71
C LYS B 705 13.71 30.36 15.01
N GLN B 706 14.09 30.98 16.15
CA GLN B 706 14.02 30.40 17.50
C GLN B 706 12.58 30.13 17.91
N ALA B 707 11.69 31.09 17.68
CA ALA B 707 10.26 30.97 17.98
C ALA B 707 9.63 29.81 17.17
N ALA B 708 10.04 29.67 15.88
CA ALA B 708 9.59 28.59 14.98
C ALA B 708 9.99 27.21 15.55
N LEU B 709 11.29 27.05 15.91
CA LEU B 709 11.84 25.84 16.53
C LEU B 709 11.15 25.51 17.87
N GLY B 710 10.81 26.54 18.65
CA GLY B 710 10.10 26.41 19.92
C GLY B 710 8.69 25.87 19.74
N ILE B 711 8.01 26.30 18.64
CA ILE B 711 6.65 25.86 18.30
C ILE B 711 6.66 24.37 17.92
N MET B 712 7.57 23.98 17.02
CA MET B 712 7.73 22.62 16.54
C MET B 712 8.06 21.65 17.70
N GLN B 713 8.96 22.08 18.61
CA GLN B 713 9.39 21.31 19.78
C GLN B 713 8.22 21.07 20.72
N MET B 714 7.41 22.09 20.93
CA MET B 714 6.20 22.03 21.77
C MET B 714 5.18 21.01 21.17
N VAL B 715 5.02 20.99 19.82
CA VAL B 715 4.11 20.05 19.14
C VAL B 715 4.63 18.62 19.39
N GLU B 716 5.93 18.40 19.10
CA GLU B 716 6.63 17.13 19.32
C GLU B 716 6.53 16.64 20.77
N ASP B 717 6.94 17.51 21.72
CA ASP B 717 6.93 17.19 23.15
C ASP B 717 5.54 16.84 23.66
N THR B 718 4.50 17.55 23.21
CA THR B 718 3.12 17.27 23.61
C THR B 718 2.67 15.88 23.13
N LEU B 719 3.01 15.52 21.89
CA LEU B 719 2.67 14.22 21.32
C LEU B 719 3.47 13.10 21.99
N ILE B 720 4.81 13.32 22.18
CA ILE B 720 5.70 12.35 22.83
C ILE B 720 5.22 12.04 24.26
N GLU B 721 4.88 13.10 25.04
CA GLU B 721 4.43 12.93 26.41
C GLU B 721 3.08 12.18 26.55
N HIS B 722 2.01 12.71 25.93
CA HIS B 722 0.66 12.17 26.03
C HIS B 722 0.32 10.96 25.16
N ALA B 723 0.88 10.87 23.93
CA ALA B 723 0.56 9.78 22.99
C ALA B 723 1.69 8.76 22.79
N HIS B 724 2.86 9.00 23.42
CA HIS B 724 4.07 8.17 23.33
C HIS B 724 4.51 8.00 21.88
N THR B 725 4.43 9.11 21.11
CA THR B 725 4.77 9.15 19.70
C THR B 725 6.25 8.87 19.46
N LYS B 726 6.52 8.02 18.47
CA LYS B 726 7.86 7.63 18.03
C LYS B 726 7.92 7.93 16.54
N PRO B 727 9.08 8.16 15.93
CA PRO B 727 9.07 8.46 14.48
C PRO B 727 8.83 7.24 13.60
N LEU B 728 8.39 7.48 12.36
CA LEU B 728 8.19 6.47 11.34
C LEU B 728 9.50 6.26 10.64
N LEU B 729 9.68 5.07 10.05
CA LEU B 729 10.86 4.74 9.24
C LEU B 729 10.79 5.48 7.90
N PRO B 730 11.91 5.93 7.34
CA PRO B 730 11.86 6.64 6.04
C PRO B 730 11.19 5.81 4.92
N SER B 731 11.34 4.48 4.96
CA SER B 731 10.71 3.55 4.00
C SER B 731 9.18 3.52 4.15
N GLN B 732 8.63 3.94 5.32
CA GLN B 732 7.19 4.00 5.58
C GLN B 732 6.57 5.27 4.99
N LEU B 733 7.40 6.27 4.63
CA LEU B 733 6.94 7.55 4.07
C LEU B 733 6.67 7.43 2.59
N VAL B 734 5.66 6.64 2.26
CA VAL B 734 5.26 6.34 0.91
C VAL B 734 4.23 7.32 0.38
N ARG B 735 4.40 7.74 -0.87
CA ARG B 735 3.43 8.61 -1.52
C ARG B 735 2.76 7.80 -2.62
N TYR B 736 1.46 8.07 -2.88
CA TYR B 736 0.73 7.33 -3.91
C TYR B 736 1.16 7.75 -5.31
N ARG B 737 1.20 6.77 -6.20
CA ARG B 737 1.62 6.99 -7.58
C ARG B 737 0.41 7.17 -8.50
N GLU B 738 0.64 7.76 -9.69
CA GLU B 738 -0.42 7.91 -10.70
C GLU B 738 -0.31 6.73 -11.68
N VAL B 739 -1.47 6.24 -12.14
CA VAL B 739 -1.59 5.18 -13.14
C VAL B 739 -0.93 5.63 -14.48
N GLN B 740 -0.05 4.80 -15.05
CA GLN B 740 0.63 5.10 -16.30
C GLN B 740 -0.17 4.55 -17.49
N LEU B 741 -0.88 5.43 -18.18
CA LEU B 741 -1.74 5.07 -19.32
C LEU B 741 -0.91 4.63 -20.55
N PRO B 742 -1.41 3.64 -21.35
CA PRO B 742 -0.61 3.18 -22.50
C PRO B 742 -0.70 4.14 -23.66
N ASP B 743 0.37 4.19 -24.48
CA ASP B 743 0.44 4.99 -25.70
C ASP B 743 -0.71 4.59 -26.63
N ARG B 744 -1.42 5.60 -27.17
CA ARG B 744 -2.57 5.46 -28.10
C ARG B 744 -3.86 4.87 -27.47
N GLY B 745 -3.89 4.77 -26.15
CA GLY B 745 -5.05 4.24 -25.45
C GLY B 745 -6.11 5.28 -25.12
N TRP B 746 -7.38 4.86 -25.14
CA TRP B 746 -8.54 5.66 -24.75
C TRP B 746 -9.46 4.82 -23.90
N PHE B 747 -9.60 5.23 -22.64
CA PHE B 747 -10.43 4.57 -21.65
C PHE B 747 -11.56 5.47 -21.27
N VAL B 748 -12.73 4.89 -21.09
CA VAL B 748 -13.91 5.62 -20.66
C VAL B 748 -14.52 4.93 -19.43
N TYR B 749 -14.84 5.73 -18.41
CA TYR B 749 -15.55 5.24 -17.24
C TYR B 749 -16.89 5.94 -17.21
N GLN B 750 -17.97 5.15 -17.24
CA GLN B 750 -19.31 5.72 -17.27
C GLN B 750 -20.14 5.46 -16.04
N GLN B 751 -20.81 6.51 -15.55
CA GLN B 751 -21.72 6.49 -14.41
C GLN B 751 -22.92 7.38 -14.70
N ARG B 752 -23.89 7.39 -13.79
CA ARG B 752 -25.10 8.22 -13.91
C ARG B 752 -25.34 9.02 -12.64
N ASN B 753 -25.73 10.31 -12.80
CA ASN B 753 -26.15 11.17 -11.69
C ASN B 753 -27.69 10.98 -11.61
N GLU B 754 -28.18 10.50 -10.46
CA GLU B 754 -29.59 10.16 -10.21
C GLU B 754 -30.49 11.35 -9.83
N VAL B 755 -29.88 12.54 -9.65
CA VAL B 755 -30.55 13.76 -9.17
C VAL B 755 -30.69 14.83 -10.26
N HIS B 756 -29.58 15.20 -10.91
CA HIS B 756 -29.56 16.23 -11.93
C HIS B 756 -29.79 15.66 -13.32
N ASN B 757 -30.54 16.39 -14.17
CA ASN B 757 -30.80 15.99 -15.55
C ASN B 757 -29.88 16.79 -16.49
N ASN B 758 -28.58 16.74 -16.18
CA ASN B 758 -27.46 17.34 -16.91
C ASN B 758 -26.34 16.30 -16.93
N SER B 759 -25.52 16.32 -17.97
CA SER B 759 -24.37 15.44 -18.11
C SER B 759 -23.13 16.12 -17.56
N GLY B 760 -22.19 15.31 -17.11
CA GLY B 760 -20.90 15.75 -16.61
C GLY B 760 -19.79 14.96 -17.28
N ILE B 761 -18.67 15.62 -17.55
CA ILE B 761 -17.54 14.98 -18.23
C ILE B 761 -16.21 15.58 -17.79
N GLU B 762 -15.19 14.73 -17.68
CA GLU B 762 -13.81 15.13 -17.50
C GLU B 762 -13.00 14.34 -18.51
N ILE B 763 -12.24 15.04 -19.34
CA ILE B 763 -11.35 14.44 -20.33
C ILE B 763 -9.93 14.76 -19.89
N TYR B 764 -9.09 13.74 -19.76
CA TYR B 764 -7.72 13.90 -19.33
C TYR B 764 -6.75 13.30 -20.34
N TYR B 765 -5.87 14.15 -20.89
CA TYR B 765 -4.82 13.77 -21.81
C TYR B 765 -3.57 13.79 -20.95
N GLN B 766 -3.17 12.63 -20.44
CA GLN B 766 -2.00 12.47 -19.60
C GLN B 766 -0.76 12.69 -20.46
N THR B 767 0.17 13.53 -19.98
CA THR B 767 1.37 13.77 -20.76
C THR B 767 2.53 12.99 -20.17
N ASP B 768 3.26 13.59 -19.24
CA ASP B 768 4.41 12.93 -18.61
C ASP B 768 4.62 13.45 -17.20
N MET B 769 5.69 12.97 -16.56
CA MET B 769 6.17 13.38 -15.27
C MET B 769 6.54 14.87 -15.36
N GLN B 770 6.30 15.61 -14.30
CA GLN B 770 6.63 17.03 -14.22
C GLN B 770 8.17 17.22 -14.31
N SER B 771 8.56 18.24 -15.09
CA SER B 771 9.94 18.69 -15.31
C SER B 771 9.82 20.12 -15.83
N THR B 772 10.91 20.91 -15.80
CA THR B 772 10.91 22.29 -16.28
C THR B 772 10.30 22.44 -17.69
N SER B 773 10.74 21.62 -18.64
CA SER B 773 10.31 21.61 -20.03
C SER B 773 8.87 21.17 -20.21
N GLU B 774 8.51 20.01 -19.63
CA GLU B 774 7.17 19.41 -19.72
C GLU B 774 6.11 20.36 -19.16
N ASN B 775 6.40 21.01 -18.01
CA ASN B 775 5.50 21.96 -17.37
C ASN B 775 5.23 23.14 -18.28
N MET B 776 6.28 23.68 -18.90
CA MET B 776 6.15 24.84 -19.78
C MET B 776 5.50 24.56 -21.12
N PHE B 777 5.72 23.37 -21.71
CA PHE B 777 5.05 22.97 -22.96
C PHE B 777 3.54 22.95 -22.73
N LEU B 778 3.11 22.24 -21.67
CA LEU B 778 1.70 22.08 -21.26
C LEU B 778 1.09 23.42 -20.86
N GLU B 779 1.81 24.24 -20.05
CA GLU B 779 1.31 25.54 -19.60
C GLU B 779 1.13 26.55 -20.73
N LEU B 780 2.06 26.57 -21.70
CA LEU B 780 1.95 27.47 -22.86
C LEU B 780 0.80 27.02 -23.77
N PHE B 781 0.67 25.69 -24.02
CA PHE B 781 -0.46 25.17 -24.80
C PHE B 781 -1.78 25.56 -24.10
N ALA B 782 -1.87 25.37 -22.76
CA ALA B 782 -3.05 25.74 -21.97
C ALA B 782 -3.35 27.24 -22.09
N GLN B 783 -2.30 28.12 -22.02
CA GLN B 783 -2.41 29.58 -22.17
C GLN B 783 -3.07 29.93 -23.52
N ILE B 784 -2.51 29.39 -24.63
CA ILE B 784 -3.00 29.58 -26.01
C ILE B 784 -4.47 29.18 -26.19
N ILE B 785 -4.87 28.01 -25.68
CA ILE B 785 -6.22 27.46 -25.85
C ILE B 785 -7.28 27.99 -24.91
N SER B 786 -6.86 28.59 -23.78
CA SER B 786 -7.76 29.06 -22.72
C SER B 786 -8.97 29.89 -23.16
N GLU B 787 -8.75 31.10 -23.69
CA GLU B 787 -9.80 31.99 -24.16
C GLU B 787 -10.57 31.34 -25.33
N PRO B 788 -9.92 30.83 -26.41
CA PRO B 788 -10.68 30.17 -27.48
C PRO B 788 -11.63 29.07 -27.00
N ALA B 789 -11.22 28.25 -25.99
CA ALA B 789 -12.04 27.17 -25.44
C ALA B 789 -13.35 27.68 -24.88
N PHE B 790 -13.28 28.83 -24.17
CA PHE B 790 -14.45 29.49 -23.60
C PHE B 790 -15.34 30.09 -24.72
N ASN B 791 -14.74 30.82 -25.68
CA ASN B 791 -15.44 31.44 -26.79
C ASN B 791 -16.05 30.42 -27.77
N THR B 792 -15.37 29.28 -28.03
CA THR B 792 -15.88 28.24 -28.93
C THR B 792 -16.91 27.34 -28.28
N LEU B 793 -16.48 26.58 -27.25
CA LEU B 793 -17.32 25.60 -26.55
C LEU B 793 -18.47 26.19 -25.76
N ARG B 794 -18.22 27.26 -24.98
CA ARG B 794 -19.27 27.88 -24.18
C ARG B 794 -20.10 28.89 -24.98
N THR B 795 -19.48 30.00 -25.42
CA THR B 795 -20.09 31.12 -26.13
C THR B 795 -20.75 30.79 -27.47
N LYS B 796 -19.99 30.25 -28.40
CA LYS B 796 -20.52 29.92 -29.72
C LYS B 796 -21.41 28.69 -29.74
N GLU B 797 -20.85 27.49 -29.45
CA GLU B 797 -21.54 26.20 -29.51
C GLU B 797 -22.64 25.99 -28.47
N GLN B 798 -22.63 26.80 -27.39
CA GLN B 798 -23.58 26.74 -26.27
C GLN B 798 -23.60 25.36 -25.60
N LEU B 799 -22.40 24.73 -25.46
CA LEU B 799 -22.28 23.39 -24.88
C LEU B 799 -22.85 23.27 -23.49
N GLY B 800 -22.46 24.18 -22.59
CA GLY B 800 -22.98 24.15 -21.24
C GLY B 800 -22.62 25.34 -20.39
N TYR B 801 -23.13 25.35 -19.16
CA TYR B 801 -22.90 26.38 -18.17
C TYR B 801 -21.46 26.27 -17.64
N ILE B 802 -20.92 25.04 -17.65
CA ILE B 802 -19.56 24.74 -17.21
C ILE B 802 -18.74 24.26 -18.40
N VAL B 803 -17.66 25.02 -18.71
CA VAL B 803 -16.68 24.74 -19.74
C VAL B 803 -15.33 25.14 -19.13
N PHE B 804 -14.45 24.17 -18.91
CA PHE B 804 -13.16 24.42 -18.30
C PHE B 804 -12.05 23.68 -19.03
N SER B 805 -10.88 24.33 -19.16
CA SER B 805 -9.68 23.71 -19.70
C SER B 805 -8.46 24.20 -18.91
N GLY B 806 -7.46 23.33 -18.76
CA GLY B 806 -6.24 23.68 -18.06
C GLY B 806 -5.35 22.51 -17.70
N PRO B 807 -4.15 22.79 -17.17
CA PRO B 807 -3.26 21.69 -16.74
C PRO B 807 -3.84 20.96 -15.53
N ARG B 808 -3.63 19.64 -15.47
CA ARG B 808 -4.07 18.77 -14.40
C ARG B 808 -2.80 18.21 -13.79
N ARG B 809 -2.58 18.43 -12.48
CA ARG B 809 -1.40 17.99 -11.76
C ARG B 809 -1.79 17.12 -10.58
N ALA B 810 -1.26 15.89 -10.53
CA ALA B 810 -1.49 14.94 -9.45
C ALA B 810 -0.35 13.95 -9.34
N ASN B 811 0.16 13.77 -8.13
CA ASN B 811 1.19 12.77 -7.78
C ASN B 811 2.44 12.81 -8.65
N GLY B 812 2.88 14.03 -8.97
CA GLY B 812 4.08 14.28 -9.78
C GLY B 812 3.89 14.22 -11.29
N ILE B 813 2.69 13.83 -11.72
CA ILE B 813 2.31 13.67 -13.13
C ILE B 813 1.39 14.81 -13.55
N GLN B 814 1.27 15.02 -14.88
CA GLN B 814 0.46 16.08 -15.44
C GLN B 814 -0.16 15.74 -16.79
N GLY B 815 -1.07 16.61 -17.21
CA GLY B 815 -1.73 16.51 -18.49
C GLY B 815 -2.69 17.65 -18.72
N LEU B 816 -3.39 17.59 -19.86
CA LEU B 816 -4.40 18.55 -20.23
C LEU B 816 -5.76 17.99 -19.87
N ARG B 817 -6.59 18.82 -19.25
CA ARG B 817 -7.95 18.42 -18.87
C ARG B 817 -9.02 19.37 -19.46
N PHE B 818 -10.22 18.82 -19.67
CA PHE B 818 -11.43 19.53 -20.08
C PHE B 818 -12.51 19.06 -19.12
N ILE B 819 -13.24 20.00 -18.51
CA ILE B 819 -14.38 19.70 -17.64
C ILE B 819 -15.58 20.45 -18.21
N ILE B 820 -16.65 19.72 -18.55
CA ILE B 820 -17.87 20.29 -19.14
C ILE B 820 -19.10 19.67 -18.50
N GLN B 821 -20.09 20.50 -18.23
CA GLN B 821 -21.40 20.11 -17.74
C GLN B 821 -22.39 20.63 -18.78
N SER B 822 -23.20 19.75 -19.35
CA SER B 822 -24.10 20.04 -20.46
C SER B 822 -25.40 19.24 -20.37
N GLU B 823 -26.41 19.65 -21.16
CA GLU B 823 -27.67 18.91 -21.29
C GLU B 823 -27.48 17.84 -22.38
N LYS B 824 -26.41 17.98 -23.19
CA LYS B 824 -26.05 17.12 -24.32
C LYS B 824 -25.26 15.88 -23.89
N PRO B 825 -25.43 14.71 -24.56
CA PRO B 825 -24.70 13.49 -24.15
C PRO B 825 -23.16 13.60 -24.12
N PRO B 826 -22.50 12.87 -23.19
CA PRO B 826 -21.03 12.94 -23.10
C PRO B 826 -20.29 12.59 -24.39
N HIS B 827 -20.80 11.64 -25.20
CA HIS B 827 -20.13 11.33 -26.45
C HIS B 827 -20.19 12.46 -27.49
N TYR B 828 -21.19 13.33 -27.36
CA TYR B 828 -21.28 14.52 -28.21
C TYR B 828 -20.23 15.58 -27.77
N LEU B 829 -20.09 15.79 -26.44
CA LEU B 829 -19.09 16.73 -25.89
C LEU B 829 -17.69 16.31 -26.30
N GLU B 830 -17.45 14.98 -26.36
CA GLU B 830 -16.20 14.37 -26.79
C GLU B 830 -15.81 14.82 -28.19
N SER B 831 -16.75 14.70 -29.15
CA SER B 831 -16.53 15.10 -30.56
C SER B 831 -16.26 16.58 -30.71
N ARG B 832 -16.97 17.40 -29.93
CA ARG B 832 -16.81 18.86 -29.96
C ARG B 832 -15.46 19.33 -29.43
N VAL B 833 -14.91 18.65 -28.39
CA VAL B 833 -13.60 18.97 -27.81
C VAL B 833 -12.52 18.61 -28.82
N GLU B 834 -12.67 17.43 -29.44
CA GLU B 834 -11.72 16.93 -30.44
C GLU B 834 -11.66 17.82 -31.71
N ALA B 835 -12.82 18.37 -32.14
CA ALA B 835 -12.92 19.31 -33.27
C ALA B 835 -12.20 20.61 -32.86
N PHE B 836 -12.43 21.04 -31.61
CA PHE B 836 -11.78 22.23 -31.05
C PHE B 836 -10.25 22.10 -31.06
N LEU B 837 -9.70 20.93 -30.70
CA LEU B 837 -8.24 20.68 -30.68
C LEU B 837 -7.61 20.82 -32.07
N ILE B 838 -8.37 20.44 -33.13
CA ILE B 838 -7.94 20.58 -34.52
C ILE B 838 -7.90 22.08 -34.88
N THR B 839 -8.96 22.82 -34.53
CA THR B 839 -9.06 24.27 -34.71
C THR B 839 -7.88 24.97 -34.03
N MET B 840 -7.43 24.42 -32.88
CA MET B 840 -6.29 24.95 -32.14
C MET B 840 -4.96 24.62 -32.76
N GLU B 841 -4.85 23.41 -33.36
CA GLU B 841 -3.66 22.94 -34.09
C GLU B 841 -3.45 23.90 -35.25
N LYS B 842 -4.55 24.20 -35.98
CA LYS B 842 -4.65 25.13 -37.10
C LYS B 842 -4.21 26.52 -36.63
N SER B 843 -4.85 27.02 -35.56
CA SER B 843 -4.61 28.34 -34.94
C SER B 843 -3.16 28.59 -34.58
N ILE B 844 -2.41 27.57 -34.10
CA ILE B 844 -0.99 27.73 -33.74
C ILE B 844 -0.13 27.82 -35.01
N GLU B 845 -0.44 27.00 -36.04
CA GLU B 845 0.27 27.01 -37.34
C GLU B 845 0.16 28.39 -37.97
N ASP B 846 -1.07 28.97 -37.91
CA ASP B 846 -1.44 30.25 -38.49
C ASP B 846 -0.97 31.49 -37.73
N MET B 847 -0.97 31.48 -36.37
CA MET B 847 -0.61 32.66 -35.58
C MET B 847 0.74 33.30 -35.87
N THR B 848 0.77 34.64 -35.83
CA THR B 848 1.99 35.43 -36.04
C THR B 848 2.94 35.22 -34.86
N GLU B 849 4.25 35.45 -35.07
CA GLU B 849 5.25 35.37 -34.00
C GLU B 849 4.92 36.40 -32.91
N GLU B 850 4.39 37.57 -33.31
CA GLU B 850 3.97 38.66 -32.41
C GLU B 850 2.83 38.17 -31.47
N ALA B 851 1.83 37.45 -32.03
CA ALA B 851 0.67 36.90 -31.30
C ALA B 851 1.12 35.77 -30.34
N PHE B 852 2.08 34.96 -30.79
CA PHE B 852 2.69 33.88 -30.04
C PHE B 852 3.47 34.42 -28.84
N GLN B 853 4.27 35.48 -29.08
CA GLN B 853 5.09 36.11 -28.04
C GLN B 853 4.24 36.83 -27.01
N LYS B 854 3.01 37.23 -27.40
CA LYS B 854 2.02 37.85 -26.51
C LYS B 854 1.48 36.76 -25.53
N HIS B 855 1.38 35.48 -26.01
CA HIS B 855 0.96 34.35 -25.17
C HIS B 855 2.04 34.05 -24.13
N ILE B 856 3.33 33.99 -24.57
CA ILE B 856 4.50 33.79 -23.70
C ILE B 856 4.51 34.87 -22.60
N GLN B 857 4.31 36.14 -23.02
CA GLN B 857 4.26 37.32 -22.16
C GLN B 857 3.11 37.31 -21.16
N ALA B 858 1.90 36.88 -21.60
CA ALA B 858 0.73 36.77 -20.74
C ALA B 858 0.97 35.71 -19.66
N LEU B 859 1.51 34.53 -20.05
CA LEU B 859 1.82 33.44 -19.12
C LEU B 859 2.89 33.84 -18.11
N ALA B 860 4.00 34.47 -18.58
CA ALA B 860 5.12 34.93 -17.76
C ALA B 860 4.67 35.91 -16.66
N ILE B 861 3.80 36.88 -17.01
CA ILE B 861 3.24 37.87 -16.08
C ILE B 861 2.41 37.19 -14.98
N ARG B 862 1.53 36.24 -15.37
CA ARG B 862 0.70 35.47 -14.45
C ARG B 862 1.56 34.67 -13.47
N ARG B 863 2.61 34.01 -13.99
CA ARG B 863 3.51 33.20 -13.19
C ARG B 863 4.33 34.02 -12.20
N LEU B 864 4.74 35.25 -12.60
CA LEU B 864 5.53 36.15 -11.76
C LEU B 864 4.70 37.09 -10.87
N ASP B 865 3.36 37.02 -11.02
CA ASP B 865 2.41 37.77 -10.22
C ASP B 865 2.74 37.59 -8.72
N LYS B 866 3.06 38.71 -8.05
CA LYS B 866 3.42 38.73 -6.64
C LYS B 866 2.20 38.40 -5.76
N PRO B 867 2.35 37.56 -4.70
CA PRO B 867 1.22 37.34 -3.78
C PRO B 867 0.91 38.67 -3.06
N LYS B 868 -0.39 38.98 -2.88
CA LYS B 868 -0.83 40.25 -2.30
C LYS B 868 -1.22 40.24 -0.80
N LYS B 869 -1.22 39.04 -0.21
CA LYS B 869 -1.45 38.77 1.23
C LYS B 869 -0.58 37.57 1.66
N LEU B 870 -0.30 37.44 2.98
CA LEU B 870 0.55 36.39 3.56
C LEU B 870 0.06 34.97 3.24
N SER B 871 -1.27 34.74 3.33
CA SER B 871 -1.91 33.43 3.08
CA SER B 871 -1.88 33.42 3.09
C SER B 871 -1.68 32.95 1.65
N ALA B 872 -1.66 33.89 0.69
CA ALA B 872 -1.46 33.58 -0.73
C ALA B 872 -0.02 33.15 -0.97
N GLU B 873 0.94 33.73 -0.20
CA GLU B 873 2.36 33.39 -0.25
C GLU B 873 2.62 32.01 0.38
N SER B 874 2.07 31.78 1.57
CA SER B 874 2.16 30.53 2.32
C SER B 874 1.61 29.38 1.48
N ALA B 875 0.44 29.59 0.81
CA ALA B 875 -0.24 28.59 -0.02
C ALA B 875 0.66 28.12 -1.16
N LYS B 876 1.41 29.06 -1.77
CA LYS B 876 2.38 28.79 -2.83
C LYS B 876 3.51 27.92 -2.26
N TYR B 877 4.04 28.25 -1.07
CA TYR B 877 5.11 27.46 -0.42
C TYR B 877 4.62 26.08 0.00
N TRP B 878 3.38 26.00 0.50
CA TRP B 878 2.74 24.76 0.94
C TRP B 878 2.53 23.78 -0.23
N GLY B 879 2.23 24.31 -1.42
CA GLY B 879 2.08 23.53 -2.65
C GLY B 879 3.35 22.78 -3.00
N GLU B 880 4.51 23.42 -2.79
CA GLU B 880 5.85 22.86 -3.01
C GLU B 880 6.19 21.80 -1.98
N ILE B 881 5.69 21.99 -0.75
CA ILE B 881 5.89 21.08 0.36
C ILE B 881 5.02 19.82 0.21
N ILE B 882 3.70 19.98 0.01
CA ILE B 882 2.77 18.84 -0.15
C ILE B 882 3.01 17.99 -1.40
N SER B 883 3.77 18.50 -2.38
CA SER B 883 4.10 17.74 -3.60
C SER B 883 5.50 17.11 -3.47
N GLN B 884 6.25 17.49 -2.40
CA GLN B 884 7.62 17.08 -2.09
C GLN B 884 8.61 17.46 -3.21
N GLN B 885 8.35 18.56 -3.90
CA GLN B 885 9.25 19.04 -4.95
C GLN B 885 10.16 20.13 -4.41
N TYR B 886 9.69 20.91 -3.39
CA TYR B 886 10.44 21.96 -2.68
C TYR B 886 11.16 22.98 -3.59
N ASN B 887 10.58 23.26 -4.77
CA ASN B 887 11.15 24.18 -5.75
C ASN B 887 10.59 25.60 -5.56
N PHE B 888 10.98 26.25 -4.46
CA PHE B 888 10.49 27.58 -4.10
C PHE B 888 10.82 28.70 -5.10
N ASP B 889 11.87 28.54 -5.91
CA ASP B 889 12.31 29.50 -6.93
C ASP B 889 11.84 29.10 -8.35
N ARG B 890 10.82 28.24 -8.41
CA ARG B 890 10.23 27.70 -9.65
C ARG B 890 9.83 28.79 -10.68
N ASP B 891 9.02 29.78 -10.25
CA ASP B 891 8.53 30.86 -11.12
C ASP B 891 9.61 31.50 -11.98
N ASN B 892 10.73 31.97 -11.37
CA ASN B 892 11.86 32.56 -12.11
C ASN B 892 12.47 31.59 -13.14
N THR B 893 12.87 30.39 -12.69
CA THR B 893 13.47 29.34 -13.52
C THR B 893 12.57 28.89 -14.68
N GLU B 894 11.27 28.67 -14.39
CA GLU B 894 10.29 28.26 -15.40
C GLU B 894 9.96 29.34 -16.42
N VAL B 895 9.86 30.62 -15.98
CA VAL B 895 9.61 31.77 -16.88
C VAL B 895 10.79 31.94 -17.86
N ALA B 896 12.02 31.83 -17.33
CA ALA B 896 13.27 31.92 -18.10
C ALA B 896 13.29 30.88 -19.23
N TYR B 897 12.84 29.64 -18.93
CA TYR B 897 12.76 28.57 -19.91
C TYR B 897 11.66 28.85 -20.93
N LEU B 898 10.47 29.25 -20.44
CA LEU B 898 9.31 29.58 -21.25
C LEU B 898 9.64 30.55 -22.42
N LYS B 899 10.40 31.61 -22.10
CA LYS B 899 10.81 32.65 -23.05
C LYS B 899 11.67 32.12 -24.22
N THR B 900 12.37 30.97 -24.00
CA THR B 900 13.20 30.32 -25.02
C THR B 900 12.35 29.47 -26.00
N LEU B 901 11.08 29.18 -25.64
CA LEU B 901 10.19 28.34 -26.44
C LEU B 901 9.77 28.90 -27.77
N THR B 902 9.69 28.02 -28.79
CA THR B 902 9.30 28.39 -30.15
C THR B 902 7.92 27.82 -30.46
N LYS B 903 7.26 28.39 -31.48
CA LYS B 903 5.96 27.97 -31.99
C LYS B 903 6.07 26.52 -32.46
N GLU B 904 7.24 26.16 -33.04
CA GLU B 904 7.59 24.84 -33.54
C GLU B 904 7.62 23.82 -32.39
N ASP B 905 8.22 24.19 -31.23
CA ASP B 905 8.31 23.37 -30.02
C ASP B 905 6.92 22.94 -29.53
N ILE B 906 5.94 23.87 -29.57
CA ILE B 906 4.56 23.64 -29.17
C ILE B 906 3.83 22.73 -30.17
N ILE B 907 4.10 22.91 -31.47
CA ILE B 907 3.53 22.10 -32.55
C ILE B 907 4.03 20.66 -32.41
N LYS B 908 5.36 20.47 -32.18
CA LYS B 908 6.01 19.17 -31.97
C LYS B 908 5.37 18.44 -30.79
N PHE B 909 5.25 19.14 -29.63
CA PHE B 909 4.69 18.62 -28.37
C PHE B 909 3.26 18.16 -28.57
N TYR B 910 2.42 19.02 -29.18
CA TYR B 910 1.02 18.72 -29.48
C TYR B 910 0.93 17.48 -30.39
N LYS B 911 1.84 17.38 -31.37
CA LYS B 911 1.89 16.29 -32.36
C LYS B 911 2.31 14.96 -31.74
N GLU B 912 3.17 14.99 -30.71
CA GLU B 912 3.62 13.77 -30.04
C GLU B 912 2.68 13.31 -28.92
N MET B 913 2.09 14.27 -28.15
CA MET B 913 1.29 14.02 -26.96
C MET B 913 -0.23 14.18 -27.03
N LEU B 914 -0.73 15.18 -27.76
CA LEU B 914 -2.15 15.53 -27.73
C LEU B 914 -3.00 15.27 -28.95
N ALA B 915 -2.43 15.37 -30.18
CA ALA B 915 -3.16 15.17 -31.45
C ALA B 915 -3.86 13.83 -31.49
N VAL B 916 -5.05 13.79 -32.10
CA VAL B 916 -5.86 12.58 -32.26
C VAL B 916 -5.04 11.36 -32.80
N ASP B 917 -3.99 11.63 -33.61
CA ASP B 917 -3.12 10.61 -34.20
C ASP B 917 -1.71 10.54 -33.55
N ALA B 918 -1.51 11.25 -32.42
CA ALA B 918 -0.24 11.29 -31.69
C ALA B 918 0.23 9.88 -31.25
N PRO B 919 1.54 9.56 -31.40
CA PRO B 919 2.01 8.22 -31.00
C PRO B 919 1.97 7.99 -29.48
N ARG B 920 1.99 9.08 -28.67
CA ARG B 920 1.99 9.03 -27.21
C ARG B 920 0.74 9.69 -26.60
N ARG B 921 -0.43 9.48 -27.24
CA ARG B 921 -1.69 9.98 -26.73
C ARG B 921 -2.17 9.04 -25.62
N HIS B 922 -2.44 9.59 -24.42
CA HIS B 922 -2.90 8.86 -23.26
C HIS B 922 -4.18 9.55 -22.81
N LYS B 923 -5.34 9.08 -23.31
CA LYS B 923 -6.63 9.68 -23.04
C LYS B 923 -7.47 8.84 -22.10
N VAL B 924 -8.05 9.48 -21.07
CA VAL B 924 -8.95 8.87 -20.11
C VAL B 924 -10.14 9.83 -19.89
N SER B 925 -11.36 9.31 -20.11
CA SER B 925 -12.59 10.09 -19.96
C SER B 925 -13.52 9.54 -18.93
N VAL B 926 -14.13 10.42 -18.16
CA VAL B 926 -15.17 10.04 -17.22
C VAL B 926 -16.44 10.66 -17.74
N HIS B 927 -17.46 9.83 -17.98
CA HIS B 927 -18.77 10.24 -18.49
C HIS B 927 -19.83 10.04 -17.42
N VAL B 928 -20.41 11.16 -16.95
CA VAL B 928 -21.49 11.09 -15.95
C VAL B 928 -22.79 11.49 -16.66
N LEU B 929 -23.67 10.50 -16.86
CA LEU B 929 -24.96 10.66 -17.54
C LEU B 929 -25.97 11.46 -16.75
N ALA B 930 -26.90 12.13 -17.45
CA ALA B 930 -28.00 12.87 -16.86
C ALA B 930 -29.03 11.87 -16.34
N ARG B 931 -29.84 12.28 -15.35
CA ARG B 931 -30.88 11.47 -14.71
C ARG B 931 -31.78 10.69 -15.71
N GLU B 932 -32.27 11.37 -16.77
CA GLU B 932 -33.18 10.82 -17.80
C GLU B 932 -32.47 10.40 -19.13
N MET B 933 -31.13 10.48 -19.14
CA MET B 933 -30.26 10.12 -20.27
C MET B 933 -30.10 8.60 -20.41
N ASP B 934 -29.93 8.10 -21.63
CA ASP B 934 -29.72 6.66 -21.84
C ASP B 934 -28.56 6.34 -22.78
N SER B 935 -27.54 5.60 -22.27
CA SER B 935 -26.35 5.17 -23.00
C SER B 935 -25.98 3.74 -22.61
N ASP B 947 -23.75 19.07 -40.71
CA ASP B 947 -22.75 20.14 -40.83
C ASP B 947 -23.04 21.32 -39.89
N ILE B 948 -24.17 22.05 -40.14
CA ILE B 948 -24.66 23.22 -39.38
C ILE B 948 -23.61 24.37 -39.27
N ASN B 949 -22.61 24.38 -40.20
CA ASN B 949 -21.48 25.32 -40.27
C ASN B 949 -20.52 25.22 -39.05
N LEU B 950 -20.58 24.07 -38.31
CA LEU B 950 -19.75 23.76 -37.14
C LEU B 950 -18.43 23.14 -37.59
N SER B 951 -17.38 23.28 -36.75
CA SER B 951 -16.06 22.70 -36.98
C SER B 951 -16.18 21.18 -37.17
N GLN B 952 -15.38 20.61 -38.08
CA GLN B 952 -15.40 19.18 -38.36
C GLN B 952 -14.73 18.36 -37.26
N ALA B 953 -15.52 17.49 -36.60
CA ALA B 953 -15.01 16.58 -35.56
C ALA B 953 -14.23 15.44 -36.23
N PRO B 954 -13.02 15.07 -35.70
CA PRO B 954 -12.27 13.97 -36.34
C PRO B 954 -12.89 12.59 -36.09
N ALA B 955 -12.30 11.57 -36.74
CA ALA B 955 -12.71 10.18 -36.57
C ALA B 955 -12.15 9.71 -35.22
N LEU B 956 -13.03 9.26 -34.32
CA LEU B 956 -12.61 8.82 -32.99
C LEU B 956 -12.64 7.31 -32.81
N PRO B 957 -11.58 6.74 -32.17
CA PRO B 957 -11.55 5.28 -31.97
C PRO B 957 -12.61 4.78 -30.97
N GLN B 958 -12.80 3.47 -30.91
CA GLN B 958 -13.73 2.86 -29.96
C GLN B 958 -13.02 2.86 -28.59
N PRO B 959 -13.64 3.43 -27.53
CA PRO B 959 -12.94 3.48 -26.25
C PRO B 959 -13.02 2.16 -25.51
N GLU B 960 -12.07 1.91 -24.63
CA GLU B 960 -12.11 0.72 -23.79
C GLU B 960 -12.95 1.13 -22.59
N VAL B 961 -14.05 0.42 -22.36
CA VAL B 961 -14.92 0.77 -21.24
C VAL B 961 -14.42 0.12 -19.95
N ILE B 962 -14.17 0.95 -18.93
CA ILE B 962 -13.70 0.47 -17.61
C ILE B 962 -14.92 -0.03 -16.86
N GLN B 963 -14.92 -1.31 -16.50
CA GLN B 963 -16.01 -1.94 -15.75
C GLN B 963 -15.66 -2.07 -14.27
N ASN B 964 -14.40 -2.41 -14.00
CA ASN B 964 -13.83 -2.63 -12.69
C ASN B 964 -12.57 -1.76 -12.55
N MET B 965 -12.58 -0.82 -11.59
CA MET B 965 -11.48 0.12 -11.35
C MET B 965 -10.19 -0.61 -10.91
N THR B 966 -10.35 -1.67 -10.11
CA THR B 966 -9.27 -2.49 -9.58
C THR B 966 -8.53 -3.21 -10.69
N GLU B 967 -9.28 -3.90 -11.58
CA GLU B 967 -8.72 -4.60 -12.74
C GLU B 967 -7.96 -3.64 -13.68
N PHE B 968 -8.51 -2.42 -13.89
CA PHE B 968 -7.94 -1.35 -14.69
C PHE B 968 -6.56 -0.95 -14.16
N LYS B 969 -6.45 -0.66 -12.87
CA LYS B 969 -5.22 -0.30 -12.18
C LYS B 969 -4.20 -1.45 -12.19
N ARG B 970 -4.64 -2.70 -11.89
CA ARG B 970 -3.77 -3.87 -11.86
C ARG B 970 -3.09 -4.15 -13.22
N GLY B 971 -3.80 -3.87 -14.29
CA GLY B 971 -3.30 -4.13 -15.63
C GLY B 971 -2.42 -3.06 -16.21
N LEU B 972 -2.12 -2.01 -15.42
CA LEU B 972 -1.29 -0.92 -15.91
C LEU B 972 -0.06 -0.66 -15.03
N PRO B 973 1.03 -0.07 -15.56
CA PRO B 973 2.15 0.26 -14.70
C PRO B 973 1.88 1.52 -13.86
N LEU B 974 2.74 1.76 -12.87
CA LEU B 974 2.59 2.94 -12.03
C LEU B 974 3.80 3.80 -12.30
N PHE B 975 3.58 5.10 -12.40
CA PHE B 975 4.65 6.03 -12.64
C PHE B 975 5.63 6.11 -11.45
N PRO B 976 6.89 6.59 -11.64
CA PRO B 976 7.75 6.89 -10.47
C PRO B 976 7.19 8.12 -9.75
N LEU B 977 7.79 8.50 -8.61
CA LEU B 977 7.43 9.74 -7.91
C LEU B 977 8.53 10.78 -8.21
N VAL B 978 8.17 12.09 -8.31
CA VAL B 978 9.10 13.19 -8.66
C VAL B 978 10.23 13.35 -7.65
N LYS B 979 11.49 13.46 -8.15
CA LYS B 979 12.68 13.70 -7.33
C LYS B 979 12.63 15.11 -6.72
N PRO B 980 12.82 15.28 -5.38
CA PRO B 980 12.77 16.64 -4.80
C PRO B 980 13.93 17.56 -5.19
N HIS B 981 13.73 18.88 -5.05
CA HIS B 981 14.75 19.90 -5.33
C HIS B 981 15.74 19.94 -4.15
N ILE B 982 15.19 19.89 -2.90
CA ILE B 982 15.94 19.88 -1.64
C ILE B 982 15.91 18.47 -1.03
#